data_1UMF
#
_entry.id   1UMF
#
_cell.length_a   146.478
_cell.length_b   146.478
_cell.length_c   132.064
_cell.angle_alpha   90.00
_cell.angle_beta   90.00
_cell.angle_gamma   90.00
#
_symmetry.space_group_name_H-M   'I 4'
#
loop_
_entity.id
_entity.type
_entity.pdbx_description
1 polymer 'Chorismate synthase'
2 water water
#
_entity_poly.entity_id   1
_entity_poly.type   'polypeptide(L)'
_entity_poly.pdbx_seq_one_letter_code
;MNTLGRFLRLTTFGESHGDVIGGVLDGMPSGIKIDYALLENEMKRRQGGRNVFITPRKEDDKVEITSGVFEDFSTGTPIG
FLIHNQRARSKDYDNIKNLFRPSHADFTYFHKYGIRDFRGGGRSSARESAIRVAAGAFAKMLLREIGIVCESGIIEIGGI
KAKNYDFNHALKSEIFALDEEQEEAQKTAIQNAIKNHDSIGGVALIRARSIKTNQKLPIGLGQGLYAKLDAKIAEAMMGL
NGVKAVEIGKGVESSLLKGSEYNDLMDQKGFLSNRSGGVLGGMSNGEEIIVRVHFKPTPSIFQPQRTIDINGNECECLLK
GRHDPCIAIRGSVVCESLLALVLADMVLLNLTSKIEYLKTIYNEN
;
_entity_poly.pdbx_strand_id   A,B,C,D
#
# COMPACT_ATOMS: atom_id res chain seq x y z
N MET A 1 -8.35 7.86 -3.75
CA MET A 1 -8.16 6.53 -3.08
C MET A 1 -9.52 6.03 -2.64
N ASN A 2 -9.95 4.92 -3.23
CA ASN A 2 -11.27 4.39 -2.91
C ASN A 2 -11.25 3.20 -1.95
N THR A 3 -10.11 3.02 -1.27
CA THR A 3 -9.95 1.91 -0.33
C THR A 3 -9.58 2.33 1.09
N LEU A 4 -10.33 1.81 2.05
CA LEU A 4 -10.11 2.06 3.47
C LEU A 4 -9.62 0.76 4.10
N GLY A 5 -8.54 0.84 4.89
CA GLY A 5 -8.00 -0.34 5.55
C GLY A 5 -6.68 -0.87 5.00
N ARG A 6 -5.95 -1.59 5.83
CA ARG A 6 -4.66 -2.16 5.42
C ARG A 6 -4.84 -3.64 5.07
N PHE A 7 -5.53 -4.40 5.91
CA PHE A 7 -5.75 -5.80 5.58
C PHE A 7 -7.24 -6.08 5.42
N LEU A 8 -8.07 -5.49 6.28
CA LEU A 8 -9.52 -5.64 6.15
C LEU A 8 -9.73 -4.41 5.27
N ARG A 9 -9.80 -4.64 3.96
CA ARG A 9 -9.92 -3.53 3.04
C ARG A 9 -11.27 -3.30 2.39
N LEU A 10 -11.86 -2.16 2.68
CA LEU A 10 -13.15 -1.80 2.10
C LEU A 10 -12.92 -0.94 0.86
N THR A 11 -13.43 -1.36 -0.29
CA THR A 11 -13.25 -0.56 -1.51
C THR A 11 -14.62 -0.19 -2.06
N THR A 12 -14.78 1.08 -2.44
CA THR A 12 -16.06 1.55 -2.92
C THR A 12 -16.11 1.90 -4.41
N PHE A 13 -17.32 1.84 -4.97
CA PHE A 13 -17.52 2.17 -6.37
C PHE A 13 -17.45 3.68 -6.51
N GLY A 14 -17.33 4.36 -5.38
CA GLY A 14 -17.21 5.80 -5.37
C GLY A 14 -18.48 6.58 -5.63
N GLU A 15 -18.34 7.89 -5.72
CA GLU A 15 -19.46 8.78 -5.96
C GLU A 15 -20.17 8.46 -7.27
N SER A 16 -21.47 8.26 -7.17
CA SER A 16 -22.29 7.94 -8.33
C SER A 16 -23.68 8.54 -8.18
N HIS A 17 -24.40 8.65 -9.30
CA HIS A 17 -25.74 9.19 -9.29
C HIS A 17 -26.71 8.23 -9.97
N GLY A 18 -26.40 6.95 -9.85
CA GLY A 18 -27.24 5.92 -10.43
C GLY A 18 -28.07 5.26 -9.35
N ASP A 19 -28.82 4.23 -9.72
CA ASP A 19 -29.67 3.53 -8.75
C ASP A 19 -28.93 2.44 -7.98
N VAL A 20 -27.67 2.19 -8.33
CA VAL A 20 -26.91 1.16 -7.65
C VAL A 20 -25.53 1.61 -7.18
N ILE A 21 -25.21 1.29 -5.93
CA ILE A 21 -23.91 1.61 -5.37
C ILE A 21 -23.33 0.31 -4.83
N GLY A 22 -22.05 0.07 -5.12
CA GLY A 22 -21.43 -1.15 -4.66
C GLY A 22 -20.19 -0.97 -3.81
N GLY A 23 -19.76 -2.08 -3.22
CA GLY A 23 -18.57 -2.05 -2.40
C GLY A 23 -18.09 -3.46 -2.17
N VAL A 24 -16.85 -3.59 -1.72
CA VAL A 24 -16.31 -4.91 -1.46
C VAL A 24 -15.41 -4.87 -0.23
N LEU A 25 -15.67 -5.80 0.68
CA LEU A 25 -14.90 -5.89 1.91
C LEU A 25 -14.03 -7.13 1.81
N ASP A 26 -12.72 -6.92 1.77
CA ASP A 26 -11.81 -8.04 1.68
C ASP A 26 -11.00 -8.17 2.96
N GLY A 27 -10.51 -9.37 3.24
CA GLY A 27 -9.73 -9.58 4.43
C GLY A 27 -10.52 -10.21 5.56
N MET A 28 -11.80 -10.47 5.33
CA MET A 28 -12.61 -11.09 6.37
C MET A 28 -12.14 -12.53 6.55
N PRO A 29 -11.85 -12.95 7.78
CA PRO A 29 -11.41 -14.32 7.98
C PRO A 29 -12.61 -15.22 7.63
N SER A 30 -12.35 -16.48 7.29
CA SER A 30 -13.45 -17.38 6.97
C SER A 30 -14.06 -17.96 8.24
N GLY A 31 -15.27 -18.51 8.10
CA GLY A 31 -15.93 -19.12 9.25
C GLY A 31 -16.73 -18.22 10.14
N ILE A 32 -16.88 -16.96 9.77
CA ILE A 32 -17.67 -16.03 10.56
C ILE A 32 -19.12 -16.10 10.09
N LYS A 33 -20.03 -16.39 11.00
CA LYS A 33 -21.44 -16.48 10.62
C LYS A 33 -21.97 -15.11 10.23
N ILE A 34 -22.68 -15.05 9.10
CA ILE A 34 -23.23 -13.79 8.64
C ILE A 34 -24.55 -13.45 9.33
N ASP A 35 -24.50 -12.47 10.20
CA ASP A 35 -25.67 -12.02 10.94
C ASP A 35 -26.51 -11.06 10.09
N TYR A 36 -27.46 -11.61 9.35
CA TYR A 36 -28.31 -10.78 8.49
C TYR A 36 -29.17 -9.80 9.26
N ALA A 37 -29.61 -10.19 10.46
CA ALA A 37 -30.43 -9.31 11.28
C ALA A 37 -29.61 -8.07 11.67
N LEU A 38 -28.37 -8.28 12.07
CA LEU A 38 -27.50 -7.17 12.46
C LEU A 38 -27.33 -6.21 11.28
N LEU A 39 -26.91 -6.76 10.15
CA LEU A 39 -26.71 -5.98 8.94
C LEU A 39 -27.94 -5.15 8.66
N GLU A 40 -29.08 -5.82 8.64
CA GLU A 40 -30.35 -5.14 8.37
C GLU A 40 -30.65 -4.04 9.37
N ASN A 41 -30.40 -4.31 10.65
CA ASN A 41 -30.67 -3.31 11.67
C ASN A 41 -29.74 -2.09 11.53
N GLU A 42 -28.49 -2.35 11.13
CA GLU A 42 -27.53 -1.27 10.92
C GLU A 42 -28.00 -0.33 9.81
N MET A 43 -28.50 -0.90 8.71
CA MET A 43 -28.97 -0.08 7.61
C MET A 43 -30.15 0.77 8.05
N LYS A 44 -30.99 0.20 8.91
CA LYS A 44 -32.15 0.91 9.43
C LYS A 44 -31.66 2.08 10.28
N ARG A 45 -30.77 1.79 11.22
CA ARG A 45 -30.22 2.83 12.09
C ARG A 45 -29.63 4.01 11.33
N ARG A 46 -28.89 3.73 10.26
CA ARG A 46 -28.26 4.78 9.46
C ARG A 46 -29.24 5.83 8.99
N GLN A 47 -30.49 5.44 8.77
CA GLN A 47 -31.50 6.37 8.32
C GLN A 47 -32.04 7.23 9.45
N GLY A 48 -31.16 7.52 10.42
CA GLY A 48 -31.53 8.34 11.57
C GLY A 48 -32.91 8.08 12.13
N GLY A 49 -33.31 6.81 12.15
CA GLY A 49 -34.62 6.44 12.66
C GLY A 49 -35.08 7.27 13.84
N ARG A 50 -36.19 7.99 13.65
CA ARG A 50 -36.74 8.83 14.71
C ARG A 50 -38.15 8.41 15.12
N ASN A 51 -39.05 9.40 15.22
CA ASN A 51 -40.43 9.15 15.62
C ASN A 51 -41.24 8.42 14.54
N VAL A 52 -41.66 7.20 14.86
CA VAL A 52 -42.44 6.37 13.94
C VAL A 52 -41.69 6.00 12.66
N PHE A 53 -41.90 4.76 12.22
CA PHE A 53 -41.26 4.24 11.01
C PHE A 53 -41.78 2.84 10.67
N ILE A 54 -41.88 2.55 9.38
CA ILE A 54 -42.37 1.24 8.93
C ILE A 54 -41.24 0.34 8.44
N THR A 55 -41.50 -0.97 8.47
CA THR A 55 -40.53 -1.98 8.05
C THR A 55 -39.54 -1.52 6.98
N PRO A 56 -38.26 -1.35 7.37
CA PRO A 56 -37.20 -0.91 6.46
C PRO A 56 -37.03 -1.87 5.27
N ARG A 57 -37.77 -2.97 5.32
CA ARG A 57 -37.74 -4.00 4.28
C ARG A 57 -37.84 -3.36 2.89
N LYS A 58 -39.06 -3.19 2.40
CA LYS A 58 -39.29 -2.59 1.10
C LYS A 58 -39.23 -1.07 1.19
N GLU A 59 -39.33 -0.57 2.41
CA GLU A 59 -39.30 0.87 2.67
C GLU A 59 -37.96 1.52 2.34
N ASP A 60 -36.86 0.81 2.59
CA ASP A 60 -35.54 1.38 2.30
C ASP A 60 -34.42 0.38 1.97
N ASP A 61 -33.26 0.95 1.68
CA ASP A 61 -32.05 0.23 1.31
C ASP A 61 -31.92 -1.24 1.69
N LYS A 62 -31.64 -2.07 0.70
CA LYS A 62 -31.47 -3.50 0.88
C LYS A 62 -30.06 -3.87 0.41
N VAL A 63 -29.32 -4.58 1.25
CA VAL A 63 -27.96 -4.98 0.92
C VAL A 63 -27.96 -6.34 0.25
N GLU A 64 -27.35 -6.42 -0.93
CA GLU A 64 -27.28 -7.67 -1.67
C GLU A 64 -25.85 -8.20 -1.69
N ILE A 65 -25.62 -9.30 -1.01
CA ILE A 65 -24.28 -9.91 -1.00
C ILE A 65 -24.08 -10.74 -2.28
N THR A 66 -23.11 -10.36 -3.08
CA THR A 66 -22.86 -11.06 -4.32
C THR A 66 -21.71 -12.06 -4.24
N SER A 67 -20.92 -11.99 -3.18
CA SER A 67 -19.78 -12.91 -3.06
C SER A 67 -19.16 -12.96 -1.67
N GLY A 68 -18.34 -13.98 -1.46
CA GLY A 68 -17.64 -14.15 -0.20
C GLY A 68 -18.43 -14.79 0.91
N VAL A 69 -19.65 -15.22 0.62
CA VAL A 69 -20.49 -15.86 1.61
C VAL A 69 -21.06 -17.18 1.09
N PHE A 70 -20.81 -18.26 1.82
CA PHE A 70 -21.33 -19.58 1.44
C PHE A 70 -22.09 -20.19 2.61
N GLU A 71 -23.40 -20.33 2.47
CA GLU A 71 -24.24 -20.90 3.52
C GLU A 71 -24.15 -20.15 4.84
N ASP A 72 -24.36 -18.84 4.77
CA ASP A 72 -24.34 -17.95 5.92
C ASP A 72 -23.00 -17.85 6.64
N PHE A 73 -21.90 -18.12 5.93
CA PHE A 73 -20.57 -18.03 6.53
C PHE A 73 -19.56 -17.41 5.56
N SER A 74 -18.70 -16.53 6.07
CA SER A 74 -17.68 -15.90 5.25
C SER A 74 -16.78 -16.99 4.70
N THR A 75 -16.43 -16.91 3.42
CA THR A 75 -15.57 -17.91 2.77
C THR A 75 -14.09 -17.60 2.89
N GLY A 76 -13.76 -16.35 3.24
CA GLY A 76 -12.37 -15.96 3.33
C GLY A 76 -11.98 -15.18 2.08
N THR A 77 -12.87 -15.14 1.09
CA THR A 77 -12.62 -14.40 -0.14
C THR A 77 -13.38 -13.07 -0.02
N PRO A 78 -13.18 -12.14 -0.97
CA PRO A 78 -13.88 -10.84 -0.91
C PRO A 78 -15.40 -10.90 -0.84
N ILE A 79 -15.98 -10.02 -0.02
CA ILE A 79 -17.43 -9.95 0.12
C ILE A 79 -17.93 -8.73 -0.66
N GLY A 80 -18.40 -8.97 -1.88
CA GLY A 80 -18.91 -7.89 -2.69
C GLY A 80 -20.39 -7.71 -2.41
N PHE A 81 -20.85 -6.48 -2.40
CA PHE A 81 -22.26 -6.23 -2.16
C PHE A 81 -22.76 -5.00 -2.89
N LEU A 82 -24.02 -5.05 -3.28
CA LEU A 82 -24.66 -3.95 -4.00
C LEU A 82 -25.82 -3.40 -3.17
N ILE A 83 -26.02 -2.09 -3.27
CA ILE A 83 -27.10 -1.42 -2.56
C ILE A 83 -27.92 -0.65 -3.57
N HIS A 84 -29.21 -0.97 -3.67
CA HIS A 84 -30.11 -0.32 -4.61
C HIS A 84 -30.92 0.76 -3.91
N ASN A 85 -31.06 1.92 -4.55
CA ASN A 85 -31.79 3.03 -3.96
C ASN A 85 -33.20 3.24 -4.51
N GLN A 86 -33.67 4.48 -4.44
CA GLN A 86 -35.00 4.85 -4.91
C GLN A 86 -35.29 4.39 -6.33
N ARG A 87 -36.58 4.37 -6.70
CA ARG A 87 -36.96 3.93 -8.05
C ARG A 87 -38.43 4.27 -8.31
N ALA A 88 -39.03 5.10 -7.47
CA ALA A 88 -40.44 5.48 -7.64
C ALA A 88 -40.68 6.97 -7.43
N ARG A 89 -40.47 7.77 -8.46
CA ARG A 89 -40.70 9.22 -8.43
C ARG A 89 -39.84 9.88 -7.34
N SER A 90 -40.04 11.21 -7.20
CA SER A 90 -39.31 12.01 -6.21
C SER A 90 -40.07 13.30 -5.91
N LYS A 91 -39.36 14.28 -5.32
CA LYS A 91 -39.99 15.55 -4.96
C LYS A 91 -39.22 16.71 -5.58
N ASP A 92 -38.28 17.30 -4.81
CA ASP A 92 -37.52 18.45 -5.31
C ASP A 92 -36.13 18.48 -4.66
N TYR A 93 -35.81 19.61 -4.02
CA TYR A 93 -34.52 19.82 -3.34
C TYR A 93 -33.41 20.03 -4.37
N ASP A 94 -33.26 21.28 -4.82
CA ASP A 94 -32.22 21.63 -5.80
C ASP A 94 -32.15 23.14 -5.99
N ASN A 95 -31.54 23.56 -7.10
CA ASN A 95 -31.41 24.99 -7.43
C ASN A 95 -30.82 25.15 -8.84
N ILE A 96 -29.67 25.80 -8.92
CA ILE A 96 -28.98 25.99 -10.19
C ILE A 96 -27.72 25.11 -10.23
N LYS A 97 -27.77 24.07 -11.03
CA LYS A 97 -26.67 23.11 -11.14
C LYS A 97 -25.39 23.68 -11.73
N ASN A 98 -25.27 25.00 -11.80
CA ASN A 98 -24.07 25.63 -12.37
C ASN A 98 -23.34 26.55 -11.40
N LEU A 99 -23.72 26.51 -10.13
CA LEU A 99 -23.08 27.35 -9.12
C LEU A 99 -22.47 26.48 -8.03
N PHE A 100 -21.58 27.07 -7.24
CA PHE A 100 -20.93 26.34 -6.16
C PHE A 100 -21.72 26.54 -4.88
N ARG A 101 -22.21 25.45 -4.30
CA ARG A 101 -22.98 25.56 -3.06
C ARG A 101 -22.01 25.73 -1.91
N PRO A 102 -22.17 26.80 -1.12
CA PRO A 102 -21.29 27.05 0.02
C PRO A 102 -21.21 25.87 0.98
N SER A 103 -19.98 25.55 1.38
CA SER A 103 -19.74 24.46 2.32
C SER A 103 -19.94 23.07 1.71
N HIS A 104 -20.06 23.01 0.39
CA HIS A 104 -20.20 21.74 -0.32
C HIS A 104 -18.92 21.51 -1.11
N ALA A 105 -18.72 20.28 -1.55
CA ALA A 105 -17.53 19.88 -2.31
C ALA A 105 -17.52 20.40 -3.77
N ASP A 106 -18.61 21.02 -4.20
CA ASP A 106 -18.72 21.54 -5.56
C ASP A 106 -17.46 22.21 -6.12
N PHE A 107 -16.99 23.24 -5.43
CA PHE A 107 -15.82 23.99 -5.84
C PHE A 107 -14.57 23.16 -6.02
N THR A 108 -14.23 22.35 -5.03
CA THR A 108 -13.02 21.55 -5.12
C THR A 108 -13.08 20.42 -6.14
N TYR A 109 -14.25 19.81 -6.33
CA TYR A 109 -14.37 18.75 -7.33
C TYR A 109 -14.19 19.36 -8.71
N PHE A 110 -14.80 20.53 -8.90
CA PHE A 110 -14.71 21.24 -10.17
C PHE A 110 -13.26 21.55 -10.53
N HIS A 111 -12.49 22.04 -9.57
CA HIS A 111 -11.10 22.36 -9.85
C HIS A 111 -10.15 21.16 -9.96
N LYS A 112 -10.39 20.13 -9.17
CA LYS A 112 -9.51 18.96 -9.20
C LYS A 112 -9.66 18.12 -10.46
N TYR A 113 -10.90 17.85 -10.85
CA TYR A 113 -11.19 17.02 -12.00
C TYR A 113 -11.76 17.76 -13.22
N GLY A 114 -12.26 18.96 -13.00
CA GLY A 114 -12.82 19.74 -14.09
C GLY A 114 -14.23 19.36 -14.49
N ILE A 115 -14.43 18.10 -14.86
CA ILE A 115 -15.74 17.62 -15.28
C ILE A 115 -16.82 17.97 -14.26
N ARG A 116 -17.75 18.83 -14.67
CA ARG A 116 -18.85 19.28 -13.82
C ARG A 116 -19.47 18.09 -13.07
N ASP A 117 -20.55 17.55 -13.65
CA ASP A 117 -21.25 16.42 -13.07
C ASP A 117 -21.69 16.67 -11.63
N PHE A 118 -22.84 17.32 -11.46
CA PHE A 118 -23.38 17.60 -10.13
C PHE A 118 -24.88 17.46 -10.05
N ARG A 119 -25.33 16.55 -9.20
CA ARG A 119 -26.75 16.30 -8.99
C ARG A 119 -27.05 16.02 -7.52
N GLY A 120 -28.24 16.39 -7.09
CA GLY A 120 -28.63 16.17 -5.70
C GLY A 120 -28.75 14.70 -5.35
N GLY A 121 -29.80 14.35 -4.62
CA GLY A 121 -30.01 12.97 -4.24
C GLY A 121 -28.86 12.44 -3.39
N GLY A 122 -28.69 13.01 -2.19
CA GLY A 122 -27.64 12.57 -1.31
C GLY A 122 -26.26 12.79 -1.89
N ARG A 123 -26.20 13.52 -3.01
CA ARG A 123 -24.95 13.85 -3.70
C ARG A 123 -23.85 12.79 -3.56
N SER A 124 -23.15 12.81 -2.44
CA SER A 124 -22.08 11.86 -2.19
C SER A 124 -22.21 11.20 -0.83
N SER A 125 -22.02 12.00 0.22
CA SER A 125 -22.10 11.54 1.61
C SER A 125 -23.07 10.40 1.85
N ALA A 126 -24.36 10.67 1.65
CA ALA A 126 -25.41 9.68 1.86
C ALA A 126 -25.01 8.29 1.35
N ARG A 127 -24.89 8.15 0.03
CA ARG A 127 -24.53 6.88 -0.58
C ARG A 127 -23.36 6.19 0.10
N GLU A 128 -22.22 6.87 0.15
CA GLU A 128 -21.02 6.31 0.78
C GLU A 128 -21.22 5.81 2.20
N SER A 129 -22.04 6.50 2.97
CA SER A 129 -22.29 6.11 4.34
C SER A 129 -23.02 4.79 4.39
N ALA A 130 -23.82 4.52 3.36
CA ALA A 130 -24.54 3.26 3.29
C ALA A 130 -23.50 2.13 3.11
N ILE A 131 -22.50 2.39 2.27
CA ILE A 131 -21.43 1.43 2.02
C ILE A 131 -20.63 1.20 3.30
N ARG A 132 -20.37 2.28 4.03
CA ARG A 132 -19.61 2.20 5.26
C ARG A 132 -20.35 1.46 6.37
N VAL A 133 -21.64 1.72 6.51
CA VAL A 133 -22.41 1.07 7.56
C VAL A 133 -22.58 -0.42 7.27
N ALA A 134 -22.82 -0.76 6.01
CA ALA A 134 -22.98 -2.15 5.61
C ALA A 134 -21.69 -2.90 5.92
N ALA A 135 -20.56 -2.31 5.50
CA ALA A 135 -19.24 -2.90 5.73
C ALA A 135 -18.97 -3.02 7.24
N GLY A 136 -19.34 -1.97 7.98
CA GLY A 136 -19.14 -1.98 9.42
C GLY A 136 -19.88 -3.12 10.10
N ALA A 137 -21.02 -3.51 9.56
CA ALA A 137 -21.80 -4.61 10.11
C ALA A 137 -20.95 -5.89 10.07
N PHE A 138 -20.22 -6.08 8.97
CA PHE A 138 -19.35 -7.25 8.83
C PHE A 138 -18.18 -7.13 9.81
N ALA A 139 -17.64 -5.93 9.94
CA ALA A 139 -16.54 -5.73 10.86
C ALA A 139 -17.03 -6.06 12.28
N LYS A 140 -18.27 -5.68 12.58
CA LYS A 140 -18.84 -5.95 13.90
C LYS A 140 -19.01 -7.45 14.14
N MET A 141 -19.26 -8.21 13.08
CA MET A 141 -19.40 -9.65 13.23
C MET A 141 -18.06 -10.24 13.65
N LEU A 142 -16.99 -9.78 13.01
CA LEU A 142 -15.65 -10.23 13.34
C LEU A 142 -15.31 -9.83 14.78
N LEU A 143 -15.52 -8.56 15.12
CA LEU A 143 -15.21 -8.08 16.47
C LEU A 143 -15.92 -8.87 17.57
N ARG A 144 -17.18 -9.22 17.31
CA ARG A 144 -17.99 -9.96 18.27
C ARG A 144 -17.40 -11.33 18.57
N GLU A 145 -16.72 -11.93 17.60
CA GLU A 145 -16.12 -13.24 17.81
C GLU A 145 -15.02 -13.19 18.87
N ILE A 146 -14.44 -12.02 19.10
CA ILE A 146 -13.44 -11.93 20.16
C ILE A 146 -13.91 -10.99 21.27
N GLY A 147 -15.24 -10.91 21.43
CA GLY A 147 -15.84 -10.15 22.51
C GLY A 147 -15.83 -8.64 22.54
N ILE A 148 -15.67 -8.01 21.39
CA ILE A 148 -15.63 -6.55 21.35
C ILE A 148 -16.89 -6.00 20.70
N VAL A 149 -17.36 -4.86 21.20
CA VAL A 149 -18.55 -4.23 20.64
C VAL A 149 -18.32 -2.72 20.54
N CYS A 150 -18.91 -2.10 19.53
CA CYS A 150 -18.78 -0.66 19.33
C CYS A 150 -20.18 -0.03 19.47
N GLU A 151 -20.24 1.16 20.05
CA GLU A 151 -21.52 1.83 20.18
C GLU A 151 -21.30 3.34 20.09
N SER A 152 -22.39 4.09 19.89
CA SER A 152 -22.29 5.53 19.76
C SER A 152 -23.59 6.22 20.16
N GLY A 153 -23.56 7.55 20.14
CA GLY A 153 -24.72 8.35 20.47
C GLY A 153 -24.37 9.82 20.36
N ILE A 154 -25.39 10.68 20.40
CA ILE A 154 -25.19 12.12 20.33
C ILE A 154 -25.01 12.72 21.72
N ILE A 155 -23.95 13.50 21.92
CA ILE A 155 -23.74 14.13 23.23
C ILE A 155 -23.97 15.63 23.16
N GLU A 156 -24.00 16.18 21.95
CA GLU A 156 -24.21 17.61 21.77
C GLU A 156 -24.94 17.97 20.49
N ILE A 157 -25.76 19.00 20.59
CA ILE A 157 -26.49 19.55 19.45
C ILE A 157 -26.57 21.04 19.73
N GLY A 158 -25.92 21.82 18.88
CA GLY A 158 -25.92 23.27 19.03
C GLY A 158 -25.41 23.75 20.38
N GLY A 159 -24.38 23.11 20.91
CA GLY A 159 -23.82 23.54 22.18
C GLY A 159 -24.54 23.05 23.43
N ILE A 160 -25.69 22.39 23.25
CA ILE A 160 -26.42 21.85 24.39
C ILE A 160 -25.85 20.45 24.63
N LYS A 161 -25.09 20.30 25.72
CA LYS A 161 -24.40 19.05 26.04
C LYS A 161 -25.02 18.08 27.02
N ALA A 162 -24.68 16.81 26.81
CA ALA A 162 -25.12 15.73 27.67
C ALA A 162 -24.25 15.75 28.94
N LYS A 163 -24.83 15.35 30.06
CA LYS A 163 -24.10 15.32 31.32
C LYS A 163 -23.78 13.87 31.69
N ASN A 164 -24.68 12.96 31.31
CA ASN A 164 -24.50 11.55 31.59
C ASN A 164 -24.70 10.77 30.30
N TYR A 165 -24.04 9.62 30.17
CA TYR A 165 -24.15 8.81 28.97
C TYR A 165 -24.87 7.48 29.15
N ASP A 166 -25.97 7.32 28.43
CA ASP A 166 -26.77 6.10 28.47
C ASP A 166 -26.93 5.66 27.01
N PHE A 167 -26.11 4.72 26.56
CA PHE A 167 -26.18 4.28 25.16
C PHE A 167 -27.45 3.50 24.79
N ASN A 168 -28.03 2.80 25.75
CA ASN A 168 -29.26 2.04 25.48
C ASN A 168 -30.38 3.01 25.14
N HIS A 169 -30.45 4.09 25.89
CA HIS A 169 -31.47 5.11 25.66
C HIS A 169 -31.24 5.78 24.30
N ALA A 170 -29.98 5.99 23.94
CA ALA A 170 -29.67 6.62 22.66
C ALA A 170 -30.29 5.85 21.50
N LEU A 171 -30.12 4.53 21.50
CA LEU A 171 -30.66 3.69 20.43
C LEU A 171 -32.15 3.92 20.19
N LYS A 172 -32.89 4.23 21.25
CA LYS A 172 -34.32 4.44 21.12
C LYS A 172 -34.71 5.91 20.92
N SER A 173 -33.74 6.80 21.08
CA SER A 173 -33.99 8.23 20.92
C SER A 173 -34.09 8.68 19.47
N GLU A 174 -35.00 9.62 19.23
CA GLU A 174 -35.22 10.16 17.90
C GLU A 174 -33.98 10.89 17.39
N ILE A 175 -33.10 11.29 18.30
CA ILE A 175 -31.88 11.98 17.92
C ILE A 175 -30.65 11.31 18.53
N PHE A 176 -30.80 10.03 18.90
CA PHE A 176 -29.71 9.25 19.49
C PHE A 176 -29.10 9.95 20.70
N ALA A 177 -29.94 10.67 21.43
CA ALA A 177 -29.51 11.40 22.61
C ALA A 177 -28.99 10.46 23.70
N LEU A 178 -27.80 10.74 24.20
CA LEU A 178 -27.20 9.92 25.26
C LEU A 178 -27.62 10.34 26.67
N ASP A 179 -28.18 11.54 26.79
CA ASP A 179 -28.62 12.09 28.07
C ASP A 179 -30.10 12.46 27.94
N GLU A 180 -30.98 11.71 28.57
CA GLU A 180 -32.41 11.99 28.47
C GLU A 180 -32.81 13.32 29.10
N GLU A 181 -32.02 13.80 30.05
CA GLU A 181 -32.31 15.06 30.71
C GLU A 181 -31.99 16.28 29.84
N GLN A 182 -31.18 16.09 28.81
CA GLN A 182 -30.84 17.20 27.92
C GLN A 182 -31.47 17.01 26.54
N GLU A 183 -32.10 15.87 26.33
CA GLU A 183 -32.73 15.51 25.06
C GLU A 183 -33.74 16.52 24.50
N GLU A 184 -34.71 16.91 25.31
CA GLU A 184 -35.72 17.87 24.87
C GLU A 184 -35.11 19.20 24.41
N ALA A 185 -34.17 19.74 25.18
CA ALA A 185 -33.52 20.99 24.78
C ALA A 185 -32.84 20.75 23.44
N GLN A 186 -32.23 19.58 23.31
CA GLN A 186 -31.54 19.23 22.08
C GLN A 186 -32.55 19.12 20.93
N LYS A 187 -33.66 18.44 21.18
CA LYS A 187 -34.69 18.32 20.16
C LYS A 187 -35.21 19.69 19.75
N THR A 188 -35.32 20.61 20.72
CA THR A 188 -35.82 21.94 20.45
C THR A 188 -34.89 22.71 19.52
N ALA A 189 -33.58 22.55 19.72
CA ALA A 189 -32.62 23.22 18.86
C ALA A 189 -32.81 22.74 17.44
N ILE A 190 -33.13 21.47 17.28
CA ILE A 190 -33.34 20.90 15.97
C ILE A 190 -34.60 21.47 15.33
N GLN A 191 -35.66 21.61 16.13
CA GLN A 191 -36.91 22.15 15.62
C GLN A 191 -36.76 23.62 15.23
N ASN A 192 -35.98 24.38 16.00
CA ASN A 192 -35.79 25.79 15.67
C ASN A 192 -34.97 25.92 14.38
N ALA A 193 -34.07 24.97 14.16
CA ALA A 193 -33.26 24.98 12.95
C ALA A 193 -34.20 24.76 11.77
N ILE A 194 -35.06 23.75 11.88
CA ILE A 194 -36.02 23.45 10.82
C ILE A 194 -36.95 24.66 10.59
N LYS A 195 -37.45 25.23 11.69
CA LYS A 195 -38.34 26.37 11.63
C LYS A 195 -37.69 27.53 10.86
N ASN A 196 -36.42 27.80 11.15
CA ASN A 196 -35.70 28.90 10.50
C ASN A 196 -34.97 28.54 9.23
N HIS A 197 -35.29 27.39 8.63
CA HIS A 197 -34.63 26.96 7.41
C HIS A 197 -33.11 27.04 7.59
N ASP A 198 -32.64 26.59 8.75
CA ASP A 198 -31.21 26.63 9.05
C ASP A 198 -30.74 25.24 9.49
N SER A 199 -29.46 25.14 9.78
CA SER A 199 -28.89 23.88 10.25
C SER A 199 -28.11 24.16 11.52
N ILE A 200 -27.68 23.11 12.18
CA ILE A 200 -26.94 23.25 13.42
C ILE A 200 -25.92 22.12 13.55
N GLY A 201 -24.79 22.42 14.18
CA GLY A 201 -23.75 21.44 14.36
C GLY A 201 -24.04 20.53 15.54
N GLY A 202 -23.20 19.51 15.71
CA GLY A 202 -23.39 18.57 16.81
C GLY A 202 -22.16 17.75 17.09
N VAL A 203 -22.18 17.02 18.21
CA VAL A 203 -21.04 16.21 18.60
C VAL A 203 -21.44 14.76 18.91
N ALA A 204 -20.73 13.81 18.32
CA ALA A 204 -21.02 12.40 18.54
C ALA A 204 -19.96 11.75 19.41
N LEU A 205 -20.40 10.83 20.27
CA LEU A 205 -19.49 10.08 21.13
C LEU A 205 -19.47 8.64 20.62
N ILE A 206 -18.27 8.11 20.39
CA ILE A 206 -18.13 6.74 19.91
C ILE A 206 -17.30 5.95 20.91
N ARG A 207 -17.71 4.71 21.18
CA ARG A 207 -17.00 3.89 22.15
C ARG A 207 -16.85 2.41 21.73
N ALA A 208 -15.73 1.81 22.13
CA ALA A 208 -15.47 0.41 21.87
C ALA A 208 -15.18 -0.15 23.26
N ARG A 209 -15.82 -1.27 23.59
CA ARG A 209 -15.61 -1.86 24.90
C ARG A 209 -15.78 -3.36 24.79
N SER A 210 -15.57 -4.04 25.90
CA SER A 210 -15.71 -5.48 25.92
C SER A 210 -17.16 -5.82 26.20
N ILE A 211 -17.65 -6.89 25.59
CA ILE A 211 -19.01 -7.32 25.81
C ILE A 211 -19.07 -7.92 27.22
N LYS A 212 -18.07 -8.72 27.56
CA LYS A 212 -18.02 -9.32 28.89
C LYS A 212 -17.68 -8.18 29.84
N THR A 213 -18.67 -7.84 30.66
CA THR A 213 -18.57 -6.74 31.61
C THR A 213 -17.19 -6.44 32.17
N ASN A 214 -16.77 -5.21 31.91
CA ASN A 214 -15.49 -4.67 32.37
C ASN A 214 -14.23 -5.49 32.16
N GLN A 215 -14.26 -6.43 31.21
CA GLN A 215 -13.06 -7.19 30.93
C GLN A 215 -12.30 -6.32 29.93
N LYS A 216 -10.97 -6.33 30.01
CA LYS A 216 -10.15 -5.49 29.14
C LYS A 216 -10.23 -5.83 27.65
N LEU A 217 -10.07 -4.81 26.82
CA LEU A 217 -10.05 -5.01 25.37
C LEU A 217 -8.63 -5.51 25.12
N PRO A 218 -8.37 -6.07 23.94
CA PRO A 218 -7.00 -6.53 23.70
C PRO A 218 -6.04 -5.34 23.87
N ILE A 219 -4.88 -5.57 24.47
CA ILE A 219 -3.90 -4.50 24.66
C ILE A 219 -2.85 -4.58 23.56
N GLY A 220 -2.58 -3.46 22.88
CA GLY A 220 -1.60 -3.48 21.83
C GLY A 220 -2.12 -3.33 20.41
N LEU A 221 -3.42 -3.09 20.27
CA LEU A 221 -4.00 -2.90 18.94
C LEU A 221 -3.44 -1.56 18.46
N GLY A 222 -2.99 -1.53 17.21
CA GLY A 222 -2.37 -0.33 16.65
C GLY A 222 -1.05 -0.81 16.06
N GLN A 223 -0.65 -0.25 14.91
CA GLN A 223 0.58 -0.73 14.27
C GLN A 223 1.72 0.26 14.06
N GLY A 224 2.88 -0.10 14.61
CA GLY A 224 4.08 0.70 14.46
C GLY A 224 3.85 2.17 14.73
N LEU A 225 4.73 2.98 14.18
CA LEU A 225 4.64 4.43 14.38
C LEU A 225 3.72 5.17 13.42
N TYR A 226 3.50 4.62 12.23
CA TYR A 226 2.67 5.31 11.27
C TYR A 226 1.31 4.70 10.97
N ALA A 227 0.89 3.75 11.80
CA ALA A 227 -0.42 3.13 11.66
C ALA A 227 -0.94 2.90 13.06
N LYS A 228 -0.75 3.90 13.90
CA LYS A 228 -1.20 3.84 15.29
C LYS A 228 -2.72 3.79 15.32
N LEU A 229 -3.27 3.24 16.39
CA LEU A 229 -4.72 3.13 16.53
C LEU A 229 -5.41 4.48 16.51
N ASP A 230 -4.99 5.41 17.37
CA ASP A 230 -5.64 6.72 17.36
C ASP A 230 -5.44 7.45 16.04
N ALA A 231 -4.32 7.22 15.37
CA ALA A 231 -4.08 7.88 14.08
C ALA A 231 -5.08 7.41 13.02
N LYS A 232 -5.30 6.10 12.96
CA LYS A 232 -6.24 5.55 11.98
C LYS A 232 -7.68 5.91 12.33
N ILE A 233 -7.98 6.02 13.61
CA ILE A 233 -9.32 6.41 14.02
C ILE A 233 -9.55 7.86 13.57
N ALA A 234 -8.55 8.73 13.77
CA ALA A 234 -8.69 10.12 13.38
C ALA A 234 -8.82 10.24 11.87
N GLU A 235 -8.03 9.43 11.16
CA GLU A 235 -8.07 9.46 9.71
C GLU A 235 -9.45 9.11 9.18
N ALA A 236 -10.05 8.11 9.80
CA ALA A 236 -11.36 7.63 9.38
C ALA A 236 -12.49 8.59 9.73
N MET A 237 -12.46 9.17 10.92
CA MET A 237 -13.51 10.09 11.33
C MET A 237 -13.42 11.42 10.58
N MET A 238 -12.23 12.02 10.58
CA MET A 238 -12.03 13.29 9.91
C MET A 238 -12.34 13.16 8.43
N GLY A 239 -12.21 11.95 7.90
CA GLY A 239 -12.49 11.73 6.50
C GLY A 239 -13.98 11.79 6.19
N LEU A 240 -14.80 11.71 7.23
CA LEU A 240 -16.25 11.75 7.06
C LEU A 240 -16.66 13.18 6.73
N ASN A 241 -17.42 13.36 5.65
CA ASN A 241 -17.86 14.68 5.26
C ASN A 241 -18.60 15.37 6.41
N GLY A 242 -18.22 16.60 6.72
CA GLY A 242 -18.87 17.32 7.80
C GLY A 242 -18.08 17.36 9.10
N VAL A 243 -17.07 16.51 9.21
CA VAL A 243 -16.25 16.46 10.42
C VAL A 243 -15.12 17.48 10.38
N LYS A 244 -15.00 18.28 11.45
CA LYS A 244 -13.97 19.29 11.53
C LYS A 244 -12.99 19.07 12.68
N ALA A 245 -13.27 18.05 13.50
CA ALA A 245 -12.38 17.79 14.64
C ALA A 245 -12.65 16.43 15.23
N VAL A 246 -11.59 15.82 15.76
CA VAL A 246 -11.69 14.51 16.38
C VAL A 246 -10.90 14.51 17.68
N GLU A 247 -11.46 13.90 18.72
CA GLU A 247 -10.80 13.84 20.02
C GLU A 247 -10.71 12.40 20.48
N ILE A 248 -9.62 12.07 21.18
CA ILE A 248 -9.43 10.75 21.75
C ILE A 248 -9.35 10.97 23.26
N GLY A 249 -10.24 10.34 24.00
CA GLY A 249 -10.23 10.49 25.44
C GLY A 249 -10.49 11.91 25.90
N LYS A 250 -9.63 12.40 26.80
CA LYS A 250 -9.76 13.74 27.35
C LYS A 250 -9.77 14.79 26.24
N GLY A 251 -9.27 14.42 25.07
CA GLY A 251 -9.30 15.34 23.94
C GLY A 251 -8.74 16.73 24.11
N VAL A 252 -9.51 17.73 23.68
CA VAL A 252 -9.05 19.12 23.76
C VAL A 252 -8.81 19.57 25.20
N GLU A 253 -9.53 19.00 26.16
CA GLU A 253 -9.33 19.36 27.56
C GLU A 253 -7.97 18.89 28.06
N SER A 254 -7.36 17.94 27.36
CA SER A 254 -6.05 17.41 27.77
C SER A 254 -5.00 18.52 27.89
N SER A 255 -5.01 19.44 26.96
CA SER A 255 -4.05 20.54 26.93
C SER A 255 -4.24 21.57 28.05
N LEU A 256 -5.29 21.41 28.85
CA LEU A 256 -5.57 22.33 29.95
C LEU A 256 -5.16 21.74 31.30
N LEU A 257 -4.74 20.49 31.28
CA LEU A 257 -4.35 19.80 32.51
C LEU A 257 -2.84 19.78 32.75
N LYS A 258 -2.47 19.61 34.02
CA LYS A 258 -1.07 19.50 34.40
C LYS A 258 -0.76 18.01 34.39
N GLY A 259 0.52 17.64 34.34
CA GLY A 259 0.87 16.24 34.31
C GLY A 259 0.24 15.40 35.41
N SER A 260 0.31 15.90 36.65
CA SER A 260 -0.25 15.19 37.79
C SER A 260 -1.75 15.00 37.70
N GLU A 261 -2.39 15.79 36.84
CA GLU A 261 -3.83 15.73 36.67
C GLU A 261 -4.27 14.80 35.55
N TYR A 262 -3.42 14.69 34.52
CA TYR A 262 -3.74 13.87 33.36
C TYR A 262 -3.28 12.42 33.44
N ASN A 263 -1.99 12.22 33.72
CA ASN A 263 -1.44 10.88 33.80
C ASN A 263 -2.40 9.89 34.43
N ASP A 264 -2.64 8.79 33.73
CA ASP A 264 -3.52 7.73 34.25
C ASP A 264 -2.65 6.77 35.05
N LEU A 265 -2.96 6.63 36.33
CA LEU A 265 -2.20 5.72 37.19
C LEU A 265 -2.71 4.28 37.00
N MET A 266 -1.90 3.31 37.42
CA MET A 266 -2.25 1.89 37.29
C MET A 266 -2.09 1.09 38.58
N ASP A 267 -2.94 0.07 38.72
CA ASP A 267 -2.83 -0.86 39.84
C ASP A 267 -2.79 -2.22 39.13
N GLN A 268 -2.82 -3.32 39.88
CA GLN A 268 -2.74 -4.65 39.27
C GLN A 268 -3.83 -5.01 38.26
N LYS A 269 -5.05 -4.50 38.46
CA LYS A 269 -6.13 -4.83 37.52
C LYS A 269 -6.16 -3.98 36.24
N GLY A 270 -5.60 -2.78 36.31
CA GLY A 270 -5.60 -1.92 35.14
C GLY A 270 -5.42 -0.46 35.51
N PHE A 271 -5.77 0.43 34.58
CA PHE A 271 -5.65 1.86 34.82
C PHE A 271 -6.74 2.38 35.77
N LEU A 272 -6.39 3.37 36.58
CA LEU A 272 -7.33 3.92 37.54
C LEU A 272 -8.25 5.00 37.00
N SER A 273 -7.93 5.50 35.82
CA SER A 273 -8.70 6.54 35.15
C SER A 273 -8.45 6.37 33.67
N ASN A 274 -9.25 7.03 32.82
CA ASN A 274 -9.06 6.85 31.39
C ASN A 274 -8.96 8.14 30.55
N ARG A 275 -8.07 9.05 30.94
CA ARG A 275 -7.90 10.29 30.17
C ARG A 275 -7.35 9.97 28.80
N SER A 276 -6.55 8.90 28.70
CA SER A 276 -5.96 8.48 27.43
C SER A 276 -7.03 8.07 26.43
N GLY A 277 -8.23 7.78 26.92
CA GLY A 277 -9.31 7.39 26.03
C GLY A 277 -9.10 6.00 25.43
N GLY A 278 -8.35 5.15 26.13
CA GLY A 278 -8.10 3.80 25.64
C GLY A 278 -6.93 3.61 24.70
N VAL A 279 -6.24 4.70 24.36
CA VAL A 279 -5.11 4.60 23.44
C VAL A 279 -3.88 5.28 24.05
N LEU A 280 -2.86 4.48 24.30
CA LEU A 280 -1.63 4.96 24.92
C LEU A 280 -0.45 4.58 24.03
N GLY A 281 0.29 5.59 23.56
CA GLY A 281 1.43 5.35 22.71
C GLY A 281 1.02 4.92 21.31
N GLY A 282 -0.24 5.16 20.97
CA GLY A 282 -0.73 4.76 19.65
C GLY A 282 -1.35 3.37 19.64
N MET A 283 -1.35 2.73 20.81
CA MET A 283 -1.91 1.37 20.96
C MET A 283 -2.98 1.29 22.05
N SER A 284 -3.95 0.40 21.85
CA SER A 284 -5.02 0.22 22.82
C SER A 284 -4.37 -0.24 24.13
N ASN A 285 -4.80 0.35 25.25
CA ASN A 285 -4.23 -0.01 26.54
C ASN A 285 -5.16 -0.88 27.37
N GLY A 286 -6.25 -1.34 26.75
CA GLY A 286 -7.16 -2.21 27.48
C GLY A 286 -8.43 -1.54 27.97
N GLU A 287 -8.37 -0.24 28.24
CA GLU A 287 -9.53 0.49 28.70
C GLU A 287 -10.44 0.82 27.52
N GLU A 288 -11.60 1.39 27.80
CA GLU A 288 -12.53 1.75 26.74
C GLU A 288 -11.93 2.77 25.78
N ILE A 289 -12.16 2.57 24.48
CA ILE A 289 -11.66 3.51 23.51
C ILE A 289 -12.74 4.58 23.41
N ILE A 290 -12.38 5.80 23.72
CA ILE A 290 -13.30 6.94 23.74
C ILE A 290 -13.00 7.94 22.62
N VAL A 291 -13.95 8.14 21.72
CA VAL A 291 -13.77 9.06 20.60
C VAL A 291 -14.90 10.10 20.53
N ARG A 292 -14.52 11.34 20.21
CA ARG A 292 -15.50 12.41 20.05
C ARG A 292 -15.31 12.99 18.65
N VAL A 293 -16.41 13.11 17.91
CA VAL A 293 -16.35 13.61 16.55
C VAL A 293 -17.22 14.85 16.39
N HIS A 294 -16.61 15.97 16.00
CA HIS A 294 -17.34 17.23 15.82
C HIS A 294 -17.80 17.50 14.39
N PHE A 295 -19.10 17.66 14.23
CA PHE A 295 -19.70 17.93 12.93
C PHE A 295 -20.10 19.38 12.76
N LYS A 296 -19.78 19.96 11.61
CA LYS A 296 -20.19 21.34 11.36
C LYS A 296 -21.70 21.23 11.06
N PRO A 297 -22.42 22.36 11.01
CA PRO A 297 -23.85 22.25 10.70
C PRO A 297 -24.04 21.80 9.26
N THR A 298 -25.18 21.18 8.95
CA THR A 298 -25.48 20.73 7.60
C THR A 298 -25.25 21.87 6.60
N PRO A 299 -24.51 21.60 5.51
CA PRO A 299 -24.22 22.62 4.48
C PRO A 299 -25.45 23.21 3.78
N SER A 300 -26.38 22.35 3.36
CA SER A 300 -27.57 22.81 2.66
C SER A 300 -28.67 23.42 3.53
N ILE A 301 -28.95 24.69 3.30
CA ILE A 301 -29.99 25.39 4.04
C ILE A 301 -30.85 26.18 3.05
N PHE A 302 -32.16 26.18 3.29
CA PHE A 302 -33.12 26.88 2.43
C PHE A 302 -33.05 28.39 2.72
N GLN A 303 -31.90 28.98 2.39
CA GLN A 303 -31.67 30.42 2.59
C GLN A 303 -30.72 30.97 1.52
N PRO A 304 -30.96 32.21 1.07
CA PRO A 304 -30.10 32.82 0.04
C PRO A 304 -28.66 32.90 0.52
N GLN A 305 -27.74 32.52 -0.34
CA GLN A 305 -26.32 32.56 0.00
C GLN A 305 -25.53 33.10 -1.17
N ARG A 306 -24.67 34.09 -0.92
CA ARG A 306 -23.86 34.66 -1.97
C ARG A 306 -22.77 33.66 -2.30
N THR A 307 -22.60 33.38 -3.59
CA THR A 307 -21.56 32.48 -4.07
C THR A 307 -21.28 32.85 -5.52
N ILE A 308 -20.61 31.96 -6.25
CA ILE A 308 -20.29 32.23 -7.65
C ILE A 308 -20.55 30.98 -8.49
N ASP A 309 -20.75 31.18 -9.79
CA ASP A 309 -21.01 30.08 -10.71
C ASP A 309 -19.68 29.64 -11.36
N ILE A 310 -19.75 28.61 -12.21
CA ILE A 310 -18.56 28.09 -12.86
C ILE A 310 -17.84 29.11 -13.75
N ASN A 311 -18.50 30.22 -14.05
CA ASN A 311 -17.90 31.27 -14.87
C ASN A 311 -17.24 32.35 -14.04
N GLY A 312 -17.38 32.25 -12.72
CA GLY A 312 -16.78 33.23 -11.82
C GLY A 312 -17.66 34.42 -11.48
N ASN A 313 -18.92 34.38 -11.93
CA ASN A 313 -19.88 35.45 -11.68
C ASN A 313 -20.73 35.24 -10.43
N GLU A 314 -20.92 36.32 -9.67
CA GLU A 314 -21.71 36.29 -8.45
C GLU A 314 -23.18 35.98 -8.73
N CYS A 315 -23.74 35.09 -7.92
CA CYS A 315 -25.13 34.70 -8.05
C CYS A 315 -25.65 34.26 -6.69
N GLU A 316 -26.94 34.02 -6.61
CA GLU A 316 -27.56 33.62 -5.36
C GLU A 316 -27.83 32.12 -5.30
N CYS A 317 -27.42 31.48 -4.21
CA CYS A 317 -27.68 30.06 -4.02
C CYS A 317 -28.86 29.95 -3.06
N LEU A 318 -29.94 29.34 -3.54
CA LEU A 318 -31.15 29.18 -2.73
C LEU A 318 -31.63 27.75 -2.91
N LEU A 319 -31.18 26.88 -2.02
CA LEU A 319 -31.53 25.46 -2.06
C LEU A 319 -32.91 25.19 -1.45
N LYS A 320 -33.92 25.05 -2.32
CA LYS A 320 -35.29 24.80 -1.89
C LYS A 320 -35.48 23.38 -1.38
N GLY A 321 -36.53 23.19 -0.57
CA GLY A 321 -36.81 21.88 -0.03
C GLY A 321 -36.19 21.66 1.34
N ARG A 322 -36.67 20.66 2.05
CA ARG A 322 -36.14 20.34 3.37
C ARG A 322 -34.74 19.77 3.25
N HIS A 323 -33.99 19.84 4.36
CA HIS A 323 -32.64 19.33 4.40
C HIS A 323 -32.42 18.77 5.80
N ASP A 324 -31.38 17.97 5.96
CA ASP A 324 -31.08 17.41 7.27
C ASP A 324 -30.66 18.61 8.12
N PRO A 325 -31.41 18.89 9.19
CA PRO A 325 -31.07 20.03 10.04
C PRO A 325 -29.79 19.84 10.86
N CYS A 326 -29.34 18.60 11.00
CA CYS A 326 -28.15 18.31 11.79
C CYS A 326 -27.50 16.98 11.38
N ILE A 327 -26.53 17.03 10.48
CA ILE A 327 -25.86 15.82 10.00
C ILE A 327 -25.18 14.97 11.07
N ALA A 328 -24.82 15.59 12.19
CA ALA A 328 -24.17 14.84 13.28
C ALA A 328 -25.00 13.62 13.72
N ILE A 329 -26.32 13.69 13.60
CA ILE A 329 -27.17 12.59 14.03
C ILE A 329 -26.89 11.30 13.26
N ARG A 330 -27.13 11.31 11.96
CA ARG A 330 -26.87 10.13 11.14
C ARG A 330 -25.38 9.86 11.20
N GLY A 331 -24.58 10.92 11.29
CA GLY A 331 -23.14 10.77 11.35
C GLY A 331 -22.63 9.86 12.46
N SER A 332 -23.22 9.95 13.65
CA SER A 332 -22.78 9.12 14.76
C SER A 332 -22.75 7.65 14.38
N VAL A 333 -23.81 7.18 13.73
CA VAL A 333 -23.86 5.79 13.31
C VAL A 333 -22.71 5.46 12.36
N VAL A 334 -22.45 6.36 11.40
CA VAL A 334 -21.37 6.13 10.44
C VAL A 334 -20.03 6.07 11.18
N CYS A 335 -19.84 6.96 12.16
CA CYS A 335 -18.59 6.95 12.94
C CYS A 335 -18.45 5.62 13.67
N GLU A 336 -19.58 5.11 14.16
CA GLU A 336 -19.59 3.83 14.86
C GLU A 336 -19.13 2.71 13.92
N SER A 337 -19.60 2.74 12.67
CA SER A 337 -19.22 1.72 11.70
C SER A 337 -17.74 1.85 11.41
N LEU A 338 -17.30 3.09 11.19
CA LEU A 338 -15.89 3.35 10.90
C LEU A 338 -14.97 2.86 12.01
N LEU A 339 -15.35 3.08 13.27
CA LEU A 339 -14.52 2.62 14.38
C LEU A 339 -14.43 1.08 14.34
N ALA A 340 -15.54 0.43 13.98
CA ALA A 340 -15.57 -1.03 13.93
C ALA A 340 -14.63 -1.55 12.84
N LEU A 341 -14.65 -0.89 11.68
CA LEU A 341 -13.79 -1.31 10.59
C LEU A 341 -12.31 -1.11 10.93
N VAL A 342 -11.97 0.04 11.49
CA VAL A 342 -10.60 0.34 11.85
C VAL A 342 -10.11 -0.66 12.90
N LEU A 343 -10.93 -0.85 13.93
CA LEU A 343 -10.60 -1.76 15.02
C LEU A 343 -10.43 -3.21 14.55
N ALA A 344 -11.31 -3.67 13.66
CA ALA A 344 -11.21 -5.04 13.16
C ALA A 344 -9.94 -5.18 12.33
N ASP A 345 -9.59 -4.13 11.57
CA ASP A 345 -8.38 -4.17 10.77
C ASP A 345 -7.20 -4.38 11.72
N MET A 346 -7.17 -3.59 12.80
CA MET A 346 -6.10 -3.69 13.79
C MET A 346 -6.07 -5.06 14.49
N VAL A 347 -7.22 -5.66 14.73
CA VAL A 347 -7.27 -6.98 15.36
C VAL A 347 -6.54 -7.98 14.46
N LEU A 348 -6.70 -7.83 13.16
CA LEU A 348 -6.05 -8.70 12.18
C LEU A 348 -4.56 -8.42 12.07
N LEU A 349 -4.19 -7.15 11.99
CA LEU A 349 -2.78 -6.79 11.85
C LEU A 349 -1.94 -7.16 13.08
N ASN A 350 -2.56 -7.20 14.24
CA ASN A 350 -1.85 -7.52 15.48
C ASN A 350 -1.40 -8.98 15.59
N LEU A 351 -2.01 -9.84 14.77
CA LEU A 351 -1.70 -11.27 14.80
C LEU A 351 -0.24 -11.60 14.45
N THR A 352 0.48 -10.65 13.88
CA THR A 352 1.87 -10.90 13.50
C THR A 352 2.86 -10.41 14.56
N SER A 353 2.34 -9.83 15.64
CA SER A 353 3.18 -9.25 16.69
C SER A 353 4.20 -10.09 17.43
N LYS A 354 3.83 -11.30 17.82
CA LYS A 354 4.73 -12.17 18.58
C LYS A 354 4.99 -13.50 17.88
N ILE A 355 6.21 -14.03 18.03
CA ILE A 355 6.55 -15.30 17.38
C ILE A 355 5.65 -16.42 17.86
N GLU A 356 5.27 -16.39 19.13
CA GLU A 356 4.41 -17.41 19.69
C GLU A 356 3.08 -17.55 18.95
N TYR A 357 2.62 -16.45 18.33
CA TYR A 357 1.35 -16.49 17.59
C TYR A 357 1.51 -17.38 16.36
N LEU A 358 2.68 -17.30 15.73
CA LEU A 358 3.00 -18.07 14.54
C LEU A 358 3.18 -19.54 14.88
N LYS A 359 3.90 -19.80 15.97
CA LYS A 359 4.14 -21.18 16.39
C LYS A 359 2.82 -21.85 16.74
N THR A 360 1.94 -21.12 17.42
CA THR A 360 0.66 -21.67 17.82
C THR A 360 -0.19 -22.07 16.61
N ILE A 361 -0.26 -21.19 15.62
CA ILE A 361 -1.08 -21.47 14.45
C ILE A 361 -0.48 -22.48 13.48
N TYR A 362 0.82 -22.39 13.23
CA TYR A 362 1.47 -23.29 12.28
C TYR A 362 1.96 -24.63 12.83
N ASN A 363 2.64 -24.61 13.97
CA ASN A 363 3.15 -25.85 14.55
C ASN A 363 2.12 -26.57 15.39
N GLU A 364 0.89 -26.07 15.42
CA GLU A 364 -0.13 -26.71 16.24
C GLU A 364 -1.58 -26.57 15.77
N ASN A 365 -1.92 -25.45 15.13
CA ASN A 365 -3.30 -25.24 14.69
C ASN A 365 -3.53 -25.45 13.19
N MET B 1 9.56 3.04 -5.86
CA MET B 1 9.11 2.14 -4.77
C MET B 1 10.31 1.42 -4.16
N ASN B 2 10.77 1.88 -3.01
CA ASN B 2 11.94 1.31 -2.33
C ASN B 2 11.59 0.32 -1.22
N THR B 3 10.37 -0.22 -1.26
CA THR B 3 9.90 -1.19 -0.29
C THR B 3 9.39 -2.48 -0.93
N LEU B 4 9.77 -3.62 -0.35
CA LEU B 4 9.35 -4.94 -0.83
C LEU B 4 8.52 -5.65 0.24
N GLY B 5 7.38 -6.22 -0.16
CA GLY B 5 6.55 -6.94 0.81
C GLY B 5 5.37 -6.17 1.37
N ARG B 6 4.41 -6.92 1.93
CA ARG B 6 3.17 -6.37 2.49
C ARG B 6 3.19 -6.26 4.01
N PHE B 7 3.42 -7.38 4.70
CA PHE B 7 3.51 -7.38 6.16
C PHE B 7 4.99 -7.31 6.53
N LEU B 8 5.80 -8.23 6.02
CA LEU B 8 7.24 -8.21 6.28
C LEU B 8 7.73 -7.27 5.20
N ARG B 9 8.04 -6.03 5.57
CA ARG B 9 8.44 -5.05 4.57
C ARG B 9 9.90 -4.59 4.57
N LEU B 10 10.59 -4.87 3.47
CA LEU B 10 11.99 -4.48 3.33
C LEU B 10 12.08 -3.16 2.58
N THR B 11 12.64 -2.15 3.23
CA THR B 11 12.80 -0.84 2.61
C THR B 11 14.29 -0.49 2.54
N THR B 12 14.74 -0.01 1.40
CA THR B 12 16.16 0.32 1.21
C THR B 12 16.48 1.79 1.00
N PHE B 13 17.73 2.14 1.30
CA PHE B 13 18.22 3.50 1.11
C PHE B 13 18.45 3.70 -0.38
N GLY B 14 18.46 2.58 -1.11
CA GLY B 14 18.62 2.63 -2.55
C GLY B 14 20.02 2.86 -3.10
N GLU B 15 20.12 2.85 -4.42
CA GLU B 15 21.39 3.05 -5.09
C GLU B 15 22.13 4.28 -4.54
N SER B 16 23.41 4.09 -4.24
CA SER B 16 24.24 5.17 -3.71
C SER B 16 25.71 4.94 -4.03
N HIS B 17 26.51 6.01 -3.93
CA HIS B 17 27.94 5.92 -4.22
C HIS B 17 28.82 6.19 -3.00
N GLY B 18 28.19 6.33 -1.83
CA GLY B 18 28.93 6.60 -0.62
C GLY B 18 29.51 5.31 -0.04
N ASP B 19 30.11 5.40 1.14
CA ASP B 19 30.71 4.22 1.77
C ASP B 19 29.77 3.49 2.70
N VAL B 20 28.52 3.95 2.78
CA VAL B 20 27.55 3.31 3.66
C VAL B 20 26.23 3.04 2.97
N ILE B 21 25.71 1.83 3.17
CA ILE B 21 24.41 1.46 2.60
C ILE B 21 23.54 0.93 3.74
N GLY B 22 22.24 1.10 3.61
CA GLY B 22 21.36 0.64 4.67
C GLY B 22 19.99 0.22 4.22
N GLY B 23 19.25 -0.36 5.17
CA GLY B 23 17.91 -0.81 4.87
C GLY B 23 17.26 -1.09 6.19
N VAL B 24 15.96 -1.37 6.14
CA VAL B 24 15.23 -1.69 7.35
C VAL B 24 14.16 -2.72 7.03
N LEU B 25 14.03 -3.69 7.91
CA LEU B 25 13.05 -4.75 7.76
C LEU B 25 11.98 -4.54 8.82
N ASP B 26 10.76 -4.29 8.35
CA ASP B 26 9.63 -4.02 9.24
C ASP B 26 8.67 -5.22 9.28
N GLY B 27 8.10 -5.49 10.44
CA GLY B 27 7.17 -6.60 10.53
C GLY B 27 7.67 -7.91 11.07
N MET B 28 8.88 -7.93 11.65
CA MET B 28 9.40 -9.16 12.23
C MET B 28 8.69 -9.43 13.53
N PRO B 29 8.19 -10.65 13.74
CA PRO B 29 7.51 -10.91 15.01
C PRO B 29 8.56 -10.83 16.11
N SER B 30 8.15 -10.48 17.32
CA SER B 30 9.11 -10.38 18.43
C SER B 30 9.44 -11.77 18.96
N GLY B 31 10.55 -11.86 19.70
CA GLY B 31 10.93 -13.12 20.29
C GLY B 31 11.68 -14.13 19.43
N ILE B 32 12.25 -13.66 18.32
CA ILE B 32 13.02 -14.53 17.45
C ILE B 32 14.49 -14.29 17.75
N LYS B 33 15.20 -15.37 18.04
CA LYS B 33 16.63 -15.28 18.37
C LYS B 33 17.39 -14.85 17.12
N ILE B 34 18.17 -13.77 17.22
CA ILE B 34 18.93 -13.31 16.08
C ILE B 34 20.11 -14.25 15.87
N ASP B 35 20.17 -14.87 14.70
CA ASP B 35 21.25 -15.81 14.38
C ASP B 35 22.39 -15.07 13.71
N TYR B 36 23.24 -14.46 14.55
CA TYR B 36 24.39 -13.71 14.09
C TYR B 36 25.34 -14.52 13.23
N ALA B 37 25.37 -15.83 13.44
CA ALA B 37 26.23 -16.72 12.66
C ALA B 37 25.67 -16.86 11.25
N LEU B 38 24.36 -17.04 11.15
CA LEU B 38 23.69 -17.17 9.85
C LEU B 38 23.81 -15.87 9.07
N LEU B 39 23.57 -14.76 9.74
CA LEU B 39 23.64 -13.46 9.09
C LEU B 39 25.02 -13.31 8.47
N GLU B 40 26.05 -13.57 9.26
CA GLU B 40 27.42 -13.45 8.80
C GLU B 40 27.75 -14.43 7.68
N ASN B 41 27.26 -15.66 7.79
CA ASN B 41 27.54 -16.64 6.75
C ASN B 41 26.87 -16.27 5.42
N GLU B 42 25.70 -15.62 5.51
CA GLU B 42 24.98 -15.21 4.31
C GLU B 42 25.76 -14.14 3.55
N MET B 43 26.31 -13.18 4.28
CA MET B 43 27.07 -12.11 3.66
C MET B 43 28.33 -12.65 2.98
N LYS B 44 28.82 -13.79 3.46
CA LYS B 44 30.00 -14.41 2.88
C LYS B 44 29.64 -15.03 1.54
N ARG B 45 28.60 -15.86 1.53
CA ARG B 45 28.15 -16.51 0.30
C ARG B 45 27.87 -15.49 -0.80
N ARG B 46 27.29 -14.37 -0.42
CA ARG B 46 26.95 -13.31 -1.36
C ARG B 46 28.16 -12.83 -2.15
N GLN B 47 29.32 -12.83 -1.49
CA GLN B 47 30.55 -12.38 -2.14
C GLN B 47 31.25 -13.51 -2.86
N GLY B 48 30.53 -14.16 -3.77
CA GLY B 48 31.11 -15.26 -4.53
C GLY B 48 31.44 -16.46 -3.67
N GLY B 49 32.12 -16.23 -2.55
CA GLY B 49 32.48 -17.31 -1.66
C GLY B 49 33.31 -18.38 -2.33
N ARG B 50 34.25 -17.97 -3.19
CA ARG B 50 35.10 -18.91 -3.90
C ARG B 50 36.04 -19.64 -2.93
N ASN B 51 37.21 -20.03 -3.41
CA ASN B 51 38.19 -20.73 -2.59
C ASN B 51 38.89 -19.79 -1.61
N VAL B 52 40.22 -19.85 -1.61
CA VAL B 52 41.06 -19.03 -0.74
C VAL B 52 40.48 -17.64 -0.45
N PHE B 53 40.46 -17.27 0.82
CA PHE B 53 39.95 -15.96 1.25
C PHE B 53 40.58 -15.52 2.57
N ILE B 54 40.31 -14.28 2.96
CA ILE B 54 40.84 -13.74 4.21
C ILE B 54 39.70 -13.28 5.11
N THR B 55 39.98 -13.18 6.41
CA THR B 55 38.99 -12.75 7.39
C THR B 55 38.11 -11.60 6.88
N PRO B 56 36.81 -11.87 6.69
CA PRO B 56 35.86 -10.86 6.21
C PRO B 56 35.83 -9.61 7.08
N ARG B 57 36.57 -9.64 8.19
CA ARG B 57 36.65 -8.52 9.11
C ARG B 57 37.38 -7.35 8.43
N LYS B 58 38.68 -7.54 8.20
CA LYS B 58 39.50 -6.52 7.56
C LYS B 58 39.51 -6.72 6.05
N GLU B 59 38.54 -7.49 5.55
CA GLU B 59 38.44 -7.77 4.12
C GLU B 59 37.14 -7.32 3.49
N ASP B 60 36.00 -7.69 4.09
CA ASP B 60 34.71 -7.32 3.52
C ASP B 60 33.67 -6.77 4.48
N ASP B 61 32.53 -6.39 3.89
CA ASP B 61 31.39 -5.82 4.61
C ASP B 61 31.00 -6.50 5.92
N LYS B 62 30.44 -5.71 6.82
CA LYS B 62 29.98 -6.18 8.13
C LYS B 62 28.57 -5.60 8.32
N VAL B 63 27.68 -6.38 8.95
CA VAL B 63 26.32 -5.92 9.17
C VAL B 63 26.10 -5.39 10.59
N GLU B 64 25.79 -4.10 10.69
CA GLU B 64 25.55 -3.48 11.98
C GLU B 64 24.07 -3.18 12.20
N ILE B 65 23.45 -3.94 13.10
CA ILE B 65 22.04 -3.72 13.44
C ILE B 65 21.90 -2.50 14.35
N THR B 66 21.12 -1.53 13.92
CA THR B 66 20.96 -0.31 14.70
C THR B 66 19.69 -0.30 15.55
N SER B 67 18.77 -1.21 15.28
CA SER B 67 17.51 -1.23 16.02
C SER B 67 16.69 -2.50 15.80
N GLY B 68 15.64 -2.65 16.59
CA GLY B 68 14.75 -3.79 16.48
C GLY B 68 15.28 -5.05 17.14
N VAL B 69 16.41 -4.92 17.84
CA VAL B 69 17.00 -6.07 18.50
C VAL B 69 17.43 -5.76 19.93
N PHE B 70 17.01 -6.60 20.87
CA PHE B 70 17.36 -6.42 22.27
C PHE B 70 17.77 -7.75 22.87
N GLU B 71 19.00 -7.79 23.35
CA GLU B 71 19.56 -8.99 23.96
C GLU B 71 19.48 -10.17 23.00
N ASP B 72 19.81 -9.90 21.74
CA ASP B 72 19.84 -10.91 20.69
C ASP B 72 18.47 -11.48 20.31
N PHE B 73 17.43 -10.70 20.55
CA PHE B 73 16.07 -11.12 20.21
C PHE B 73 15.33 -9.98 19.51
N SER B 74 14.57 -10.33 18.48
CA SER B 74 13.79 -9.34 17.76
C SER B 74 12.80 -8.74 18.76
N THR B 75 12.62 -7.43 18.70
CA THR B 75 11.72 -6.73 19.61
C THR B 75 10.32 -6.56 19.03
N GLY B 76 10.21 -6.75 17.72
CA GLY B 76 8.92 -6.58 17.08
C GLY B 76 8.85 -5.25 16.36
N THR B 77 9.77 -4.34 16.67
CA THR B 77 9.80 -3.03 16.02
C THR B 77 10.79 -3.12 14.85
N PRO B 78 10.87 -2.07 14.03
CA PRO B 78 11.78 -2.07 12.87
C PRO B 78 13.25 -2.45 13.14
N ILE B 79 13.76 -3.34 12.30
CA ILE B 79 15.14 -3.78 12.39
C ILE B 79 15.97 -3.03 11.35
N GLY B 80 16.60 -1.95 11.78
CA GLY B 80 17.42 -1.17 10.87
C GLY B 80 18.82 -1.74 10.84
N PHE B 81 19.49 -1.65 9.71
CA PHE B 81 20.85 -2.17 9.60
C PHE B 81 21.65 -1.42 8.56
N LEU B 82 22.93 -1.23 8.87
CA LEU B 82 23.85 -0.52 7.98
C LEU B 82 24.97 -1.45 7.54
N ILE B 83 25.48 -1.22 6.35
CA ILE B 83 26.58 -2.00 5.82
C ILE B 83 27.63 -1.05 5.27
N HIS B 84 28.79 -1.03 5.93
CA HIS B 84 29.89 -0.16 5.53
C HIS B 84 30.85 -0.92 4.62
N ASN B 85 31.38 -0.24 3.61
CA ASN B 85 32.28 -0.88 2.66
C ASN B 85 33.32 0.05 2.06
N GLN B 86 33.85 -0.34 0.91
CA GLN B 86 34.87 0.41 0.16
C GLN B 86 36.26 0.33 0.77
N ARG B 87 37.27 0.41 -0.09
CA ARG B 87 38.66 0.36 0.34
C ARG B 87 39.59 0.81 -0.80
N ALA B 88 40.58 1.63 -0.45
CA ALA B 88 41.55 2.14 -1.42
C ALA B 88 40.87 3.01 -2.49
N ARG B 89 41.67 3.50 -3.43
CA ARG B 89 41.16 4.34 -4.51
C ARG B 89 41.23 3.59 -5.85
N SER B 90 40.13 3.63 -6.59
CA SER B 90 40.04 2.95 -7.89
C SER B 90 41.04 3.57 -8.87
N LYS B 91 40.91 3.15 -10.14
CA LYS B 91 41.81 3.65 -11.19
C LYS B 91 41.00 4.37 -12.27
N ASP B 92 40.71 3.65 -13.36
CA ASP B 92 39.95 4.23 -14.47
C ASP B 92 38.76 3.34 -14.82
N TYR B 93 39.03 2.21 -15.47
CA TYR B 93 38.01 1.24 -15.85
C TYR B 93 37.01 1.86 -16.84
N ASP B 94 37.14 3.14 -17.11
CA ASP B 94 36.23 3.83 -18.04
C ASP B 94 36.68 5.29 -18.22
N ASN B 95 36.94 5.65 -19.47
CA ASN B 95 37.37 7.02 -19.79
C ASN B 95 36.25 8.01 -19.47
N ILE B 96 35.75 8.67 -20.49
CA ILE B 96 34.66 9.65 -20.30
C ILE B 96 33.39 8.91 -19.86
N LYS B 97 33.04 9.09 -18.59
CA LYS B 97 31.85 8.44 -18.03
C LYS B 97 30.57 9.23 -18.34
N ASN B 98 30.50 9.79 -19.54
CA ASN B 98 29.34 10.56 -19.96
C ASN B 98 28.59 9.85 -21.08
N LEU B 99 28.72 8.53 -21.11
CA LEU B 99 28.05 7.72 -22.13
C LEU B 99 27.26 6.58 -21.49
N PHE B 100 26.32 6.03 -22.24
CA PHE B 100 25.48 4.94 -21.75
C PHE B 100 26.11 3.57 -22.05
N ARG B 101 26.47 2.85 -21.00
CA ARG B 101 27.07 1.54 -21.18
C ARG B 101 26.01 0.53 -21.62
N PRO B 102 26.26 -0.19 -22.72
CA PRO B 102 25.32 -1.18 -23.24
C PRO B 102 24.82 -2.14 -22.16
N SER B 103 23.54 -2.48 -22.24
CA SER B 103 22.87 -3.37 -21.28
C SER B 103 22.86 -2.84 -19.84
N HIS B 104 23.35 -1.63 -19.65
CA HIS B 104 23.33 -1.01 -18.32
C HIS B 104 22.11 -0.09 -18.29
N ALA B 105 21.73 0.35 -17.09
CA ALA B 105 20.58 1.22 -16.92
C ALA B 105 20.89 2.70 -17.06
N ASP B 106 22.12 3.04 -17.42
CA ASP B 106 22.50 4.45 -17.56
C ASP B 106 21.53 5.22 -18.45
N PHE B 107 21.14 4.60 -19.55
CA PHE B 107 20.23 5.21 -20.51
C PHE B 107 18.84 5.53 -19.95
N THR B 108 18.21 4.56 -19.32
CA THR B 108 16.89 4.79 -18.76
C THR B 108 16.93 5.75 -17.56
N TYR B 109 17.89 5.54 -16.66
CA TYR B 109 18.01 6.42 -15.50
C TYR B 109 18.15 7.84 -15.98
N PHE B 110 18.95 8.03 -17.02
CA PHE B 110 19.18 9.36 -17.57
C PHE B 110 17.89 10.00 -18.07
N HIS B 111 17.08 9.24 -18.80
CA HIS B 111 15.83 9.77 -19.32
C HIS B 111 14.73 9.92 -18.27
N LYS B 112 14.64 8.97 -17.35
CA LYS B 112 13.61 9.06 -16.33
C LYS B 112 13.82 10.26 -15.42
N TYR B 113 15.05 10.42 -14.93
CA TYR B 113 15.37 11.50 -14.02
C TYR B 113 16.19 12.66 -14.58
N GLY B 114 16.89 12.42 -15.69
CA GLY B 114 17.69 13.47 -16.31
C GLY B 114 18.87 13.97 -15.49
N ILE B 115 19.44 13.12 -14.66
CA ILE B 115 20.57 13.51 -13.84
C ILE B 115 21.77 12.61 -14.09
N ARG B 116 22.84 13.21 -14.59
CA ARG B 116 24.08 12.52 -14.93
C ARG B 116 24.94 12.24 -13.69
N ASP B 117 24.57 11.22 -12.92
CA ASP B 117 25.32 10.84 -11.74
C ASP B 117 26.38 9.81 -12.11
N PHE B 118 25.94 8.57 -12.29
CA PHE B 118 26.79 7.45 -12.65
C PHE B 118 28.15 7.40 -11.95
N ARG B 119 28.27 6.46 -11.00
CA ARG B 119 29.49 6.26 -10.24
C ARG B 119 29.79 4.76 -10.13
N GLY B 120 30.90 4.33 -10.71
CA GLY B 120 31.27 2.93 -10.69
C GLY B 120 31.35 2.32 -9.31
N GLY B 121 31.72 1.04 -9.25
CA GLY B 121 31.84 0.35 -7.98
C GLY B 121 30.72 -0.67 -7.79
N GLY B 122 30.41 -1.41 -8.84
CA GLY B 122 29.35 -2.39 -8.75
C GLY B 122 27.99 -1.78 -9.05
N ARG B 123 28.00 -0.46 -9.29
CA ARG B 123 26.79 0.29 -9.59
C ARG B 123 25.55 -0.20 -8.84
N SER B 124 24.40 -0.13 -9.51
CA SER B 124 23.12 -0.56 -8.95
C SER B 124 23.21 -1.83 -8.13
N SER B 125 23.43 -2.95 -8.79
CA SER B 125 23.54 -4.24 -8.11
C SER B 125 24.66 -4.23 -7.08
N ALA B 126 25.06 -5.42 -6.62
CA ALA B 126 26.10 -5.54 -5.62
C ALA B 126 25.62 -4.94 -4.30
N ARG B 127 25.56 -3.61 -4.24
CA ARG B 127 25.09 -2.91 -3.04
C ARG B 127 23.71 -3.37 -2.61
N GLU B 128 22.73 -3.21 -3.50
CA GLU B 128 21.37 -3.63 -3.18
C GLU B 128 21.31 -5.08 -2.73
N SER B 129 22.08 -5.94 -3.40
CA SER B 129 22.11 -7.35 -3.05
C SER B 129 22.55 -7.57 -1.61
N ALA B 130 23.49 -6.76 -1.14
CA ALA B 130 23.96 -6.88 0.23
C ALA B 130 22.74 -6.68 1.16
N ILE B 131 21.97 -5.64 0.91
CA ILE B 131 20.78 -5.34 1.70
C ILE B 131 19.79 -6.49 1.60
N ARG B 132 19.59 -7.00 0.39
CA ARG B 132 18.66 -8.11 0.17
C ARG B 132 19.07 -9.38 0.91
N VAL B 133 20.35 -9.71 0.86
CA VAL B 133 20.85 -10.91 1.54
C VAL B 133 20.79 -10.76 3.05
N ALA B 134 21.12 -9.57 3.55
CA ALA B 134 21.07 -9.31 4.99
C ALA B 134 19.63 -9.48 5.47
N ALA B 135 18.69 -8.83 4.76
CA ALA B 135 17.29 -8.92 5.14
C ALA B 135 16.82 -10.37 5.05
N GLY B 136 17.22 -11.07 4.00
CA GLY B 136 16.82 -12.45 3.82
C GLY B 136 17.19 -13.35 4.99
N ALA B 137 18.33 -13.06 5.62
CA ALA B 137 18.78 -13.86 6.76
C ALA B 137 17.78 -13.72 7.91
N PHE B 138 17.18 -12.54 8.05
CA PHE B 138 16.21 -12.34 9.11
C PHE B 138 14.96 -13.17 8.76
N ALA B 139 14.57 -13.13 7.49
CA ALA B 139 13.41 -13.88 7.04
C ALA B 139 13.66 -15.38 7.26
N LYS B 140 14.89 -15.83 6.99
CA LYS B 140 15.19 -17.24 7.19
C LYS B 140 15.03 -17.59 8.66
N MET B 141 15.42 -16.67 9.54
CA MET B 141 15.29 -16.89 10.98
C MET B 141 13.83 -17.09 11.34
N LEU B 142 12.93 -16.33 10.70
CA LEU B 142 11.51 -16.46 10.98
C LEU B 142 10.98 -17.79 10.44
N LEU B 143 11.33 -18.12 9.21
CA LEU B 143 10.88 -19.36 8.59
C LEU B 143 11.30 -20.63 9.33
N ARG B 144 12.50 -20.61 9.91
CA ARG B 144 13.01 -21.75 10.65
C ARG B 144 12.15 -22.07 11.88
N GLU B 145 11.55 -21.03 12.47
CA GLU B 145 10.71 -21.21 13.65
C GLU B 145 9.53 -22.12 13.37
N ILE B 146 9.15 -22.23 12.10
CA ILE B 146 8.04 -23.11 11.73
C ILE B 146 8.50 -24.20 10.76
N GLY B 147 9.80 -24.50 10.80
CA GLY B 147 10.36 -25.56 10.00
C GLY B 147 10.48 -25.41 8.49
N ILE B 148 10.69 -24.18 8.02
CA ILE B 148 10.84 -23.96 6.59
C ILE B 148 12.24 -23.49 6.26
N VAL B 149 12.79 -24.01 5.17
CA VAL B 149 14.14 -23.65 4.74
C VAL B 149 14.16 -23.33 3.25
N CYS B 150 15.04 -22.42 2.86
CA CYS B 150 15.21 -22.04 1.46
C CYS B 150 16.64 -22.34 1.06
N GLU B 151 16.82 -22.84 -0.16
CA GLU B 151 18.15 -23.16 -0.67
C GLU B 151 18.19 -22.85 -2.15
N SER B 152 19.39 -22.86 -2.72
CA SER B 152 19.56 -22.58 -4.13
C SER B 152 20.88 -23.12 -4.65
N GLY B 153 21.10 -22.96 -5.94
CA GLY B 153 22.34 -23.41 -6.55
C GLY B 153 22.30 -23.17 -8.05
N ILE B 154 23.46 -23.28 -8.69
CA ILE B 154 23.54 -23.09 -10.15
C ILE B 154 23.31 -24.41 -10.86
N ILE B 155 22.41 -24.40 -11.83
CA ILE B 155 22.11 -25.60 -12.58
C ILE B 155 22.56 -25.45 -14.02
N GLU B 156 23.08 -24.27 -14.36
CA GLU B 156 23.49 -24.03 -15.72
C GLU B 156 24.35 -22.79 -15.88
N ILE B 157 25.40 -22.93 -16.68
CA ILE B 157 26.32 -21.84 -16.98
C ILE B 157 26.73 -21.96 -18.44
N GLY B 158 26.51 -20.89 -19.20
CA GLY B 158 26.86 -20.93 -20.61
C GLY B 158 26.20 -22.09 -21.31
N GLY B 159 24.99 -22.45 -20.88
CA GLY B 159 24.26 -23.53 -21.53
C GLY B 159 24.62 -24.91 -21.01
N ILE B 160 25.65 -24.99 -20.18
CA ILE B 160 26.08 -26.25 -19.62
C ILE B 160 25.15 -26.58 -18.46
N LYS B 161 24.27 -27.57 -18.69
CA LYS B 161 23.28 -27.96 -17.69
C LYS B 161 23.68 -29.04 -16.70
N ALA B 162 23.06 -28.97 -15.53
CA ALA B 162 23.27 -29.93 -14.47
C ALA B 162 22.21 -31.00 -14.69
N LYS B 163 22.51 -32.23 -14.31
CA LYS B 163 21.55 -33.32 -14.46
C LYS B 163 21.12 -33.80 -13.09
N ASN B 164 22.03 -33.72 -12.13
CA ASN B 164 21.74 -34.13 -10.77
C ASN B 164 21.90 -32.90 -9.90
N TYR B 165 21.14 -32.84 -8.81
CA TYR B 165 21.21 -31.69 -7.92
C TYR B 165 21.66 -32.06 -6.52
N ASP B 166 22.68 -31.37 -6.03
CA ASP B 166 23.20 -31.60 -4.69
C ASP B 166 23.45 -30.23 -4.06
N PHE B 167 22.53 -29.80 -3.20
CA PHE B 167 22.68 -28.49 -2.57
C PHE B 167 23.82 -28.39 -1.58
N ASN B 168 24.26 -29.51 -1.03
CA ASN B 168 25.39 -29.49 -0.10
C ASN B 168 26.65 -29.21 -0.90
N HIS B 169 26.72 -29.85 -2.07
CA HIS B 169 27.87 -29.68 -2.94
C HIS B 169 27.95 -28.26 -3.50
N ALA B 170 26.79 -27.63 -3.65
CA ALA B 170 26.75 -26.26 -4.16
C ALA B 170 27.31 -25.30 -3.12
N LEU B 171 26.94 -25.53 -1.86
CA LEU B 171 27.39 -24.69 -0.76
C LEU B 171 28.91 -24.49 -0.71
N LYS B 172 29.67 -25.54 -0.99
CA LYS B 172 31.12 -25.40 -0.94
C LYS B 172 31.76 -25.26 -2.32
N SER B 173 30.95 -25.11 -3.36
CA SER B 173 31.47 -24.96 -4.71
C SER B 173 31.77 -23.49 -5.05
N GLU B 174 32.90 -23.26 -5.71
CA GLU B 174 33.30 -21.91 -6.11
C GLU B 174 32.23 -21.23 -6.95
N ILE B 175 31.42 -22.03 -7.64
CA ILE B 175 30.36 -21.48 -8.48
C ILE B 175 28.99 -22.02 -8.11
N PHE B 176 28.86 -22.47 -6.86
CA PHE B 176 27.59 -22.99 -6.35
C PHE B 176 26.95 -24.00 -7.29
N ALA B 177 27.75 -24.75 -8.03
CA ALA B 177 27.23 -25.76 -8.95
C ALA B 177 26.50 -26.87 -8.19
N LEU B 178 25.42 -27.35 -8.77
CA LEU B 178 24.62 -28.42 -8.15
C LEU B 178 25.01 -29.80 -8.64
N ASP B 179 25.68 -29.87 -9.78
CA ASP B 179 26.12 -31.14 -10.36
C ASP B 179 27.65 -31.18 -10.39
N GLU B 180 28.26 -31.97 -9.53
CA GLU B 180 29.73 -32.05 -9.47
C GLU B 180 30.34 -32.62 -10.76
N GLU B 181 29.57 -33.41 -11.49
CA GLU B 181 30.05 -34.00 -12.73
C GLU B 181 29.95 -33.04 -13.92
N GLN B 182 29.48 -31.82 -13.66
CA GLN B 182 29.35 -30.82 -14.71
C GLN B 182 30.10 -29.57 -14.30
N GLU B 183 30.46 -29.50 -13.02
CA GLU B 183 31.15 -28.33 -12.49
C GLU B 183 32.39 -27.89 -13.27
N GLU B 184 33.31 -28.80 -13.51
CA GLU B 184 34.52 -28.46 -14.23
C GLU B 184 34.26 -27.82 -15.59
N ALA B 185 33.33 -28.38 -16.36
CA ALA B 185 33.03 -27.82 -17.66
C ALA B 185 32.46 -26.41 -17.47
N GLN B 186 31.60 -26.26 -16.46
CA GLN B 186 30.99 -24.98 -16.16
C GLN B 186 32.05 -23.95 -15.77
N LYS B 187 33.02 -24.37 -14.96
CA LYS B 187 34.10 -23.47 -14.55
C LYS B 187 34.96 -23.11 -15.76
N THR B 188 35.22 -24.10 -16.61
CA THR B 188 36.01 -23.88 -17.81
C THR B 188 35.36 -22.82 -18.70
N ALA B 189 34.03 -22.79 -18.70
CA ALA B 189 33.29 -21.82 -19.49
C ALA B 189 33.51 -20.43 -18.90
N ILE B 190 33.60 -20.37 -17.59
CA ILE B 190 33.83 -19.10 -16.91
C ILE B 190 35.22 -18.58 -17.21
N GLN B 191 36.20 -19.49 -17.24
CA GLN B 191 37.58 -19.09 -17.51
C GLN B 191 37.73 -18.58 -18.94
N ASN B 192 36.97 -19.13 -19.87
CA ASN B 192 37.05 -18.70 -21.26
C ASN B 192 36.42 -17.34 -21.43
N ALA B 193 35.40 -17.06 -20.64
CA ALA B 193 34.72 -15.76 -20.70
C ALA B 193 35.72 -14.68 -20.27
N ILE B 194 36.39 -14.93 -19.16
CA ILE B 194 37.39 -14.01 -18.61
C ILE B 194 38.52 -13.80 -19.61
N LYS B 195 38.97 -14.91 -20.21
CA LYS B 195 40.05 -14.88 -21.18
C LYS B 195 39.70 -14.01 -22.38
N ASN B 196 38.47 -14.16 -22.87
CA ASN B 196 38.02 -13.40 -24.03
C ASN B 196 37.44 -12.04 -23.63
N HIS B 197 37.53 -11.71 -22.36
CA HIS B 197 37.00 -10.43 -21.88
C HIS B 197 35.50 -10.36 -22.20
N ASP B 198 34.80 -11.47 -22.02
CA ASP B 198 33.37 -11.52 -22.29
C ASP B 198 32.62 -11.99 -21.04
N SER B 199 31.34 -12.30 -21.20
CA SER B 199 30.52 -12.77 -20.08
C SER B 199 29.51 -13.81 -20.55
N ILE B 200 29.02 -14.62 -19.62
CA ILE B 200 28.04 -15.65 -19.93
C ILE B 200 26.85 -15.65 -18.98
N GLY B 201 25.72 -16.13 -19.49
CA GLY B 201 24.51 -16.18 -18.68
C GLY B 201 24.48 -17.48 -17.90
N GLY B 202 23.49 -17.60 -17.03
CA GLY B 202 23.36 -18.80 -16.22
C GLY B 202 21.93 -18.97 -15.77
N VAL B 203 21.65 -20.10 -15.14
CA VAL B 203 20.31 -20.37 -14.65
C VAL B 203 20.45 -20.81 -13.21
N ALA B 204 19.73 -20.15 -12.32
CA ALA B 204 19.78 -20.52 -10.92
C ALA B 204 18.52 -21.30 -10.57
N LEU B 205 18.64 -22.20 -9.62
CA LEU B 205 17.51 -22.99 -9.15
C LEU B 205 17.31 -22.64 -7.69
N ILE B 206 16.09 -22.29 -7.32
CA ILE B 206 15.81 -21.94 -5.95
C ILE B 206 14.69 -22.83 -5.44
N ARG B 207 14.83 -23.27 -4.20
CA ARG B 207 13.85 -24.16 -3.62
C ARG B 207 13.54 -23.87 -2.15
N ALA B 208 12.29 -24.12 -1.77
CA ALA B 208 11.86 -23.93 -0.40
C ALA B 208 11.30 -25.29 0.02
N ARG B 209 11.70 -25.76 1.20
CA ARG B 209 11.22 -27.05 1.67
C ARG B 209 11.06 -27.09 3.17
N SER B 210 10.42 -28.14 3.65
CA SER B 210 10.20 -28.33 5.08
C SER B 210 11.40 -29.03 5.66
N ILE B 211 11.92 -28.53 6.79
CA ILE B 211 13.09 -29.12 7.44
C ILE B 211 12.84 -30.57 7.82
N LYS B 212 11.64 -30.85 8.30
CA LYS B 212 11.27 -32.21 8.68
C LYS B 212 11.31 -33.14 7.47
N THR B 213 12.00 -34.27 7.60
CA THR B 213 12.12 -35.25 6.53
C THR B 213 10.75 -35.63 5.96
N ASN B 214 10.63 -35.56 4.64
CA ASN B 214 9.38 -35.87 3.95
C ASN B 214 8.19 -35.32 4.74
N GLN B 215 8.20 -34.00 4.90
CA GLN B 215 7.16 -33.27 5.62
C GLN B 215 6.79 -32.13 4.67
N LYS B 216 5.48 -31.87 4.54
CA LYS B 216 5.00 -30.83 3.64
C LYS B 216 5.06 -29.41 4.17
N LEU B 217 5.16 -28.46 3.25
CA LEU B 217 5.18 -27.04 3.60
C LEU B 217 3.74 -26.66 3.91
N PRO B 218 3.51 -25.47 4.51
CA PRO B 218 2.14 -25.07 4.81
C PRO B 218 1.32 -24.99 3.52
N ILE B 219 0.09 -25.48 3.57
CA ILE B 219 -0.80 -25.47 2.41
C ILE B 219 -1.74 -24.28 2.46
N GLY B 220 -1.69 -23.43 1.42
CA GLY B 220 -2.55 -22.26 1.39
C GLY B 220 -1.81 -20.93 1.39
N LEU B 221 -0.49 -20.96 1.30
CA LEU B 221 0.26 -19.70 1.27
C LEU B 221 0.01 -18.99 -0.07
N GLY B 222 -0.35 -17.72 0.01
CA GLY B 222 -0.67 -16.93 -1.16
C GLY B 222 -1.91 -16.15 -0.78
N GLN B 223 -2.05 -14.92 -1.23
CA GLN B 223 -3.21 -14.12 -0.85
C GLN B 223 -4.08 -13.62 -2.01
N GLY B 224 -5.33 -14.08 -2.00
CA GLY B 224 -6.28 -13.68 -3.01
C GLY B 224 -5.76 -13.80 -4.42
N LEU B 225 -6.41 -13.09 -5.35
CA LEU B 225 -6.07 -13.11 -6.76
C LEU B 225 -4.85 -12.28 -7.19
N TYR B 226 -4.65 -11.13 -6.57
CA TYR B 226 -3.55 -10.27 -6.96
C TYR B 226 -2.29 -10.31 -6.09
N ALA B 227 -2.23 -11.27 -5.19
CA ALA B 227 -1.04 -11.46 -4.36
C ALA B 227 -0.81 -12.96 -4.23
N LYS B 228 -0.95 -13.68 -5.34
CA LYS B 228 -0.73 -15.13 -5.37
C LYS B 228 0.75 -15.39 -5.10
N LEU B 229 1.04 -16.55 -4.52
CA LEU B 229 2.41 -16.92 -4.19
C LEU B 229 3.35 -16.90 -5.40
N ASP B 230 2.97 -17.55 -6.48
CA ASP B 230 3.83 -17.57 -7.65
C ASP B 230 3.98 -16.19 -8.28
N ALA B 231 2.93 -15.39 -8.21
CA ALA B 231 2.97 -14.03 -8.75
C ALA B 231 4.02 -13.19 -8.02
N LYS B 232 4.05 -13.32 -6.69
CA LYS B 232 4.99 -12.55 -5.87
C LYS B 232 6.42 -13.10 -5.98
N ILE B 233 6.57 -14.39 -6.22
CA ILE B 233 7.90 -14.94 -6.39
C ILE B 233 8.41 -14.35 -7.69
N ALA B 234 7.60 -14.46 -8.74
CA ALA B 234 7.99 -13.93 -10.05
C ALA B 234 8.37 -12.46 -9.98
N GLU B 235 7.55 -11.67 -9.27
CA GLU B 235 7.79 -10.25 -9.13
C GLU B 235 9.15 -9.98 -8.50
N ALA B 236 9.47 -10.73 -7.44
CA ALA B 236 10.73 -10.53 -6.75
C ALA B 236 11.92 -10.93 -7.62
N MET B 237 11.85 -12.10 -8.23
CA MET B 237 12.93 -12.58 -9.07
C MET B 237 13.19 -11.69 -10.27
N MET B 238 12.15 -11.45 -11.06
CA MET B 238 12.28 -10.64 -12.25
C MET B 238 12.84 -9.26 -11.93
N GLY B 239 12.65 -8.83 -10.68
CA GLY B 239 13.13 -7.52 -10.26
C GLY B 239 14.64 -7.45 -10.09
N LEU B 240 15.31 -8.60 -10.06
CA LEU B 240 16.76 -8.63 -9.91
C LEU B 240 17.38 -8.22 -11.22
N ASN B 241 18.35 -7.31 -11.20
CA ASN B 241 18.99 -6.88 -12.43
C ASN B 241 19.65 -8.09 -13.09
N GLY B 242 19.36 -8.29 -14.37
CA GLY B 242 19.92 -9.40 -15.10
C GLY B 242 18.95 -10.53 -15.37
N VAL B 243 17.85 -10.58 -14.63
CA VAL B 243 16.87 -11.64 -14.81
C VAL B 243 15.96 -11.34 -16.00
N LYS B 244 15.80 -12.30 -16.91
CA LYS B 244 14.94 -12.08 -18.08
C LYS B 244 13.79 -13.07 -18.17
N ALA B 245 13.73 -14.02 -17.25
CA ALA B 245 12.66 -15.01 -17.24
C ALA B 245 12.62 -15.72 -15.91
N VAL B 246 11.43 -16.11 -15.50
CA VAL B 246 11.24 -16.81 -14.25
C VAL B 246 10.33 -17.98 -14.54
N GLU B 247 10.67 -19.15 -14.00
CA GLU B 247 9.89 -20.36 -14.18
C GLU B 247 9.51 -20.93 -12.83
N ILE B 248 8.34 -21.56 -12.76
CA ILE B 248 7.88 -22.19 -11.53
C ILE B 248 7.66 -23.68 -11.89
N GLY B 249 8.31 -24.57 -11.16
CA GLY B 249 8.13 -26.00 -11.44
C GLY B 249 8.48 -26.34 -12.87
N LYS B 250 7.59 -27.08 -13.53
CA LYS B 250 7.78 -27.50 -14.91
C LYS B 250 8.09 -26.30 -15.83
N GLY B 251 7.76 -25.10 -15.36
CA GLY B 251 8.03 -23.89 -16.11
C GLY B 251 7.70 -23.88 -17.59
N VAL B 252 8.69 -23.52 -18.42
CA VAL B 252 8.51 -23.44 -19.87
C VAL B 252 8.28 -24.77 -20.57
N GLU B 253 8.52 -25.89 -19.88
CA GLU B 253 8.29 -27.20 -20.47
C GLU B 253 6.80 -27.49 -20.41
N SER B 254 6.09 -26.77 -19.55
CA SER B 254 4.65 -26.94 -19.37
C SER B 254 3.90 -26.69 -20.66
N SER B 255 4.27 -25.64 -21.37
CA SER B 255 3.62 -25.29 -22.61
C SER B 255 3.81 -26.32 -23.72
N LEU B 256 4.67 -27.31 -23.48
CA LEU B 256 4.97 -28.34 -24.47
C LEU B 256 4.27 -29.66 -24.20
N LEU B 257 3.60 -29.75 -23.06
CA LEU B 257 2.91 -30.98 -22.67
C LEU B 257 1.42 -30.98 -22.93
N LYS B 258 0.84 -32.17 -22.87
CA LYS B 258 -0.60 -32.34 -23.06
C LYS B 258 -1.14 -32.59 -21.65
N GLY B 259 -2.44 -32.41 -21.48
CA GLY B 259 -3.04 -32.61 -20.18
C GLY B 259 -2.77 -34.01 -19.65
N SER B 260 -3.05 -35.01 -20.47
CA SER B 260 -2.85 -36.40 -20.09
C SER B 260 -1.41 -36.65 -19.64
N GLU B 261 -0.48 -35.83 -20.10
CA GLU B 261 0.92 -35.96 -19.72
C GLU B 261 1.12 -35.19 -18.42
N TYR B 262 0.82 -33.89 -18.48
CA TYR B 262 0.94 -32.99 -17.34
C TYR B 262 -0.12 -33.31 -16.28
N ASN B 263 -1.04 -32.37 -16.08
CA ASN B 263 -2.13 -32.48 -15.11
C ASN B 263 -1.77 -33.26 -13.85
N ASP B 264 -1.57 -32.52 -12.76
CA ASP B 264 -1.21 -33.10 -11.47
C ASP B 264 -2.39 -33.81 -10.79
N LEU B 265 -2.06 -34.72 -9.88
CA LEU B 265 -3.06 -35.49 -9.14
C LEU B 265 -2.69 -35.46 -7.66
N MET B 266 -3.59 -35.96 -6.81
CA MET B 266 -3.36 -35.98 -5.37
C MET B 266 -3.69 -37.32 -4.74
N ASP B 267 -3.71 -37.35 -3.41
CA ASP B 267 -4.02 -38.56 -2.65
C ASP B 267 -4.63 -38.15 -1.30
N GLN B 268 -3.77 -37.76 -0.36
CA GLN B 268 -4.23 -37.34 0.96
C GLN B 268 -3.20 -36.49 1.72
N LYS B 269 -2.25 -35.90 0.98
CA LYS B 269 -1.23 -35.05 1.60
C LYS B 269 -0.71 -33.97 0.66
N GLY B 270 0.16 -34.34 -0.26
CA GLY B 270 0.70 -33.37 -1.20
C GLY B 270 1.19 -33.98 -2.50
N PHE B 271 0.65 -33.50 -3.62
CA PHE B 271 1.00 -33.96 -4.97
C PHE B 271 2.34 -34.68 -5.08
N LEU B 272 2.36 -35.76 -5.86
CA LEU B 272 3.59 -36.53 -6.06
C LEU B 272 4.51 -35.80 -7.03
N SER B 273 4.18 -35.86 -8.32
CA SER B 273 4.98 -35.19 -9.34
C SER B 273 4.90 -33.68 -9.12
N ASN B 274 6.03 -33.08 -8.77
CA ASN B 274 6.07 -31.65 -8.49
C ASN B 274 6.25 -30.79 -9.74
N ARG B 275 5.29 -30.89 -10.66
CA ARG B 275 5.34 -30.10 -11.88
C ARG B 275 4.81 -28.70 -11.61
N SER B 276 4.03 -28.56 -10.54
CA SER B 276 3.46 -27.29 -10.13
C SER B 276 4.54 -26.41 -9.52
N GLY B 277 5.60 -27.03 -9.03
CA GLY B 277 6.66 -26.27 -8.40
C GLY B 277 6.20 -25.84 -7.02
N GLY B 278 5.27 -26.61 -6.44
CA GLY B 278 4.77 -26.31 -5.12
C GLY B 278 3.69 -25.24 -5.06
N VAL B 279 3.24 -24.77 -6.22
CA VAL B 279 2.22 -23.72 -6.25
C VAL B 279 1.08 -24.08 -7.21
N LEU B 280 -0.13 -24.17 -6.66
CA LEU B 280 -1.30 -24.51 -7.47
C LEU B 280 -2.45 -23.53 -7.23
N GLY B 281 -2.97 -22.96 -8.32
CA GLY B 281 -4.06 -22.01 -8.19
C GLY B 281 -3.60 -20.76 -7.48
N GLY B 282 -2.31 -20.45 -7.61
CA GLY B 282 -1.76 -19.27 -6.96
C GLY B 282 -1.38 -19.50 -5.52
N MET B 283 -1.61 -20.71 -5.01
CA MET B 283 -1.29 -21.03 -3.61
C MET B 283 -0.34 -22.22 -3.45
N SER B 284 0.29 -22.32 -2.28
CA SER B 284 1.22 -23.43 -2.02
C SER B 284 0.41 -24.71 -1.83
N ASN B 285 0.79 -25.78 -2.51
CA ASN B 285 0.06 -27.04 -2.38
C ASN B 285 0.71 -27.98 -1.39
N GLY B 286 1.76 -27.52 -0.74
CA GLY B 286 2.45 -28.36 0.24
C GLY B 286 3.74 -28.94 -0.27
N GLU B 287 3.83 -29.10 -1.59
CA GLU B 287 5.04 -29.65 -2.19
C GLU B 287 6.17 -28.62 -2.19
N GLU B 288 7.37 -29.06 -2.54
CA GLU B 288 8.53 -28.16 -2.57
C GLU B 288 8.30 -27.06 -3.60
N ILE B 289 8.70 -25.85 -3.25
CA ILE B 289 8.54 -24.73 -4.17
C ILE B 289 9.80 -24.73 -5.01
N ILE B 290 9.64 -24.87 -6.32
CA ILE B 290 10.78 -24.91 -7.23
C ILE B 290 10.77 -23.73 -8.20
N VAL B 291 11.84 -22.95 -8.18
CA VAL B 291 11.95 -21.79 -9.05
C VAL B 291 13.26 -21.75 -9.84
N ARG B 292 13.14 -21.40 -11.12
CA ARG B 292 14.28 -21.26 -12.03
C ARG B 292 14.33 -19.80 -12.46
N VAL B 293 15.51 -19.20 -12.37
CA VAL B 293 15.70 -17.81 -12.71
C VAL B 293 16.77 -17.69 -13.80
N HIS B 294 16.41 -17.07 -14.92
CA HIS B 294 17.37 -16.92 -16.02
C HIS B 294 18.10 -15.57 -16.05
N PHE B 295 19.43 -15.63 -15.96
CA PHE B 295 20.25 -14.43 -15.98
C PHE B 295 20.93 -14.23 -17.33
N LYS B 296 20.86 -13.01 -17.85
CA LYS B 296 21.52 -12.67 -19.10
C LYS B 296 23.00 -12.54 -18.72
N PRO B 297 23.91 -12.56 -19.71
CA PRO B 297 25.33 -12.42 -19.39
C PRO B 297 25.62 -11.01 -18.86
N THR B 298 26.63 -10.89 -18.01
CA THR B 298 27.01 -9.61 -17.42
C THR B 298 27.11 -8.50 -18.48
N PRO B 299 26.55 -7.32 -18.18
CA PRO B 299 26.60 -6.20 -19.12
C PRO B 299 28.02 -5.69 -19.38
N SER B 300 28.77 -5.44 -18.31
CA SER B 300 30.13 -4.92 -18.41
C SER B 300 31.19 -5.91 -18.91
N ILE B 301 31.73 -5.62 -20.10
CA ILE B 301 32.77 -6.44 -20.71
C ILE B 301 33.90 -5.54 -21.20
N PHE B 302 35.14 -6.00 -21.05
CA PHE B 302 36.31 -5.23 -21.48
C PHE B 302 36.47 -5.34 -23.00
N GLN B 303 35.46 -4.88 -23.72
CA GLN B 303 35.47 -4.91 -25.18
C GLN B 303 34.88 -3.62 -25.73
N PRO B 304 35.25 -3.27 -26.97
CA PRO B 304 34.73 -2.04 -27.59
C PRO B 304 33.29 -2.21 -28.08
N GLN B 305 32.38 -1.43 -27.52
CA GLN B 305 30.99 -1.50 -27.90
C GLN B 305 30.53 -0.15 -28.45
N ARG B 306 29.66 -0.17 -29.45
CA ARG B 306 29.12 1.05 -30.03
C ARG B 306 28.01 1.57 -29.13
N THR B 307 27.98 2.88 -28.93
CA THR B 307 26.95 3.49 -28.11
C THR B 307 27.04 5.01 -28.20
N ILE B 308 26.07 5.71 -27.64
CA ILE B 308 26.06 7.16 -27.68
C ILE B 308 26.38 7.74 -26.31
N ASP B 309 26.47 9.05 -26.23
CA ASP B 309 26.76 9.73 -24.97
C ASP B 309 25.58 10.63 -24.59
N ILE B 310 25.66 11.23 -23.41
CA ILE B 310 24.60 12.10 -22.91
C ILE B 310 24.12 13.14 -23.93
N ASN B 311 24.91 13.37 -24.97
CA ASN B 311 24.54 14.34 -25.99
C ASN B 311 24.05 13.74 -27.30
N GLY B 312 24.22 12.43 -27.47
CA GLY B 312 23.75 11.78 -28.68
C GLY B 312 24.81 11.30 -29.66
N ASN B 313 25.92 12.02 -29.74
CA ASN B 313 27.01 11.66 -30.65
C ASN B 313 27.44 10.20 -30.44
N GLU B 314 27.85 9.54 -31.52
CA GLU B 314 28.28 8.16 -31.43
C GLU B 314 29.69 8.10 -30.84
N CYS B 315 29.92 7.17 -29.92
CA CYS B 315 31.23 7.02 -29.30
C CYS B 315 31.50 5.56 -28.91
N GLU B 316 32.75 5.29 -28.55
CA GLU B 316 33.15 3.93 -28.18
C GLU B 316 33.24 3.71 -26.68
N CYS B 317 32.55 2.68 -26.20
CA CYS B 317 32.55 2.34 -24.79
C CYS B 317 33.55 1.21 -24.56
N LEU B 318 34.62 1.53 -23.84
CA LEU B 318 35.65 0.55 -23.53
C LEU B 318 35.79 0.49 -22.01
N LEU B 319 35.26 -0.58 -21.42
CA LEU B 319 35.30 -0.76 -19.97
C LEU B 319 36.51 -1.59 -19.54
N LYS B 320 37.58 -0.91 -19.15
CA LYS B 320 38.79 -1.58 -18.72
C LYS B 320 38.54 -2.33 -17.41
N GLY B 321 39.52 -3.12 -17.00
CA GLY B 321 39.41 -3.87 -15.76
C GLY B 321 38.75 -5.22 -15.86
N ARG B 322 38.78 -5.95 -14.75
CA ARG B 322 38.18 -7.28 -14.67
C ARG B 322 36.75 -7.11 -14.19
N HIS B 323 35.81 -7.79 -14.86
CA HIS B 323 34.41 -7.72 -14.50
C HIS B 323 33.89 -9.11 -14.14
N ASP B 324 32.68 -9.17 -13.60
CA ASP B 324 32.09 -10.45 -13.23
C ASP B 324 31.69 -11.18 -14.50
N PRO B 325 32.27 -12.34 -14.75
CA PRO B 325 31.95 -13.12 -15.95
C PRO B 325 30.55 -13.74 -15.97
N CYS B 326 29.97 -13.99 -14.80
CA CYS B 326 28.65 -14.61 -14.73
C CYS B 326 27.88 -14.22 -13.47
N ILE B 327 27.05 -13.18 -13.56
CA ILE B 327 26.28 -12.71 -12.41
C ILE B 327 25.30 -13.73 -11.86
N ALA B 328 24.89 -14.69 -12.69
CA ALA B 328 23.96 -15.72 -12.24
C ALA B 328 24.44 -16.35 -10.94
N ILE B 329 25.76 -16.52 -10.81
CA ILE B 329 26.33 -17.15 -9.63
C ILE B 329 25.98 -16.39 -8.34
N ARG B 330 26.41 -15.14 -8.24
CA ARG B 330 26.09 -14.35 -7.06
C ARG B 330 24.57 -14.12 -6.99
N GLY B 331 23.95 -13.93 -8.15
CA GLY B 331 22.52 -13.73 -8.19
C GLY B 331 21.73 -14.88 -7.60
N SER B 332 22.29 -16.10 -7.65
CA SER B 332 21.58 -17.26 -7.11
C SER B 332 21.34 -17.11 -5.60
N VAL B 333 22.29 -16.47 -4.91
CA VAL B 333 22.18 -16.25 -3.47
C VAL B 333 21.10 -15.20 -3.18
N VAL B 334 21.04 -14.18 -4.02
CA VAL B 334 20.05 -13.12 -3.86
C VAL B 334 18.64 -13.69 -4.08
N CYS B 335 18.47 -14.52 -5.11
CA CYS B 335 17.17 -15.14 -5.37
C CYS B 335 16.73 -15.97 -4.18
N GLU B 336 17.70 -16.61 -3.53
CA GLU B 336 17.42 -17.45 -2.37
C GLU B 336 16.89 -16.55 -1.25
N SER B 337 17.54 -15.41 -1.08
CA SER B 337 17.12 -14.46 -0.06
C SER B 337 15.74 -13.90 -0.39
N LEU B 338 15.51 -13.56 -1.64
CA LEU B 338 14.21 -13.02 -2.06
C LEU B 338 13.07 -14.02 -1.82
N LEU B 339 13.34 -15.31 -2.02
CA LEU B 339 12.31 -16.30 -1.79
C LEU B 339 12.02 -16.33 -0.29
N ALA B 340 13.06 -16.22 0.53
CA ALA B 340 12.89 -16.21 1.97
C ALA B 340 11.98 -15.05 2.37
N LEU B 341 12.32 -13.85 1.89
CA LEU B 341 11.53 -12.66 2.19
C LEU B 341 10.05 -12.81 1.78
N VAL B 342 9.81 -13.30 0.57
CA VAL B 342 8.45 -13.47 0.09
C VAL B 342 7.66 -14.51 0.87
N LEU B 343 8.28 -15.66 1.10
CA LEU B 343 7.62 -16.75 1.81
C LEU B 343 7.29 -16.31 3.24
N ALA B 344 8.24 -15.62 3.89
CA ALA B 344 8.01 -15.16 5.26
C ALA B 344 6.83 -14.19 5.27
N ASP B 345 6.78 -13.32 4.27
CA ASP B 345 5.69 -12.34 4.16
C ASP B 345 4.38 -13.11 4.11
N MET B 346 4.34 -14.12 3.23
CA MET B 346 3.16 -14.96 3.04
C MET B 346 2.78 -15.73 4.30
N VAL B 347 3.77 -16.21 5.04
CA VAL B 347 3.48 -16.95 6.25
C VAL B 347 2.71 -16.03 7.22
N LEU B 348 3.14 -14.77 7.28
CA LEU B 348 2.52 -13.78 8.15
C LEU B 348 1.09 -13.42 7.71
N LEU B 349 0.93 -13.08 6.44
CA LEU B 349 -0.38 -12.72 5.91
C LEU B 349 -1.42 -13.83 6.09
N ASN B 350 -0.96 -15.08 6.03
CA ASN B 350 -1.85 -16.22 6.16
C ASN B 350 -2.48 -16.36 7.54
N LEU B 351 -1.85 -15.75 8.55
CA LEU B 351 -2.34 -15.79 9.92
C LEU B 351 -3.77 -15.26 10.08
N THR B 352 -4.24 -14.50 9.10
CA THR B 352 -5.57 -13.90 9.15
C THR B 352 -6.65 -14.71 8.45
N SER B 353 -6.29 -15.87 7.92
CA SER B 353 -7.23 -16.68 7.15
C SER B 353 -8.46 -17.28 7.81
N LYS B 354 -8.31 -17.95 8.94
CA LYS B 354 -9.46 -18.56 9.60
C LYS B 354 -9.83 -17.87 10.91
N ILE B 355 -11.12 -17.67 11.14
CA ILE B 355 -11.56 -17.02 12.37
C ILE B 355 -11.03 -17.77 13.59
N GLU B 356 -10.86 -19.08 13.46
CA GLU B 356 -10.35 -19.90 14.55
C GLU B 356 -8.96 -19.41 14.95
N TYR B 357 -8.20 -18.88 13.99
CA TYR B 357 -6.87 -18.38 14.29
C TYR B 357 -6.99 -17.22 15.28
N LEU B 358 -7.91 -16.30 14.98
CA LEU B 358 -8.13 -15.12 15.82
C LEU B 358 -8.59 -15.51 17.20
N LYS B 359 -9.56 -16.42 17.27
CA LYS B 359 -10.08 -16.88 18.55
C LYS B 359 -8.95 -17.49 19.38
N THR B 360 -8.16 -18.37 18.76
CA THR B 360 -7.06 -19.01 19.46
C THR B 360 -6.08 -18.01 20.03
N ILE B 361 -5.82 -16.93 19.30
CA ILE B 361 -4.89 -15.92 19.76
C ILE B 361 -5.47 -14.93 20.75
N TYR B 362 -6.70 -14.48 20.51
CA TYR B 362 -7.36 -13.51 21.38
C TYR B 362 -8.15 -14.08 22.56
N ASN B 363 -9.04 -15.04 22.28
CA ASN B 363 -9.87 -15.64 23.31
C ASN B 363 -9.12 -16.61 24.23
N GLU B 364 -7.93 -17.04 23.81
CA GLU B 364 -7.11 -17.95 24.60
C GLU B 364 -5.78 -17.29 24.94
N ASN B 365 -5.87 -16.04 25.41
CA ASN B 365 -4.71 -15.24 25.78
C ASN B 365 -5.16 -13.96 26.48
N MET C 1 -5.66 -10.35 -1.43
CA MET C 1 -5.45 -9.04 -2.08
C MET C 1 -6.26 -8.98 -3.36
N ASN C 2 -7.39 -8.26 -3.33
CA ASN C 2 -8.28 -8.14 -4.48
C ASN C 2 -8.04 -6.86 -5.27
N THR C 3 -6.86 -6.26 -5.12
CA THR C 3 -6.52 -5.04 -5.85
C THR C 3 -5.23 -5.15 -6.66
N LEU C 4 -5.29 -4.73 -7.92
CA LEU C 4 -4.13 -4.73 -8.80
C LEU C 4 -3.80 -3.27 -9.11
N GLY C 5 -2.53 -2.89 -8.99
CA GLY C 5 -2.13 -1.52 -9.29
C GLY C 5 -1.82 -0.64 -8.10
N ARG C 6 -1.04 0.41 -8.34
CA ARG C 6 -0.62 1.37 -7.32
C ARG C 6 -1.42 2.69 -7.41
N PHE C 7 -1.41 3.33 -8.59
CA PHE C 7 -2.15 4.57 -8.85
C PHE C 7 -3.43 4.20 -9.60
N LEU C 8 -3.29 3.44 -10.68
CA LEU C 8 -4.44 2.97 -11.42
C LEU C 8 -4.72 1.64 -10.74
N ARG C 9 -5.72 1.63 -9.87
CA ARG C 9 -6.04 0.44 -9.08
C ARG C 9 -7.34 -0.28 -9.41
N LEU C 10 -7.19 -1.53 -9.84
CA LEU C 10 -8.31 -2.39 -10.18
C LEU C 10 -8.66 -3.30 -9.01
N THR C 11 -9.87 -3.16 -8.48
CA THR C 11 -10.30 -4.00 -7.37
C THR C 11 -11.47 -4.90 -7.78
N THR C 12 -11.39 -6.17 -7.41
CA THR C 12 -12.44 -7.10 -7.81
C THR C 12 -13.34 -7.63 -6.70
N PHE C 13 -14.56 -7.99 -7.07
CA PHE C 13 -15.51 -8.56 -6.12
C PHE C 13 -15.06 -9.97 -5.80
N GLY C 14 -14.08 -10.45 -6.55
CA GLY C 14 -13.56 -11.78 -6.32
C GLY C 14 -14.45 -12.93 -6.74
N GLU C 15 -13.95 -14.13 -6.47
CA GLU C 15 -14.64 -15.38 -6.79
C GLU C 15 -16.12 -15.36 -6.39
N SER C 16 -16.98 -15.72 -7.35
CA SER C 16 -18.42 -15.74 -7.12
C SER C 16 -19.19 -16.52 -8.19
N HIS C 17 -20.21 -17.25 -7.76
CA HIS C 17 -21.02 -18.03 -8.70
C HIS C 17 -22.44 -17.51 -8.88
N GLY C 18 -22.61 -16.19 -8.74
CA GLY C 18 -23.91 -15.59 -8.90
C GLY C 18 -24.08 -15.07 -10.32
N ASP C 19 -25.24 -14.48 -10.61
CA ASP C 19 -25.51 -13.97 -11.95
C ASP C 19 -24.80 -12.64 -12.23
N VAL C 20 -24.01 -12.17 -11.27
CA VAL C 20 -23.31 -10.90 -11.45
C VAL C 20 -21.95 -10.84 -10.78
N ILE C 21 -20.98 -10.26 -11.48
CA ILE C 21 -19.62 -10.08 -10.98
C ILE C 21 -19.30 -8.60 -11.15
N GLY C 22 -18.58 -8.01 -10.18
CA GLY C 22 -18.27 -6.60 -10.28
C GLY C 22 -16.82 -6.21 -10.05
N GLY C 23 -16.48 -5.01 -10.46
CA GLY C 23 -15.14 -4.50 -10.28
C GLY C 23 -15.16 -2.99 -10.28
N VAL C 24 -14.04 -2.39 -9.89
CA VAL C 24 -13.97 -0.94 -9.87
C VAL C 24 -12.55 -0.49 -10.23
N LEU C 25 -12.47 0.41 -11.20
CA LEU C 25 -11.18 0.92 -11.62
C LEU C 25 -11.01 2.32 -11.07
N ASP C 26 -10.05 2.45 -10.15
CA ASP C 26 -9.78 3.70 -9.50
C ASP C 26 -8.49 4.33 -10.07
N GLY C 27 -8.46 5.66 -10.14
CA GLY C 27 -7.26 6.32 -10.63
C GLY C 27 -7.22 6.83 -12.05
N MET C 28 -8.33 6.68 -12.78
CA MET C 28 -8.39 7.16 -14.16
C MET C 28 -8.47 8.69 -14.20
N PRO C 29 -7.60 9.32 -15.00
CA PRO C 29 -7.65 10.78 -15.08
C PRO C 29 -9.00 11.14 -15.70
N SER C 30 -9.48 12.36 -15.46
CA SER C 30 -10.75 12.78 -16.03
C SER C 30 -10.47 13.34 -17.42
N GLY C 31 -11.52 13.44 -18.23
CA GLY C 31 -11.37 13.97 -19.58
C GLY C 31 -11.11 12.92 -20.64
N ILE C 32 -11.13 11.66 -20.24
CA ILE C 32 -10.89 10.56 -21.16
C ILE C 32 -12.21 10.07 -21.77
N LYS C 33 -12.33 10.17 -23.09
CA LYS C 33 -13.54 9.72 -23.76
C LYS C 33 -13.68 8.22 -23.59
N ILE C 34 -14.86 7.78 -23.17
CA ILE C 34 -15.07 6.35 -22.98
C ILE C 34 -15.43 5.70 -24.31
N ASP C 35 -14.52 4.87 -24.81
CA ASP C 35 -14.71 4.18 -26.08
C ASP C 35 -15.51 2.89 -25.88
N TYR C 36 -16.84 3.02 -25.87
CA TYR C 36 -17.72 1.88 -25.68
C TYR C 36 -17.45 0.76 -26.70
N ALA C 37 -17.13 1.14 -27.93
CA ALA C 37 -16.85 0.18 -29.00
C ALA C 37 -15.63 -0.70 -28.67
N LEU C 38 -14.59 -0.07 -28.13
CA LEU C 38 -13.39 -0.79 -27.75
C LEU C 38 -13.73 -1.77 -26.63
N LEU C 39 -14.41 -1.28 -25.61
CA LEU C 39 -14.79 -2.12 -24.49
C LEU C 39 -15.60 -3.33 -24.96
N GLU C 40 -16.57 -3.09 -25.81
CA GLU C 40 -17.38 -4.20 -26.33
C GLU C 40 -16.54 -5.17 -27.15
N ASN C 41 -15.72 -4.64 -28.05
CA ASN C 41 -14.89 -5.53 -28.86
C ASN C 41 -13.98 -6.36 -27.97
N GLU C 42 -13.40 -5.72 -26.95
CA GLU C 42 -12.50 -6.43 -26.04
C GLU C 42 -13.22 -7.60 -25.38
N MET C 43 -14.43 -7.37 -24.90
CA MET C 43 -15.19 -8.44 -24.26
C MET C 43 -15.45 -9.55 -25.29
N LYS C 44 -15.58 -9.16 -26.55
CA LYS C 44 -15.82 -10.13 -27.61
C LYS C 44 -14.58 -11.01 -27.81
N ARG C 45 -13.42 -10.38 -27.94
CA ARG C 45 -12.18 -11.11 -28.12
C ARG C 45 -11.92 -12.10 -26.99
N ARG C 46 -12.39 -11.74 -25.79
CA ARG C 46 -12.21 -12.58 -24.62
C ARG C 46 -12.87 -13.96 -24.77
N GLN C 47 -14.04 -13.98 -25.38
CA GLN C 47 -14.77 -15.23 -25.60
C GLN C 47 -14.10 -16.11 -26.64
N GLY C 48 -13.71 -15.49 -27.76
CA GLY C 48 -13.07 -16.21 -28.84
C GLY C 48 -12.00 -17.19 -28.40
N GLY C 49 -12.06 -18.41 -28.93
CA GLY C 49 -11.08 -19.42 -28.58
C GLY C 49 -11.67 -20.68 -28.00
N ARG C 50 -12.99 -20.81 -28.11
CA ARG C 50 -13.69 -21.98 -27.59
C ARG C 50 -15.14 -22.00 -28.06
N ASN C 51 -15.43 -22.84 -29.05
CA ASN C 51 -16.78 -22.97 -29.62
C ASN C 51 -17.17 -21.76 -30.46
N VAL C 52 -16.19 -20.97 -30.89
CA VAL C 52 -16.46 -19.78 -31.70
C VAL C 52 -15.45 -19.59 -32.84
N PHE C 53 -15.46 -20.52 -33.79
CA PHE C 53 -14.56 -20.44 -34.94
C PHE C 53 -15.30 -19.78 -36.10
N ILE C 54 -14.83 -18.60 -36.49
CA ILE C 54 -15.44 -17.83 -37.58
C ILE C 54 -16.79 -17.31 -37.10
N THR C 55 -16.99 -16.00 -37.21
CA THR C 55 -18.24 -15.37 -36.77
C THR C 55 -18.53 -15.75 -35.32
N PRO C 56 -17.72 -15.23 -34.37
CA PRO C 56 -17.86 -15.49 -32.94
C PRO C 56 -19.16 -14.98 -32.32
N ARG C 57 -19.61 -15.67 -31.28
CA ARG C 57 -20.85 -15.31 -30.58
C ARG C 57 -20.69 -14.04 -29.76
N LYS C 58 -21.82 -13.43 -29.40
CA LYS C 58 -21.84 -12.21 -28.61
C LYS C 58 -23.07 -12.21 -27.71
N GLU C 59 -23.84 -13.29 -27.81
CA GLU C 59 -25.06 -13.44 -27.02
C GLU C 59 -24.72 -13.66 -25.55
N ASP C 60 -23.80 -12.85 -25.04
CA ASP C 60 -23.38 -12.98 -23.65
C ASP C 60 -22.87 -11.68 -23.01
N ASP C 61 -22.37 -11.83 -21.79
CA ASP C 61 -21.82 -10.75 -20.96
C ASP C 61 -21.99 -9.30 -21.40
N LYS C 62 -22.85 -8.58 -20.68
CA LYS C 62 -23.10 -7.16 -20.93
C LYS C 62 -22.41 -6.41 -19.79
N VAL C 63 -21.71 -5.32 -20.10
CA VAL C 63 -21.02 -4.55 -19.07
C VAL C 63 -21.77 -3.27 -18.71
N GLU C 64 -22.06 -3.12 -17.44
CA GLU C 64 -22.77 -1.94 -16.94
C GLU C 64 -21.86 -1.03 -16.10
N ILE C 65 -21.53 0.13 -16.64
CA ILE C 65 -20.72 1.12 -15.91
C ILE C 65 -21.60 1.89 -14.93
N THR C 66 -21.36 1.73 -13.65
CA THR C 66 -22.19 2.36 -12.64
C THR C 66 -21.70 3.69 -12.08
N SER C 67 -20.47 4.09 -12.42
CA SER C 67 -19.92 5.34 -11.88
C SER C 67 -18.61 5.76 -12.53
N GLY C 68 -18.20 6.99 -12.27
CA GLY C 68 -16.96 7.49 -12.82
C GLY C 68 -17.03 7.91 -14.28
N VAL C 69 -18.25 8.01 -14.81
CA VAL C 69 -18.44 8.42 -16.18
C VAL C 69 -19.61 9.39 -16.29
N PHE C 70 -19.39 10.49 -17.00
CA PHE C 70 -20.41 11.50 -17.20
C PHE C 70 -20.29 12.01 -18.62
N GLU C 71 -21.39 11.92 -19.37
CA GLU C 71 -21.41 12.36 -20.76
C GLU C 71 -20.31 11.70 -21.58
N ASP C 72 -20.10 10.42 -21.35
CA ASP C 72 -19.10 9.62 -22.08
C ASP C 72 -17.64 10.00 -21.83
N PHE C 73 -17.37 10.64 -20.69
CA PHE C 73 -16.02 11.03 -20.31
C PHE C 73 -15.79 10.62 -18.86
N SER C 74 -14.59 10.13 -18.56
CA SER C 74 -14.25 9.74 -17.21
C SER C 74 -14.32 11.01 -16.35
N THR C 75 -14.83 10.88 -15.13
CA THR C 75 -14.94 12.05 -14.22
C THR C 75 -13.75 12.18 -13.27
N GLY C 76 -12.87 11.19 -13.27
CA GLY C 76 -11.72 11.25 -12.37
C GLY C 76 -11.99 10.43 -11.13
N THR C 77 -13.25 10.10 -10.88
CA THR C 77 -13.59 9.31 -9.71
C THR C 77 -13.66 7.85 -10.09
N PRO C 78 -13.81 6.95 -9.11
CA PRO C 78 -13.87 5.50 -9.39
C PRO C 78 -14.87 5.07 -10.45
N ILE C 79 -14.46 4.15 -11.32
CA ILE C 79 -15.34 3.63 -12.34
C ILE C 79 -15.79 2.21 -11.95
N GLY C 80 -16.94 2.14 -11.30
CA GLY C 80 -17.45 0.85 -10.89
C GLY C 80 -18.25 0.25 -12.04
N PHE C 81 -18.18 -1.06 -12.19
CA PHE C 81 -18.91 -1.71 -13.27
C PHE C 81 -19.32 -3.11 -12.90
N LEU C 82 -20.47 -3.53 -13.42
CA LEU C 82 -21.00 -4.85 -13.16
C LEU C 82 -21.07 -5.61 -14.48
N ILE C 83 -20.79 -6.91 -14.41
CA ILE C 83 -20.83 -7.75 -15.60
C ILE C 83 -21.86 -8.86 -15.39
N HIS C 84 -22.96 -8.74 -16.13
CA HIS C 84 -24.08 -9.69 -16.06
C HIS C 84 -23.86 -10.80 -17.08
N ASN C 85 -23.94 -12.05 -16.62
CA ASN C 85 -23.73 -13.20 -17.50
C ASN C 85 -24.58 -14.42 -17.12
N GLN C 86 -24.29 -15.54 -17.78
CA GLN C 86 -24.98 -16.81 -17.57
C GLN C 86 -26.29 -16.93 -18.34
N ARG C 87 -26.66 -18.16 -18.63
CA ARG C 87 -27.90 -18.46 -19.37
C ARG C 87 -28.22 -19.95 -19.30
N ALA C 88 -29.39 -20.32 -19.77
CA ALA C 88 -29.83 -21.72 -19.77
C ALA C 88 -29.87 -22.29 -18.35
N ARG C 89 -30.39 -23.50 -18.22
CA ARG C 89 -30.50 -24.16 -16.91
C ARG C 89 -29.48 -25.30 -16.82
N SER C 90 -28.73 -25.32 -15.73
CA SER C 90 -27.69 -26.34 -15.49
C SER C 90 -28.25 -27.73 -15.82
N LYS C 91 -27.35 -28.59 -16.33
CA LYS C 91 -27.73 -29.96 -16.69
C LYS C 91 -26.52 -30.89 -16.55
N ASP C 92 -25.79 -31.06 -17.66
CA ASP C 92 -24.62 -31.95 -17.67
C ASP C 92 -23.33 -31.13 -17.64
N TYR C 93 -22.26 -31.72 -18.15
CA TYR C 93 -20.94 -31.06 -18.20
C TYR C 93 -20.48 -30.71 -16.79
N ASP C 94 -20.94 -31.47 -15.81
CA ASP C 94 -20.57 -31.23 -14.40
C ASP C 94 -20.53 -32.56 -13.64
N ASN C 95 -19.48 -32.75 -12.86
CA ASN C 95 -19.32 -33.98 -12.08
C ASN C 95 -19.63 -33.72 -10.60
N ILE C 96 -19.02 -34.51 -9.73
CA ILE C 96 -19.24 -34.42 -8.28
C ILE C 96 -19.06 -32.97 -7.82
N LYS C 97 -19.52 -32.69 -6.59
CA LYS C 97 -19.42 -31.36 -6.02
C LYS C 97 -18.83 -31.39 -4.60
N ASN C 98 -18.04 -32.42 -4.31
CA ASN C 98 -17.41 -32.56 -3.00
C ASN C 98 -15.99 -33.08 -3.15
N LEU C 99 -15.29 -32.62 -4.18
CA LEU C 99 -13.92 -33.05 -4.44
C LEU C 99 -13.07 -31.94 -5.08
N PHE C 100 -11.76 -32.04 -4.91
CA PHE C 100 -10.83 -31.06 -5.46
C PHE C 100 -10.23 -31.64 -6.74
N ARG C 101 -10.88 -31.37 -7.87
CA ARG C 101 -10.43 -31.87 -9.17
C ARG C 101 -8.91 -31.87 -9.35
N PRO C 102 -8.40 -32.76 -10.23
CA PRO C 102 -6.97 -32.89 -10.51
C PRO C 102 -6.31 -31.58 -10.90
N SER C 103 -5.30 -31.17 -10.12
CA SER C 103 -4.56 -29.95 -10.38
C SER C 103 -5.44 -28.71 -10.18
N HIS C 104 -6.34 -28.78 -9.20
CA HIS C 104 -7.23 -27.66 -8.90
C HIS C 104 -6.98 -27.11 -7.50
N ALA C 105 -6.93 -25.79 -7.39
CA ALA C 105 -6.68 -25.11 -6.12
C ALA C 105 -7.76 -25.41 -5.09
N ASP C 106 -8.75 -26.23 -5.47
CA ASP C 106 -9.82 -26.59 -4.56
C ASP C 106 -9.22 -27.19 -3.29
N PHE C 107 -8.11 -27.92 -3.48
CA PHE C 107 -7.39 -28.55 -2.38
C PHE C 107 -6.77 -27.51 -1.46
N THR C 108 -6.10 -26.53 -2.08
CA THR C 108 -5.43 -25.47 -1.35
C THR C 108 -6.42 -24.56 -0.63
N TYR C 109 -7.49 -24.18 -1.32
CA TYR C 109 -8.52 -23.32 -0.73
C TYR C 109 -9.05 -23.89 0.58
N PHE C 110 -9.39 -25.18 0.57
CA PHE C 110 -9.91 -25.84 1.76
C PHE C 110 -8.93 -25.77 2.93
N HIS C 111 -7.65 -25.95 2.64
CA HIS C 111 -6.66 -25.87 3.71
C HIS C 111 -6.47 -24.45 4.19
N LYS C 112 -6.57 -23.49 3.28
CA LYS C 112 -6.40 -22.10 3.66
C LYS C 112 -7.57 -21.59 4.48
N TYR C 113 -8.78 -21.74 3.96
CA TYR C 113 -9.98 -21.25 4.62
C TYR C 113 -10.88 -22.30 5.27
N GLY C 114 -10.81 -23.54 4.79
CA GLY C 114 -11.60 -24.62 5.37
C GLY C 114 -13.10 -24.60 5.12
N ILE C 115 -13.52 -24.18 3.94
CA ILE C 115 -14.96 -24.13 3.63
C ILE C 115 -15.36 -24.91 2.38
N ARG C 116 -16.42 -25.68 2.52
CA ARG C 116 -16.96 -26.52 1.46
C ARG C 116 -17.56 -25.71 0.30
N ASP C 117 -16.96 -24.56 0.01
CA ASP C 117 -17.44 -23.70 -1.06
C ASP C 117 -17.37 -24.40 -2.42
N PHE C 118 -17.13 -23.62 -3.48
CA PHE C 118 -17.03 -24.15 -4.83
C PHE C 118 -18.35 -24.67 -5.40
N ARG C 119 -18.47 -24.62 -6.73
CA ARG C 119 -19.66 -25.07 -7.41
C ARG C 119 -19.31 -25.46 -8.85
N GLY C 120 -18.30 -24.81 -9.41
CA GLY C 120 -17.88 -25.11 -10.76
C GLY C 120 -18.00 -23.92 -11.71
N GLY C 121 -17.90 -24.20 -13.00
CA GLY C 121 -17.99 -23.15 -14.00
C GLY C 121 -16.70 -22.38 -14.20
N GLY C 122 -15.79 -22.95 -14.97
CA GLY C 122 -14.51 -22.31 -15.22
C GLY C 122 -13.83 -21.95 -13.91
N ARG C 123 -14.29 -22.59 -12.84
CA ARG C 123 -13.79 -22.41 -11.47
C ARG C 123 -13.84 -20.96 -10.97
N SER C 124 -13.20 -20.04 -11.69
CA SER C 124 -13.20 -18.63 -11.30
C SER C 124 -12.42 -17.74 -12.26
N SER C 125 -11.24 -18.21 -12.67
CA SER C 125 -10.38 -17.46 -13.58
C SER C 125 -11.20 -16.85 -14.72
N ALA C 126 -12.08 -17.65 -15.30
CA ALA C 126 -12.92 -17.20 -16.40
C ALA C 126 -13.68 -15.91 -16.06
N ARG C 127 -14.21 -15.85 -14.85
CA ARG C 127 -14.95 -14.67 -14.40
C ARG C 127 -14.02 -13.49 -14.12
N GLU C 128 -12.93 -13.74 -13.42
CA GLU C 128 -11.98 -12.69 -13.12
C GLU C 128 -11.46 -12.07 -14.41
N SER C 129 -11.25 -12.92 -15.40
CA SER C 129 -10.76 -12.47 -16.69
C SER C 129 -11.71 -11.48 -17.37
N ALA C 130 -13.00 -11.58 -17.06
CA ALA C 130 -13.98 -10.67 -17.63
C ALA C 130 -13.72 -9.29 -17.02
N ILE C 131 -13.46 -9.28 -15.71
CA ILE C 131 -13.17 -8.05 -14.99
C ILE C 131 -11.88 -7.43 -15.51
N ARG C 132 -10.90 -8.27 -15.80
CA ARG C 132 -9.60 -7.82 -16.29
C ARG C 132 -9.68 -7.19 -17.68
N VAL C 133 -10.40 -7.84 -18.59
CA VAL C 133 -10.54 -7.34 -19.96
C VAL C 133 -11.32 -6.04 -20.00
N ALA C 134 -12.37 -5.95 -19.18
CA ALA C 134 -13.16 -4.72 -19.13
C ALA C 134 -12.28 -3.59 -18.61
N ALA C 135 -11.59 -3.85 -17.49
CA ALA C 135 -10.71 -2.85 -16.90
C ALA C 135 -9.58 -2.52 -17.88
N GLY C 136 -9.08 -3.55 -18.56
CA GLY C 136 -8.01 -3.35 -19.52
C GLY C 136 -8.38 -2.38 -20.63
N ALA C 137 -9.66 -2.36 -21.00
CA ALA C 137 -10.09 -1.45 -22.06
C ALA C 137 -9.90 0.00 -21.60
N PHE C 138 -10.28 0.27 -20.36
CA PHE C 138 -10.14 1.62 -19.82
C PHE C 138 -8.66 2.02 -19.80
N ALA C 139 -7.80 1.06 -19.44
CA ALA C 139 -6.36 1.33 -19.43
C ALA C 139 -5.91 1.65 -20.87
N LYS C 140 -6.41 0.89 -21.84
CA LYS C 140 -6.04 1.13 -23.22
C LYS C 140 -6.45 2.53 -23.69
N MET C 141 -7.65 2.96 -23.27
CA MET C 141 -8.17 4.27 -23.61
C MET C 141 -7.23 5.34 -23.08
N LEU C 142 -6.66 5.09 -21.92
CA LEU C 142 -5.72 6.03 -21.31
C LEU C 142 -4.41 6.03 -22.10
N LEU C 143 -3.86 4.85 -22.37
CA LEU C 143 -2.62 4.73 -23.10
C LEU C 143 -2.67 5.39 -24.48
N ARG C 144 -3.82 5.25 -25.13
CA ARG C 144 -4.01 5.82 -26.46
C ARG C 144 -3.76 7.34 -26.43
N GLU C 145 -4.19 8.00 -25.36
CA GLU C 145 -4.00 9.45 -25.24
C GLU C 145 -2.55 9.85 -25.42
N ILE C 146 -1.63 8.96 -25.08
CA ILE C 146 -0.21 9.29 -25.26
C ILE C 146 0.43 8.40 -26.32
N GLY C 147 -0.40 7.90 -27.22
CA GLY C 147 0.06 7.08 -28.33
C GLY C 147 0.60 5.68 -28.06
N ILE C 148 0.10 4.99 -27.03
CA ILE C 148 0.59 3.65 -26.76
C ILE C 148 -0.49 2.60 -26.97
N VAL C 149 -0.10 1.49 -27.60
CA VAL C 149 -1.01 0.38 -27.86
C VAL C 149 -0.40 -0.93 -27.41
N CYS C 150 -1.26 -1.88 -27.03
CA CYS C 150 -0.82 -3.20 -26.60
C CYS C 150 -1.45 -4.23 -27.53
N GLU C 151 -0.70 -5.26 -27.90
CA GLU C 151 -1.19 -6.30 -28.80
C GLU C 151 -0.76 -7.68 -28.31
N SER C 152 -1.36 -8.73 -28.87
CA SER C 152 -0.98 -10.08 -28.49
C SER C 152 -1.37 -11.08 -29.56
N GLY C 153 -0.92 -12.31 -29.37
CA GLY C 153 -1.23 -13.38 -30.30
C GLY C 153 -0.60 -14.66 -29.82
N ILE C 154 -0.94 -15.77 -30.45
CA ILE C 154 -0.40 -17.08 -30.08
C ILE C 154 0.84 -17.39 -30.92
N ILE C 155 1.99 -17.60 -30.28
CA ILE C 155 3.19 -17.93 -31.03
C ILE C 155 3.46 -19.41 -31.01
N GLU C 156 2.78 -20.13 -30.13
CA GLU C 156 3.00 -21.57 -30.04
C GLU C 156 1.87 -22.36 -29.40
N ILE C 157 1.51 -23.46 -30.05
CA ILE C 157 0.47 -24.36 -29.55
C ILE C 157 1.04 -25.77 -29.58
N GLY C 158 1.12 -26.41 -28.43
CA GLY C 158 1.64 -27.76 -28.36
C GLY C 158 2.93 -27.99 -29.11
N GLY C 159 3.95 -27.17 -28.83
CA GLY C 159 5.23 -27.33 -29.48
C GLY C 159 5.39 -26.69 -30.85
N ILE C 160 4.30 -26.54 -31.59
CA ILE C 160 4.36 -25.94 -32.92
C ILE C 160 4.55 -24.43 -32.82
N LYS C 161 5.78 -23.98 -33.10
CA LYS C 161 6.16 -22.57 -33.01
C LYS C 161 5.90 -21.74 -34.25
N ALA C 162 5.68 -20.44 -34.04
CA ALA C 162 5.46 -19.51 -35.13
C ALA C 162 6.83 -18.95 -35.47
N LYS C 163 7.07 -18.70 -36.76
CA LYS C 163 8.36 -18.15 -37.18
C LYS C 163 8.24 -16.67 -37.51
N ASN C 164 7.08 -16.28 -38.04
CA ASN C 164 6.82 -14.90 -38.40
C ASN C 164 5.58 -14.47 -37.62
N TYR C 165 5.62 -13.25 -37.09
CA TYR C 165 4.50 -12.74 -36.30
C TYR C 165 3.72 -11.63 -36.97
N ASP C 166 2.45 -11.88 -37.23
CA ASP C 166 1.58 -10.87 -37.83
C ASP C 166 0.45 -10.69 -36.82
N PHE C 167 0.49 -9.60 -36.06
CA PHE C 167 -0.54 -9.34 -35.08
C PHE C 167 -1.87 -9.01 -35.75
N ASN C 168 -1.79 -8.45 -36.94
CA ASN C 168 -2.99 -8.09 -37.69
C ASN C 168 -3.74 -9.37 -38.04
N HIS C 169 -2.98 -10.39 -38.44
CA HIS C 169 -3.54 -11.67 -38.82
C HIS C 169 -4.12 -12.40 -37.61
N ALA C 170 -3.46 -12.29 -36.48
CA ALA C 170 -3.92 -12.96 -35.27
C ALA C 170 -5.32 -12.51 -34.87
N LEU C 171 -5.60 -11.22 -35.06
CA LEU C 171 -6.91 -10.66 -34.71
C LEU C 171 -8.06 -11.41 -35.36
N LYS C 172 -7.94 -11.71 -36.65
CA LYS C 172 -9.02 -12.43 -37.33
C LYS C 172 -8.85 -13.94 -37.34
N SER C 173 -7.82 -14.43 -36.64
CA SER C 173 -7.57 -15.86 -36.57
C SER C 173 -8.42 -16.50 -35.47
N GLU C 174 -8.96 -17.68 -35.77
CA GLU C 174 -9.80 -18.41 -34.82
C GLU C 174 -9.03 -18.83 -33.58
N ILE C 175 -7.71 -18.82 -33.66
CA ILE C 175 -6.87 -19.22 -32.53
C ILE C 175 -5.81 -18.16 -32.26
N PHE C 176 -6.03 -16.96 -32.79
CA PHE C 176 -5.12 -15.84 -32.62
C PHE C 176 -3.68 -16.14 -33.06
N ALA C 177 -3.54 -17.06 -34.01
CA ALA C 177 -2.21 -17.42 -34.52
C ALA C 177 -1.52 -16.20 -35.13
N LEU C 178 -0.22 -16.09 -34.90
CA LEU C 178 0.56 -14.98 -35.44
C LEU C 178 1.25 -15.37 -36.74
N ASP C 179 1.36 -16.68 -36.99
CA ASP C 179 2.00 -17.18 -38.21
C ASP C 179 1.02 -18.04 -39.01
N GLU C 180 0.53 -17.50 -40.11
CA GLU C 180 -0.44 -18.22 -40.96
C GLU C 180 0.10 -19.53 -41.52
N GLU C 181 1.42 -19.67 -41.59
CA GLU C 181 2.00 -20.90 -42.12
C GLU C 181 1.97 -22.04 -41.11
N GLN C 182 2.07 -21.71 -39.83
CA GLN C 182 2.05 -22.72 -38.77
C GLN C 182 0.65 -22.86 -38.20
N GLU C 183 -0.25 -21.97 -38.61
CA GLU C 183 -1.62 -21.98 -38.09
C GLU C 183 -2.36 -23.30 -38.24
N GLU C 184 -2.36 -23.85 -39.45
CA GLU C 184 -3.06 -25.10 -39.70
C GLU C 184 -2.57 -26.21 -38.77
N ALA C 185 -1.26 -26.37 -38.66
CA ALA C 185 -0.70 -27.39 -37.78
C ALA C 185 -1.09 -27.10 -36.33
N GLN C 186 -1.17 -25.83 -35.97
CA GLN C 186 -1.53 -25.47 -34.62
C GLN C 186 -2.99 -25.81 -34.35
N LYS C 187 -3.85 -25.57 -35.33
CA LYS C 187 -5.27 -25.89 -35.16
C LYS C 187 -5.45 -27.41 -35.05
N THR C 188 -4.74 -28.15 -35.88
CA THR C 188 -4.83 -29.60 -35.86
C THR C 188 -4.54 -30.12 -34.45
N ALA C 189 -3.49 -29.58 -33.84
CA ALA C 189 -3.11 -30.00 -32.49
C ALA C 189 -4.30 -29.81 -31.54
N ILE C 190 -4.97 -28.68 -31.64
CA ILE C 190 -6.13 -28.41 -30.81
C ILE C 190 -7.21 -29.43 -31.14
N GLN C 191 -7.49 -29.57 -32.43
CA GLN C 191 -8.50 -30.51 -32.89
C GLN C 191 -8.24 -31.89 -32.29
N ASN C 192 -7.00 -32.38 -32.42
CA ASN C 192 -6.66 -33.68 -31.88
C ASN C 192 -6.89 -33.75 -30.38
N ALA C 193 -6.56 -32.66 -29.69
CA ALA C 193 -6.75 -32.60 -28.25
C ALA C 193 -8.24 -32.73 -27.93
N ILE C 194 -9.06 -32.00 -28.66
CA ILE C 194 -10.51 -32.06 -28.43
C ILE C 194 -11.06 -33.45 -28.70
N LYS C 195 -10.58 -34.08 -29.78
CA LYS C 195 -11.03 -35.41 -30.15
C LYS C 195 -10.67 -36.46 -29.09
N ASN C 196 -9.51 -36.29 -28.45
CA ASN C 196 -9.08 -37.23 -27.43
C ASN C 196 -9.45 -36.78 -26.03
N HIS C 197 -10.32 -35.78 -25.92
CA HIS C 197 -10.73 -35.27 -24.62
C HIS C 197 -9.49 -34.89 -23.80
N ASP C 198 -8.52 -34.27 -24.46
CA ASP C 198 -7.29 -33.88 -23.79
C ASP C 198 -7.07 -32.37 -23.91
N SER C 199 -5.85 -31.92 -23.63
CA SER C 199 -5.51 -30.50 -23.69
C SER C 199 -4.02 -30.32 -23.91
N ILE C 200 -3.63 -29.16 -24.45
CA ILE C 200 -2.22 -28.87 -24.70
C ILE C 200 -1.84 -27.47 -24.23
N GLY C 201 -0.56 -27.32 -23.88
CA GLY C 201 -0.08 -26.04 -23.43
C GLY C 201 0.15 -25.11 -24.60
N GLY C 202 0.49 -23.87 -24.32
CA GLY C 202 0.72 -22.92 -25.40
C GLY C 202 1.46 -21.70 -24.91
N VAL C 203 1.87 -20.85 -25.84
CA VAL C 203 2.61 -19.65 -25.48
C VAL C 203 2.03 -18.43 -26.15
N ALA C 204 1.87 -17.36 -25.39
CA ALA C 204 1.34 -16.13 -25.94
C ALA C 204 2.45 -15.09 -25.99
N LEU C 205 2.39 -14.22 -26.99
CA LEU C 205 3.37 -13.16 -27.12
C LEU C 205 2.61 -11.84 -26.95
N ILE C 206 3.02 -11.04 -25.98
CA ILE C 206 2.36 -9.77 -25.76
C ILE C 206 3.40 -8.69 -25.98
N ARG C 207 2.98 -7.56 -26.53
CA ARG C 207 3.90 -6.46 -26.76
C ARG C 207 3.16 -5.13 -26.71
N ALA C 208 3.93 -4.08 -26.47
CA ALA C 208 3.41 -2.72 -26.42
C ALA C 208 4.35 -1.90 -27.30
N ARG C 209 3.80 -1.01 -28.10
CA ARG C 209 4.59 -0.17 -28.99
C ARG C 209 3.93 1.19 -29.12
N SER C 210 4.66 2.17 -29.66
CA SER C 210 4.12 3.49 -29.85
C SER C 210 3.26 3.44 -31.10
N ILE C 211 2.03 3.95 -30.98
CA ILE C 211 1.09 3.95 -32.10
C ILE C 211 1.68 4.60 -33.35
N LYS C 212 2.38 5.72 -33.19
CA LYS C 212 2.99 6.40 -34.34
C LYS C 212 3.94 5.46 -35.07
N THR C 213 3.68 5.22 -36.35
CA THR C 213 4.53 4.36 -37.17
C THR C 213 5.99 4.77 -37.04
N ASN C 214 6.83 3.82 -36.60
CA ASN C 214 8.25 4.08 -36.41
C ASN C 214 8.41 5.15 -35.33
N GLN C 215 8.05 4.79 -34.10
CA GLN C 215 8.16 5.71 -32.99
C GLN C 215 8.57 4.98 -31.72
N LYS C 216 9.17 5.72 -30.77
CA LYS C 216 9.64 5.15 -29.52
C LYS C 216 8.65 5.33 -28.38
N LEU C 217 8.67 4.40 -27.44
CA LEU C 217 7.79 4.45 -26.26
C LEU C 217 8.43 5.35 -25.22
N PRO C 218 7.64 5.85 -24.26
CA PRO C 218 8.23 6.72 -23.24
C PRO C 218 9.40 5.98 -22.57
N ILE C 219 10.47 6.70 -22.27
CA ILE C 219 11.64 6.09 -21.64
C ILE C 219 11.64 6.39 -20.14
N GLY C 220 11.76 5.35 -19.33
CA GLY C 220 11.78 5.54 -17.90
C GLY C 220 10.58 4.97 -17.15
N LEU C 221 9.61 4.42 -17.88
CA LEU C 221 8.44 3.83 -17.22
C LEU C 221 8.96 2.71 -16.32
N GLY C 222 8.53 2.73 -15.06
CA GLY C 222 8.99 1.74 -14.10
C GLY C 222 9.35 2.54 -12.85
N GLN C 223 9.04 2.02 -11.67
CA GLN C 223 9.31 2.77 -10.44
C GLN C 223 10.26 2.18 -9.41
N GLY C 224 11.38 2.85 -9.22
CA GLY C 224 12.35 2.45 -8.22
C GLY C 224 12.87 1.03 -8.36
N LEU C 225 13.39 0.51 -7.27
CA LEU C 225 13.95 -0.83 -7.26
C LEU C 225 12.94 -1.95 -7.06
N TYR C 226 11.87 -1.65 -6.32
CA TYR C 226 10.88 -2.69 -6.06
C TYR C 226 9.54 -2.61 -6.80
N ALA C 227 9.47 -1.78 -7.83
CA ALA C 227 8.28 -1.66 -8.66
C ALA C 227 8.74 -1.50 -10.11
N LYS C 228 9.76 -2.25 -10.48
CA LYS C 228 10.30 -2.19 -11.83
C LYS C 228 9.24 -2.67 -12.81
N LEU C 229 9.30 -2.15 -14.03
CA LEU C 229 8.36 -2.51 -15.07
C LEU C 229 8.27 -4.00 -15.36
N ASP C 230 9.42 -4.66 -15.55
CA ASP C 230 9.40 -6.09 -15.82
C ASP C 230 8.92 -6.88 -14.61
N ALA C 231 9.33 -6.45 -13.42
CA ALA C 231 8.92 -7.12 -12.19
C ALA C 231 7.39 -7.09 -12.09
N LYS C 232 6.81 -5.94 -12.40
CA LYS C 232 5.35 -5.78 -12.34
C LYS C 232 4.62 -6.50 -13.47
N ILE C 233 5.23 -6.55 -14.65
CA ILE C 233 4.61 -7.29 -15.77
C ILE C 233 4.64 -8.76 -15.37
N ALA C 234 5.76 -9.19 -14.82
CA ALA C 234 5.92 -10.59 -14.40
C ALA C 234 4.85 -10.98 -13.38
N GLU C 235 4.58 -10.06 -12.46
CA GLU C 235 3.60 -10.29 -11.40
C GLU C 235 2.18 -10.49 -11.95
N ALA C 236 1.80 -9.64 -12.89
CA ALA C 236 0.46 -9.73 -13.46
C ALA C 236 0.29 -11.04 -14.22
N MET C 237 1.21 -11.32 -15.15
CA MET C 237 1.13 -12.53 -15.96
C MET C 237 1.15 -13.84 -15.17
N MET C 238 2.18 -14.01 -14.33
CA MET C 238 2.31 -15.24 -13.55
C MET C 238 1.09 -15.47 -12.66
N GLY C 239 0.38 -14.40 -12.35
CA GLY C 239 -0.80 -14.51 -11.53
C GLY C 239 -2.01 -15.06 -12.28
N LEU C 240 -1.89 -15.19 -13.60
CA LEU C 240 -3.00 -15.74 -14.37
C LEU C 240 -2.91 -17.25 -14.18
N ASN C 241 -4.03 -17.90 -13.88
CA ASN C 241 -4.01 -19.34 -13.66
C ASN C 241 -3.56 -20.12 -14.90
N GLY C 242 -2.64 -21.06 -14.69
CA GLY C 242 -2.14 -21.86 -15.79
C GLY C 242 -0.76 -21.41 -16.24
N VAL C 243 -0.42 -20.14 -15.96
CA VAL C 243 0.87 -19.60 -16.35
C VAL C 243 1.96 -20.17 -15.44
N LYS C 244 3.02 -20.72 -16.04
CA LYS C 244 4.11 -21.32 -15.27
C LYS C 244 5.47 -20.65 -15.51
N ALA C 245 5.52 -19.74 -16.48
CA ALA C 245 6.75 -19.02 -16.78
C ALA C 245 6.45 -17.73 -17.55
N VAL C 246 7.29 -16.72 -17.34
CA VAL C 246 7.14 -15.43 -18.02
C VAL C 246 8.51 -15.02 -18.54
N GLU C 247 8.54 -14.53 -19.78
CA GLU C 247 9.78 -14.11 -20.41
C GLU C 247 9.76 -12.67 -20.89
N ILE C 248 10.86 -11.95 -20.68
CA ILE C 248 10.95 -10.58 -21.13
C ILE C 248 12.06 -10.54 -22.17
N GLY C 249 11.76 -9.99 -23.34
CA GLY C 249 12.75 -9.93 -24.40
C GLY C 249 13.26 -11.31 -24.74
N LYS C 250 14.59 -11.44 -24.89
CA LYS C 250 15.23 -12.71 -25.23
C LYS C 250 14.84 -13.83 -24.25
N GLY C 251 14.33 -13.45 -23.08
CA GLY C 251 13.88 -14.42 -22.10
C GLY C 251 14.84 -15.53 -21.72
N VAL C 252 14.34 -16.77 -21.73
CA VAL C 252 15.15 -17.94 -21.39
C VAL C 252 16.33 -18.15 -22.33
N GLU C 253 16.31 -17.49 -23.48
CA GLU C 253 17.42 -17.61 -24.42
C GLU C 253 18.60 -16.76 -23.98
N SER C 254 18.34 -15.81 -23.08
CA SER C 254 19.37 -14.93 -22.58
C SER C 254 20.49 -15.64 -21.83
N SER C 255 20.14 -16.64 -21.03
CA SER C 255 21.12 -17.38 -20.26
C SER C 255 22.06 -18.22 -21.12
N LEU C 256 21.80 -18.25 -22.43
CA LEU C 256 22.64 -19.01 -23.35
C LEU C 256 23.44 -18.08 -24.26
N LEU C 257 23.40 -16.79 -23.97
CA LEU C 257 24.14 -15.83 -24.77
C LEU C 257 25.35 -15.28 -24.03
N LYS C 258 26.27 -14.69 -24.79
CA LYS C 258 27.45 -14.08 -24.21
C LYS C 258 27.21 -12.57 -24.28
N GLY C 259 27.83 -11.84 -23.34
CA GLY C 259 27.66 -10.41 -23.32
C GLY C 259 27.80 -9.76 -24.67
N SER C 260 28.86 -10.12 -25.39
CA SER C 260 29.15 -9.57 -26.70
C SER C 260 28.07 -9.87 -27.73
N GLU C 261 27.19 -10.83 -27.39
CA GLU C 261 26.12 -11.22 -28.29
C GLU C 261 24.78 -10.63 -27.82
N TYR C 262 24.59 -10.61 -26.51
CA TYR C 262 23.36 -10.09 -25.91
C TYR C 262 23.26 -8.57 -25.87
N ASN C 263 24.26 -7.92 -25.28
CA ASN C 263 24.28 -6.46 -25.16
C ASN C 263 23.72 -5.73 -26.39
N ASP C 264 22.75 -4.86 -26.16
CA ASP C 264 22.15 -4.08 -27.24
C ASP C 264 22.95 -2.80 -27.46
N LEU C 265 23.53 -2.67 -28.65
CA LEU C 265 24.32 -1.50 -28.99
C LEU C 265 23.39 -0.38 -29.44
N MET C 266 23.86 0.86 -29.33
CA MET C 266 23.05 2.01 -29.71
C MET C 266 23.53 2.68 -31.00
N ASP C 267 22.57 3.12 -31.81
CA ASP C 267 22.84 3.78 -33.09
C ASP C 267 22.73 5.29 -32.97
N GLN C 268 22.42 5.96 -34.08
CA GLN C 268 22.28 7.41 -34.10
C GLN C 268 21.04 7.84 -33.32
N LYS C 269 19.98 7.06 -33.43
CA LYS C 269 18.72 7.34 -32.73
C LYS C 269 17.96 6.06 -32.43
N GLY C 270 18.42 5.33 -31.42
CA GLY C 270 17.75 4.09 -31.04
C GLY C 270 18.73 2.94 -30.86
N PHE C 271 18.22 1.81 -30.40
CA PHE C 271 19.04 0.63 -30.19
C PHE C 271 19.11 -0.21 -31.45
N LEU C 272 20.29 -0.77 -31.72
CA LEU C 272 20.48 -1.61 -32.91
C LEU C 272 19.79 -2.96 -32.77
N SER C 273 19.35 -3.28 -31.56
CA SER C 273 18.65 -4.54 -31.28
C SER C 273 17.83 -4.40 -30.01
N ASN C 274 16.87 -5.30 -29.81
CA ASN C 274 16.02 -5.25 -28.63
C ASN C 274 15.91 -6.58 -27.89
N ARG C 275 17.06 -7.10 -27.47
CA ARG C 275 17.07 -8.37 -26.75
C ARG C 275 16.55 -8.13 -25.33
N SER C 276 16.56 -6.87 -24.89
CA SER C 276 16.08 -6.49 -23.57
C SER C 276 14.57 -6.57 -23.48
N GLY C 277 13.90 -6.56 -24.64
CA GLY C 277 12.46 -6.63 -24.65
C GLY C 277 11.82 -5.32 -24.20
N GLY C 278 12.52 -4.21 -24.43
CA GLY C 278 11.99 -2.91 -24.04
C GLY C 278 12.24 -2.51 -22.60
N VAL C 279 12.80 -3.41 -21.81
CA VAL C 279 13.07 -3.11 -20.41
C VAL C 279 14.55 -3.25 -20.07
N LEU C 280 15.16 -2.13 -19.68
CA LEU C 280 16.58 -2.09 -19.33
C LEU C 280 16.70 -1.46 -17.94
N GLY C 281 17.29 -2.19 -17.00
CA GLY C 281 17.43 -1.67 -15.66
C GLY C 281 16.09 -1.57 -14.96
N GLY C 282 15.09 -2.28 -15.47
CA GLY C 282 13.76 -2.25 -14.87
C GLY C 282 12.90 -1.09 -15.34
N MET C 283 13.35 -0.39 -16.38
CA MET C 283 12.61 0.74 -16.93
C MET C 283 12.51 0.62 -18.44
N SER C 284 11.44 1.16 -19.01
CA SER C 284 11.27 1.10 -20.45
C SER C 284 12.43 1.83 -21.10
N ASN C 285 12.96 1.29 -22.19
CA ASN C 285 14.08 1.93 -22.87
C ASN C 285 13.63 2.57 -24.18
N GLY C 286 12.32 2.52 -24.44
CA GLY C 286 11.80 3.12 -25.65
C GLY C 286 11.49 2.11 -26.75
N GLU C 287 12.14 0.96 -26.72
CA GLU C 287 11.89 -0.04 -27.75
C GLU C 287 10.64 -0.83 -27.38
N GLU C 288 10.20 -1.70 -28.28
CA GLU C 288 9.01 -2.50 -28.01
C GLU C 288 9.19 -3.35 -26.77
N ILE C 289 8.13 -3.46 -25.97
CA ILE C 289 8.18 -4.29 -24.78
C ILE C 289 7.69 -5.65 -25.26
N ILE C 290 8.53 -6.66 -25.06
CA ILE C 290 8.20 -8.00 -25.50
C ILE C 290 8.04 -8.94 -24.31
N VAL C 291 6.92 -9.66 -24.28
CA VAL C 291 6.64 -10.58 -23.19
C VAL C 291 6.10 -11.91 -23.69
N ARG C 292 6.65 -13.01 -23.18
CA ARG C 292 6.21 -14.36 -23.54
C ARG C 292 5.64 -15.03 -22.29
N VAL C 293 4.42 -15.55 -22.41
CA VAL C 293 3.76 -16.21 -21.28
C VAL C 293 3.48 -17.68 -21.60
N HIS C 294 3.97 -18.55 -20.72
CA HIS C 294 3.81 -20.00 -20.88
C HIS C 294 2.64 -20.57 -20.09
N PHE C 295 1.73 -21.25 -20.79
CA PHE C 295 0.59 -21.88 -20.15
C PHE C 295 0.70 -23.40 -20.18
N LYS C 296 0.46 -24.04 -19.05
CA LYS C 296 0.49 -25.50 -18.98
C LYS C 296 -0.81 -25.93 -19.65
N PRO C 297 -1.00 -27.25 -19.87
CA PRO C 297 -2.25 -27.67 -20.50
C PRO C 297 -3.38 -27.60 -19.45
N THR C 298 -4.58 -27.24 -19.89
CA THR C 298 -5.74 -27.14 -19.01
C THR C 298 -5.91 -28.35 -18.08
N PRO C 299 -6.10 -28.10 -16.78
CA PRO C 299 -6.27 -29.14 -15.76
C PRO C 299 -7.51 -30.01 -15.99
N SER C 300 -8.61 -29.37 -16.32
CA SER C 300 -9.87 -30.08 -16.55
C SER C 300 -10.04 -30.52 -18.00
N ILE C 301 -10.05 -31.83 -18.22
CA ILE C 301 -10.23 -32.40 -19.55
C ILE C 301 -11.33 -33.45 -19.50
N PHE C 302 -12.01 -33.65 -20.62
CA PHE C 302 -13.10 -34.62 -20.71
C PHE C 302 -12.61 -35.99 -20.25
N GLN C 303 -11.40 -36.36 -20.66
CA GLN C 303 -10.83 -37.65 -20.28
C GLN C 303 -10.96 -37.90 -18.78
N PRO C 304 -11.00 -39.18 -18.39
CA PRO C 304 -11.12 -39.56 -16.98
C PRO C 304 -9.92 -39.03 -16.18
N GLN C 305 -10.19 -38.52 -14.98
CA GLN C 305 -9.13 -37.98 -14.14
C GLN C 305 -9.13 -38.55 -12.73
N ARG C 306 -8.07 -38.27 -11.98
CA ARG C 306 -7.93 -38.75 -10.60
C ARG C 306 -7.15 -37.76 -9.75
N THR C 307 -7.38 -37.80 -8.44
CA THR C 307 -6.70 -36.91 -7.50
C THR C 307 -7.13 -37.12 -6.05
N ILE C 308 -8.07 -36.31 -5.57
CA ILE C 308 -8.55 -36.41 -4.19
C ILE C 308 -9.78 -35.53 -4.00
N ASP C 309 -10.54 -35.81 -2.94
CA ASP C 309 -11.73 -35.02 -2.62
C ASP C 309 -11.42 -34.12 -1.42
N ILE C 310 -12.47 -33.73 -0.69
CA ILE C 310 -12.28 -32.86 0.47
C ILE C 310 -11.73 -33.56 1.70
N ASN C 311 -12.22 -34.76 1.98
CA ASN C 311 -11.77 -35.53 3.15
C ASN C 311 -10.69 -36.55 2.81
N GLY C 312 -10.05 -36.39 1.66
CA GLY C 312 -9.01 -37.33 1.25
C GLY C 312 -9.59 -38.72 1.10
N ASN C 313 -10.86 -38.77 0.70
CA ASN C 313 -11.57 -40.03 0.52
C ASN C 313 -11.48 -40.53 -0.93
N GLU C 314 -12.57 -41.15 -1.39
CA GLU C 314 -12.64 -41.68 -2.74
C GLU C 314 -13.69 -40.94 -3.57
N CYS C 315 -13.32 -40.57 -4.80
CA CYS C 315 -14.24 -39.87 -5.70
C CYS C 315 -13.88 -40.09 -7.16
N GLU C 316 -14.77 -39.68 -8.06
CA GLU C 316 -14.57 -39.85 -9.50
C GLU C 316 -14.40 -38.51 -10.19
N CYS C 317 -13.73 -38.51 -11.34
CA CYS C 317 -13.50 -37.28 -12.09
C CYS C 317 -13.78 -37.44 -13.59
N LEU C 318 -14.70 -38.35 -13.93
CA LEU C 318 -15.07 -38.56 -15.32
C LEU C 318 -15.90 -37.35 -15.72
N LEU C 319 -15.23 -36.21 -15.87
CA LEU C 319 -15.89 -34.96 -16.23
C LEU C 319 -16.56 -35.06 -17.59
N LYS C 320 -17.89 -35.13 -17.59
CA LYS C 320 -18.67 -35.23 -18.82
C LYS C 320 -18.62 -33.89 -19.56
N GLY C 321 -18.87 -33.95 -20.87
CA GLY C 321 -18.85 -32.73 -21.67
C GLY C 321 -17.44 -32.25 -21.97
N ARG C 322 -17.31 -31.49 -23.05
CA ARG C 322 -16.02 -30.96 -23.46
C ARG C 322 -15.46 -29.95 -22.46
N HIS C 323 -14.18 -29.63 -22.60
CA HIS C 323 -13.50 -28.68 -21.72
C HIS C 323 -12.44 -27.95 -22.54
N ASP C 324 -12.06 -26.75 -22.09
CA ASP C 324 -11.08 -25.96 -22.81
C ASP C 324 -9.79 -26.72 -23.11
N PRO C 325 -9.51 -26.96 -24.40
CA PRO C 325 -8.32 -27.67 -24.87
C PRO C 325 -7.02 -26.89 -24.80
N CYS C 326 -7.11 -25.57 -24.70
CA CYS C 326 -5.91 -24.73 -24.63
C CYS C 326 -6.21 -23.35 -24.05
N ILE C 327 -6.03 -23.20 -22.74
CA ILE C 327 -6.29 -21.93 -22.07
C ILE C 327 -5.40 -20.79 -22.57
N ALA C 328 -4.30 -21.12 -23.25
CA ALA C 328 -3.38 -20.12 -23.77
C ALA C 328 -4.03 -19.15 -24.76
N ILE C 329 -4.99 -19.66 -25.52
CA ILE C 329 -5.68 -18.86 -26.52
C ILE C 329 -6.41 -17.69 -25.87
N ARG C 330 -7.37 -18.00 -24.99
CA ARG C 330 -8.09 -16.93 -24.31
C ARG C 330 -7.16 -16.23 -23.32
N GLY C 331 -6.11 -16.93 -22.90
CA GLY C 331 -5.18 -16.34 -21.95
C GLY C 331 -4.38 -15.19 -22.55
N SER C 332 -4.09 -15.27 -23.85
CA SER C 332 -3.31 -14.23 -24.51
C SER C 332 -4.02 -12.88 -24.47
N VAL C 333 -5.34 -12.91 -24.62
CA VAL C 333 -6.14 -11.69 -24.59
C VAL C 333 -6.11 -11.04 -23.20
N VAL C 334 -6.19 -11.87 -22.17
CA VAL C 334 -6.16 -11.38 -20.79
C VAL C 334 -4.77 -10.79 -20.48
N CYS C 335 -3.71 -11.43 -20.96
CA CYS C 335 -2.36 -10.93 -20.73
C CYS C 335 -2.21 -9.55 -21.35
N GLU C 336 -2.81 -9.37 -22.51
CA GLU C 336 -2.76 -8.09 -23.21
C GLU C 336 -3.38 -7.01 -22.32
N SER C 337 -4.56 -7.31 -21.77
CA SER C 337 -5.26 -6.38 -20.91
C SER C 337 -4.43 -6.07 -19.66
N LEU C 338 -3.79 -7.10 -19.12
CA LEU C 338 -2.96 -6.93 -17.93
C LEU C 338 -1.76 -6.06 -18.24
N LEU C 339 -1.19 -6.21 -19.44
CA LEU C 339 -0.05 -5.38 -19.79
C LEU C 339 -0.54 -3.93 -19.90
N ALA C 340 -1.73 -3.73 -20.44
CA ALA C 340 -2.27 -2.38 -20.56
C ALA C 340 -2.47 -1.75 -19.18
N LEU C 341 -2.96 -2.53 -18.22
CA LEU C 341 -3.18 -2.05 -16.86
C LEU C 341 -1.89 -1.70 -16.15
N VAL C 342 -0.87 -2.55 -16.30
CA VAL C 342 0.41 -2.27 -15.65
C VAL C 342 1.04 -1.00 -16.23
N LEU C 343 1.13 -0.96 -17.57
CA LEU C 343 1.72 0.17 -18.29
C LEU C 343 1.01 1.49 -18.01
N ALA C 344 -0.32 1.44 -17.92
CA ALA C 344 -1.07 2.66 -17.64
C ALA C 344 -0.74 3.09 -16.21
N ASP C 345 -0.64 2.12 -15.31
CA ASP C 345 -0.29 2.41 -13.92
C ASP C 345 1.07 3.09 -13.95
N MET C 346 2.02 2.49 -14.67
CA MET C 346 3.37 3.03 -14.77
C MET C 346 3.42 4.44 -15.39
N VAL C 347 2.56 4.69 -16.37
CA VAL C 347 2.49 5.98 -17.03
C VAL C 347 2.05 7.07 -16.03
N LEU C 348 1.15 6.71 -15.11
CA LEU C 348 0.69 7.66 -14.11
C LEU C 348 1.76 7.91 -13.05
N LEU C 349 2.40 6.84 -12.61
CA LEU C 349 3.44 6.94 -11.59
C LEU C 349 4.67 7.72 -12.03
N ASN C 350 4.95 7.72 -13.32
CA ASN C 350 6.11 8.40 -13.87
C ASN C 350 5.99 9.92 -13.88
N LEU C 351 4.76 10.43 -13.74
CA LEU C 351 4.52 11.87 -13.75
C LEU C 351 5.22 12.60 -12.58
N THR C 352 5.67 11.82 -11.61
CA THR C 352 6.32 12.35 -10.41
C THR C 352 7.84 12.41 -10.49
N SER C 353 8.41 11.83 -11.55
CA SER C 353 9.87 11.76 -11.70
C SER C 353 10.72 13.02 -11.70
N LYS C 354 10.33 14.05 -12.47
CA LYS C 354 11.13 15.27 -12.52
C LYS C 354 10.42 16.50 -11.98
N ILE C 355 11.16 17.35 -11.25
CA ILE C 355 10.57 18.55 -10.69
C ILE C 355 9.91 19.39 -11.78
N GLU C 356 10.46 19.34 -12.99
CA GLU C 356 9.90 20.12 -14.10
C GLU C 356 8.47 19.70 -14.41
N TYR C 357 8.12 18.46 -14.09
CA TYR C 357 6.75 18.00 -14.33
C TYR C 357 5.81 18.73 -13.38
N LEU C 358 6.22 18.86 -12.11
CA LEU C 358 5.40 19.54 -11.12
C LEU C 358 5.25 21.02 -11.48
N LYS C 359 6.36 21.65 -11.83
CA LYS C 359 6.35 23.06 -12.22
C LYS C 359 5.45 23.29 -13.42
N THR C 360 5.53 22.41 -14.41
CA THR C 360 4.72 22.56 -15.61
C THR C 360 3.22 22.49 -15.29
N ILE C 361 2.83 21.49 -14.51
CA ILE C 361 1.42 21.31 -14.16
C ILE C 361 0.89 22.36 -13.17
N TYR C 362 1.70 22.73 -12.17
CA TYR C 362 1.27 23.71 -11.18
C TYR C 362 1.55 25.18 -11.54
N ASN C 363 2.77 25.47 -11.98
CA ASN C 363 3.14 26.84 -12.31
C ASN C 363 2.89 27.30 -13.73
N GLU C 364 2.63 26.37 -14.64
CA GLU C 364 2.37 26.76 -16.03
C GLU C 364 0.90 26.59 -16.37
N ASN C 365 0.04 27.06 -15.48
CA ASN C 365 -1.40 27.00 -15.65
C ASN C 365 -2.10 27.68 -14.48
N MET D 1 3.71 -0.38 11.20
CA MET D 1 3.89 0.36 9.92
C MET D 1 4.92 1.47 10.14
N ASN D 2 6.09 1.31 9.52
CA ASN D 2 7.15 2.30 9.68
C ASN D 2 7.29 3.23 8.49
N THR D 3 6.25 3.29 7.66
CA THR D 3 6.25 4.15 6.48
C THR D 3 5.07 5.13 6.51
N LEU D 4 5.35 6.39 6.23
CA LEU D 4 4.34 7.43 6.19
C LEU D 4 4.23 7.95 4.76
N GLY D 5 3.02 8.01 4.21
CA GLY D 5 2.84 8.53 2.86
C GLY D 5 2.51 7.49 1.82
N ARG D 6 1.92 7.95 0.71
CA ARG D 6 1.54 7.07 -0.39
C ARG D 6 2.62 7.06 -1.47
N PHE D 7 2.97 8.22 -2.00
CA PHE D 7 4.03 8.27 -3.00
C PHE D 7 5.31 8.86 -2.38
N LEU D 8 5.20 10.04 -1.78
CA LEU D 8 6.35 10.63 -1.10
C LEU D 8 6.31 9.84 0.21
N ARG D 9 7.10 8.77 0.27
CA ARG D 9 7.09 7.88 1.42
C ARG D 9 8.31 7.94 2.34
N LEU D 10 8.04 8.22 3.60
CA LEU D 10 9.10 8.30 4.61
C LEU D 10 9.09 7.03 5.45
N THR D 11 10.21 6.34 5.45
CA THR D 11 10.34 5.11 6.24
C THR D 11 11.46 5.31 7.27
N THR D 12 11.22 4.85 8.49
CA THR D 12 12.17 5.00 9.58
C THR D 12 12.73 3.69 10.12
N PHE D 13 13.89 3.79 10.77
CA PHE D 13 14.55 2.63 11.38
C PHE D 13 13.80 2.27 12.64
N GLY D 14 12.93 3.17 13.09
CA GLY D 14 12.14 2.93 14.27
C GLY D 14 12.86 3.18 15.58
N GLU D 15 12.17 2.87 16.68
CA GLU D 15 12.74 3.08 18.00
C GLU D 15 14.02 2.27 18.21
N SER D 16 15.04 2.96 18.74
CA SER D 16 16.33 2.35 19.00
C SER D 16 17.00 3.04 20.19
N HIS D 17 18.04 2.43 20.74
CA HIS D 17 18.75 2.99 21.87
C HIS D 17 20.21 3.27 21.53
N GLY D 18 20.52 3.21 20.24
CA GLY D 18 21.89 3.43 19.79
C GLY D 18 22.21 4.90 19.58
N ASP D 19 23.42 5.17 19.07
CA ASP D 19 23.86 6.53 18.83
C ASP D 19 23.52 6.97 17.40
N VAL D 20 22.97 6.06 16.61
CA VAL D 20 22.62 6.37 15.23
C VAL D 20 21.18 6.04 14.87
N ILE D 21 20.49 7.03 14.31
CA ILE D 21 19.11 6.87 13.87
C ILE D 21 19.07 7.17 12.37
N GLY D 22 18.18 6.50 11.65
CA GLY D 22 18.10 6.73 10.22
C GLY D 22 16.72 6.68 9.63
N GLY D 23 16.64 7.05 8.36
CA GLY D 23 15.38 7.06 7.66
C GLY D 23 15.65 7.27 6.19
N VAL D 24 14.64 7.10 5.37
CA VAL D 24 14.78 7.29 3.95
C VAL D 24 13.51 7.87 3.38
N LEU D 25 13.63 8.97 2.66
CA LEU D 25 12.49 9.62 2.05
C LEU D 25 12.48 9.24 0.58
N ASP D 26 11.45 8.50 0.19
CA ASP D 26 11.29 8.01 -1.17
C ASP D 26 10.22 8.80 -1.94
N GLY D 27 10.46 9.07 -3.22
CA GLY D 27 9.49 9.79 -4.02
C GLY D 27 9.80 11.25 -4.33
N MET D 28 10.96 11.72 -3.90
CA MET D 28 11.35 13.10 -4.19
C MET D 28 11.63 13.19 -5.69
N PRO D 29 11.02 14.16 -6.39
CA PRO D 29 11.31 14.23 -7.82
C PRO D 29 12.76 14.67 -7.98
N SER D 30 13.35 14.43 -9.16
CA SER D 30 14.72 14.81 -9.38
C SER D 30 14.82 16.29 -9.71
N GLY D 31 16.02 16.84 -9.59
CA GLY D 31 16.23 18.24 -9.92
C GLY D 31 15.91 19.25 -8.84
N ILE D 32 15.75 18.81 -7.60
CA ILE D 32 15.46 19.74 -6.53
C ILE D 32 16.77 20.09 -5.82
N LYS D 33 17.06 21.37 -5.75
CA LYS D 33 18.29 21.83 -5.10
C LYS D 33 18.18 21.59 -3.60
N ILE D 34 19.12 20.83 -3.06
CA ILE D 34 19.11 20.56 -1.64
C ILE D 34 19.54 21.81 -0.88
N ASP D 35 18.65 22.29 -0.01
CA ASP D 35 18.91 23.48 0.80
C ASP D 35 19.44 23.07 2.17
N TYR D 36 20.75 22.81 2.23
CA TYR D 36 21.39 22.38 3.47
C TYR D 36 21.13 23.34 4.60
N ALA D 37 21.07 24.63 4.28
CA ALA D 37 20.82 25.65 5.27
C ALA D 37 19.43 25.46 5.88
N LEU D 38 18.46 25.09 5.04
CA LEU D 38 17.11 24.87 5.53
C LEU D 38 17.14 23.65 6.45
N LEU D 39 17.67 22.54 5.93
CA LEU D 39 17.78 21.30 6.67
C LEU D 39 18.42 21.51 8.04
N GLU D 40 19.51 22.26 8.05
CA GLU D 40 20.24 22.56 9.27
C GLU D 40 19.44 23.41 10.25
N ASN D 41 18.77 24.45 9.75
CA ASN D 41 17.98 25.33 10.61
C ASN D 41 16.76 24.61 11.18
N GLU D 42 16.24 23.64 10.43
CA GLU D 42 15.09 22.85 10.86
C GLU D 42 15.47 21.96 12.03
N MET D 43 16.65 21.35 11.94
CA MET D 43 17.13 20.47 13.01
C MET D 43 17.35 21.30 14.26
N LYS D 44 17.68 22.58 14.07
CA LYS D 44 17.90 23.46 15.20
C LYS D 44 16.57 23.75 15.88
N ARG D 45 15.60 24.26 15.12
CA ARG D 45 14.29 24.60 15.65
C ARG D 45 13.57 23.50 16.40
N ARG D 46 13.79 22.24 16.02
CA ARG D 46 13.11 21.13 16.67
C ARG D 46 13.51 20.98 18.13
N GLN D 47 14.62 21.59 18.51
CA GLN D 47 15.09 21.50 19.88
C GLN D 47 14.63 22.65 20.76
N GLY D 48 13.86 23.57 20.18
CA GLY D 48 13.37 24.71 20.94
C GLY D 48 13.81 26.05 20.38
N GLY D 49 13.49 27.12 21.10
CA GLY D 49 13.87 28.45 20.64
C GLY D 49 14.52 29.35 21.69
N ARG D 50 15.30 28.75 22.59
CA ARG D 50 15.97 29.52 23.64
C ARG D 50 16.81 30.63 23.03
N ASN D 51 16.81 31.79 23.68
CA ASN D 51 17.58 32.93 23.19
C ASN D 51 19.08 32.67 23.34
N VAL D 52 19.43 31.80 24.27
CA VAL D 52 20.82 31.45 24.51
C VAL D 52 21.11 30.04 24.00
N PHE D 53 21.88 29.94 22.93
CA PHE D 53 22.21 28.63 22.35
C PHE D 53 23.67 28.52 21.95
N ILE D 54 24.09 27.30 21.61
CA ILE D 54 25.46 27.04 21.19
C ILE D 54 25.48 26.73 19.70
N THR D 55 26.37 27.40 18.97
CA THR D 55 26.48 27.22 17.52
C THR D 55 26.33 25.77 17.09
N PRO D 56 25.67 25.54 15.95
CA PRO D 56 25.41 24.21 15.37
C PRO D 56 26.68 23.39 15.14
N ARG D 57 26.57 22.37 14.30
CA ARG D 57 27.69 21.49 13.96
C ARG D 57 28.19 20.73 15.17
N LYS D 58 27.62 20.99 16.34
CA LYS D 58 28.03 20.31 17.56
C LYS D 58 26.85 19.82 18.40
N GLU D 59 27.18 19.20 19.52
CA GLU D 59 26.18 18.69 20.46
C GLU D 59 25.26 17.65 19.83
N ASP D 60 24.31 18.10 19.02
CA ASP D 60 23.36 17.20 18.37
C ASP D 60 23.21 17.52 16.89
N ASP D 61 22.08 17.11 16.31
CA ASP D 61 21.80 17.36 14.90
C ASP D 61 22.80 16.71 13.96
N LYS D 62 23.10 17.40 12.86
CA LYS D 62 24.04 16.93 11.84
C LYS D 62 23.46 15.75 11.06
N VAL D 63 22.71 16.07 10.01
CA VAL D 63 22.07 15.06 9.16
C VAL D 63 23.03 14.59 8.09
N GLU D 64 23.32 13.29 8.08
CA GLU D 64 24.22 12.70 7.11
C GLU D 64 23.44 12.07 5.95
N ILE D 65 23.45 12.73 4.80
CA ILE D 65 22.77 12.18 3.61
C ILE D 65 23.65 11.10 2.97
N THR D 66 23.10 9.91 2.80
CA THR D 66 23.88 8.83 2.23
C THR D 66 23.47 8.43 0.81
N SER D 67 22.39 9.00 0.31
CA SER D 67 21.92 8.66 -1.03
C SER D 67 20.84 9.59 -1.55
N GLY D 68 20.51 9.46 -2.82
CA GLY D 68 19.47 10.27 -3.41
C GLY D 68 19.83 11.71 -3.72
N VAL D 69 21.11 12.05 -3.60
CA VAL D 69 21.56 13.40 -3.88
C VAL D 69 22.88 13.36 -4.65
N PHE D 70 22.99 14.24 -5.64
CA PHE D 70 24.18 14.31 -6.47
C PHE D 70 24.45 15.77 -6.79
N GLU D 71 25.63 16.24 -6.41
CA GLU D 71 26.01 17.63 -6.63
C GLU D 71 24.91 18.58 -6.13
N ASP D 72 24.44 18.31 -4.92
CA ASP D 72 23.43 19.12 -4.26
C ASP D 72 22.03 19.13 -4.89
N PHE D 73 21.76 18.19 -5.77
CA PHE D 73 20.44 18.08 -6.40
C PHE D 73 19.84 16.70 -6.17
N SER D 74 18.53 16.65 -5.92
CA SER D 74 17.87 15.37 -5.73
C SER D 74 18.04 14.58 -7.01
N THR D 75 18.26 13.27 -6.88
CA THR D 75 18.44 12.39 -8.04
C THR D 75 17.14 11.76 -8.51
N GLY D 76 16.15 11.67 -7.63
CA GLY D 76 14.88 11.06 -7.98
C GLY D 76 14.79 9.67 -7.38
N THR D 77 15.87 9.23 -6.74
CA THR D 77 15.91 7.92 -6.10
C THR D 77 15.78 8.19 -4.60
N PRO D 78 15.68 7.14 -3.77
CA PRO D 78 15.54 7.31 -2.32
C PRO D 78 16.63 8.15 -1.67
N ILE D 79 16.22 9.14 -0.88
CA ILE D 79 17.19 9.97 -0.18
C ILE D 79 17.31 9.41 1.23
N GLY D 80 18.31 8.58 1.44
CA GLY D 80 18.51 7.98 2.75
C GLY D 80 19.35 8.91 3.59
N PHE D 81 19.14 8.89 4.90
CA PHE D 81 19.90 9.76 5.77
C PHE D 81 20.09 9.19 7.16
N LEU D 82 21.13 9.66 7.84
CA LEU D 82 21.44 9.18 9.18
C LEU D 82 21.70 10.38 10.08
N ILE D 83 21.36 10.21 11.36
CA ILE D 83 21.55 11.26 12.35
C ILE D 83 22.19 10.63 13.59
N HIS D 84 23.37 11.13 13.94
CA HIS D 84 24.12 10.61 15.07
C HIS D 84 23.94 11.49 16.31
N ASN D 85 24.48 11.03 17.43
CA ASN D 85 24.41 11.78 18.69
C ASN D 85 25.23 11.10 19.78
N GLN D 86 25.17 11.66 20.98
CA GLN D 86 25.89 11.13 22.13
C GLN D 86 27.41 11.17 21.97
N ARG D 87 28.08 11.55 23.05
CA ARG D 87 29.54 11.63 23.07
C ARG D 87 30.10 10.80 24.23
N ALA D 88 30.67 11.48 25.21
CA ALA D 88 31.24 10.81 26.37
C ALA D 88 30.86 11.53 27.66
N ARG D 89 30.33 10.79 28.62
CA ARG D 89 29.92 11.33 29.93
C ARG D 89 28.73 12.28 29.77
N SER D 90 27.74 12.12 30.68
CA SER D 90 26.54 12.95 30.64
C SER D 90 26.19 13.43 32.05
N LYS D 91 25.01 12.99 32.55
CA LYS D 91 24.55 13.41 33.88
C LYS D 91 24.20 12.18 34.71
N ASP D 92 22.90 11.84 34.75
CA ASP D 92 22.44 10.69 35.55
C ASP D 92 20.99 10.36 35.19
N TYR D 93 20.10 10.46 36.17
CA TYR D 93 18.67 10.19 36.00
C TYR D 93 18.46 8.73 35.57
N ASP D 94 18.23 7.86 36.55
CA ASP D 94 17.98 6.44 36.27
C ASP D 94 17.80 5.67 37.60
N ASN D 95 16.54 5.39 37.93
CA ASN D 95 16.23 4.64 39.16
C ASN D 95 15.16 3.58 38.87
N ILE D 96 15.62 2.37 38.58
CA ILE D 96 14.71 1.25 38.26
C ILE D 96 14.00 1.53 36.93
N LYS D 97 14.14 0.61 36.00
CA LYS D 97 13.53 0.77 34.69
C LYS D 97 12.78 -0.48 34.21
N ASN D 98 12.11 -1.15 35.13
CA ASN D 98 11.33 -2.34 34.81
C ASN D 98 9.86 -2.17 35.20
N LEU D 99 9.41 -0.91 35.24
CA LEU D 99 8.03 -0.60 35.57
C LEU D 99 7.41 0.21 34.43
N PHE D 100 6.09 0.37 34.45
CA PHE D 100 5.44 1.14 33.40
C PHE D 100 5.24 2.57 33.90
N ARG D 101 5.90 3.53 33.26
CA ARG D 101 5.75 4.92 33.64
C ARG D 101 4.37 5.37 33.18
N PRO D 102 3.60 6.03 34.07
CA PRO D 102 2.27 6.48 33.66
C PRO D 102 2.27 7.44 32.48
N SER D 103 1.29 7.28 31.61
CA SER D 103 1.13 8.12 30.42
C SER D 103 2.23 7.92 29.38
N HIS D 104 3.00 6.86 29.53
CA HIS D 104 4.06 6.54 28.58
C HIS D 104 3.63 5.27 27.87
N ALA D 105 4.24 5.00 26.72
CA ALA D 105 3.94 3.83 25.91
C ALA D 105 4.50 2.50 26.43
N ASP D 106 5.29 2.53 27.51
CA ASP D 106 5.88 1.31 28.07
C ASP D 106 4.90 0.15 28.21
N PHE D 107 3.75 0.43 28.81
CA PHE D 107 2.72 -0.58 29.04
C PHE D 107 2.22 -1.27 27.76
N THR D 108 1.79 -0.48 26.77
CA THR D 108 1.28 -1.07 25.53
C THR D 108 2.36 -1.77 24.73
N TYR D 109 3.59 -1.23 24.70
CA TYR D 109 4.68 -1.89 23.98
C TYR D 109 4.93 -3.26 24.59
N PHE D 110 4.98 -3.30 25.92
CA PHE D 110 5.22 -4.56 26.63
C PHE D 110 4.15 -5.59 26.29
N HIS D 111 2.88 -5.20 26.34
CA HIS D 111 1.83 -6.18 26.02
C HIS D 111 1.82 -6.60 24.57
N LYS D 112 2.01 -5.66 23.66
CA LYS D 112 2.01 -5.98 22.24
C LYS D 112 3.15 -6.90 21.86
N TYR D 113 4.37 -6.55 22.27
CA TYR D 113 5.54 -7.33 21.92
C TYR D 113 6.17 -8.19 23.01
N GLY D 114 5.77 -8.00 24.26
CA GLY D 114 6.31 -8.80 25.34
C GLY D 114 7.79 -8.59 25.59
N ILE D 115 8.33 -7.46 25.19
CA ILE D 115 9.75 -7.21 25.41
C ILE D 115 10.04 -5.86 26.06
N ARG D 116 10.66 -5.93 27.24
CA ARG D 116 11.01 -4.74 27.98
C ARG D 116 12.17 -4.11 27.22
N ASP D 117 12.22 -2.79 27.18
CA ASP D 117 13.29 -2.11 26.46
C ASP D 117 13.27 -0.62 26.76
N PHE D 118 12.22 -0.17 27.43
CA PHE D 118 12.09 1.24 27.78
C PHE D 118 13.26 1.67 28.67
N ARG D 119 14.27 2.27 28.05
CA ARG D 119 15.46 2.73 28.76
C ARG D 119 15.53 4.26 28.84
N GLY D 120 16.65 4.76 29.36
CA GLY D 120 16.83 6.19 29.49
C GLY D 120 16.68 6.98 28.20
N GLY D 121 16.94 8.28 28.28
CA GLY D 121 16.84 9.13 27.10
C GLY D 121 15.40 9.47 26.78
N GLY D 122 14.55 9.44 27.79
CA GLY D 122 13.14 9.74 27.58
C GLY D 122 12.50 8.68 26.69
N ARG D 123 13.12 7.50 26.65
CA ARG D 123 12.63 6.38 25.84
C ARG D 123 12.96 6.55 24.36
N SER D 124 12.53 7.69 23.80
CA SER D 124 12.75 7.99 22.39
C SER D 124 12.04 9.30 22.05
N SER D 125 10.90 9.19 21.36
CA SER D 125 10.12 10.36 20.99
C SER D 125 10.93 11.33 20.15
N ALA D 126 11.80 12.09 20.82
CA ALA D 126 12.66 13.06 20.15
C ALA D 126 13.39 12.43 18.97
N ARG D 127 13.71 11.15 19.10
CA ARG D 127 14.42 10.43 18.04
C ARG D 127 13.63 10.44 16.75
N GLU D 128 12.41 9.90 16.80
CA GLU D 128 11.55 9.87 15.62
C GLU D 128 11.33 11.27 15.07
N SER D 129 11.15 12.24 15.95
CA SER D 129 10.91 13.60 15.53
C SER D 129 12.07 14.18 14.72
N ALA D 130 13.28 13.74 15.03
CA ALA D 130 14.46 14.20 14.30
C ALA D 130 14.36 13.71 12.87
N ILE D 131 13.85 12.49 12.72
CA ILE D 131 13.69 11.88 11.40
C ILE D 131 12.56 12.61 10.65
N ARG D 132 11.48 12.93 11.36
CA ARG D 132 10.35 13.62 10.75
C ARG D 132 10.71 15.05 10.34
N VAL D 133 11.44 15.76 11.18
CA VAL D 133 11.84 17.12 10.89
C VAL D 133 12.82 17.16 9.72
N ALA D 134 13.78 16.23 9.72
CA ALA D 134 14.75 16.17 8.61
C ALA D 134 13.98 15.91 7.32
N ALA D 135 13.14 14.88 7.33
CA ALA D 135 12.33 14.53 6.15
C ALA D 135 11.45 15.70 5.75
N GLY D 136 10.91 16.40 6.74
CA GLY D 136 10.07 17.56 6.44
C GLY D 136 10.84 18.64 5.70
N ALA D 137 12.15 18.71 5.95
CA ALA D 137 12.98 19.71 5.29
C ALA D 137 12.98 19.48 3.77
N PHE D 138 13.05 18.22 3.37
CA PHE D 138 13.04 17.89 1.96
C PHE D 138 11.66 18.16 1.37
N ALA D 139 10.62 17.83 2.13
CA ALA D 139 9.25 18.06 1.66
C ALA D 139 9.10 19.56 1.42
N LYS D 140 9.58 20.35 2.37
CA LYS D 140 9.48 21.79 2.23
C LYS D 140 10.17 22.27 0.95
N MET D 141 11.34 21.70 0.67
CA MET D 141 12.09 22.07 -0.54
C MET D 141 11.23 21.82 -1.76
N LEU D 142 10.51 20.69 -1.77
CA LEU D 142 9.64 20.36 -2.90
C LEU D 142 8.51 21.38 -2.99
N LEU D 143 7.81 21.59 -1.88
CA LEU D 143 6.69 22.53 -1.85
C LEU D 143 7.06 23.94 -2.32
N ARG D 144 8.25 24.40 -1.92
CA ARG D 144 8.73 25.74 -2.30
C ARG D 144 8.76 25.90 -3.82
N GLU D 145 9.02 24.82 -4.53
CA GLU D 145 9.08 24.85 -5.99
C GLU D 145 7.74 25.24 -6.62
N ILE D 146 6.65 25.18 -5.86
CA ILE D 146 5.36 25.58 -6.38
C ILE D 146 4.68 26.59 -5.48
N GLY D 147 5.50 27.39 -4.80
CA GLY D 147 4.99 28.45 -3.94
C GLY D 147 4.16 28.10 -2.74
N ILE D 148 4.46 26.99 -2.09
CA ILE D 148 3.72 26.60 -0.90
C ILE D 148 4.64 26.58 0.31
N VAL D 149 4.21 27.18 1.41
CA VAL D 149 5.03 27.17 2.62
C VAL D 149 4.20 26.68 3.80
N CYS D 150 4.87 26.08 4.78
CA CYS D 150 4.18 25.63 5.98
C CYS D 150 4.79 26.40 7.14
N GLU D 151 3.95 26.79 8.10
CA GLU D 151 4.37 27.55 9.26
C GLU D 151 3.60 27.04 10.47
N SER D 152 4.12 27.31 11.68
CA SER D 152 3.46 26.87 12.90
C SER D 152 3.80 27.77 14.08
N GLY D 153 3.12 27.55 15.20
CA GLY D 153 3.35 28.32 16.42
C GLY D 153 2.50 27.82 17.56
N ILE D 154 2.79 28.31 18.76
CA ILE D 154 2.05 27.92 19.96
C ILE D 154 1.01 28.99 20.23
N ILE D 155 -0.26 28.59 20.36
CA ILE D 155 -1.31 29.55 20.65
C ILE D 155 -1.81 29.37 22.07
N GLU D 156 -1.35 28.29 22.72
CA GLU D 156 -1.77 28.01 24.08
C GLU D 156 -0.78 27.16 24.87
N ILE D 157 -0.57 27.56 26.12
CA ILE D 157 0.32 26.85 27.05
C ILE D 157 -0.39 26.86 28.40
N GLY D 158 -0.73 25.68 28.90
CA GLY D 158 -1.40 25.60 30.19
C GLY D 158 -2.66 26.44 30.31
N GLY D 159 -3.40 26.58 29.21
CA GLY D 159 -4.63 27.35 29.26
C GLY D 159 -4.49 28.82 28.91
N ILE D 160 -3.27 29.33 28.86
CA ILE D 160 -3.02 30.72 28.52
C ILE D 160 -3.07 30.84 26.99
N LYS D 161 -4.16 31.44 26.51
CA LYS D 161 -4.41 31.58 25.08
C LYS D 161 -3.88 32.85 24.40
N ALA D 162 -3.49 32.70 23.15
CA ALA D 162 -3.00 33.81 22.35
C ALA D 162 -4.23 34.45 21.68
N LYS D 163 -4.25 35.78 21.59
CA LYS D 163 -5.36 36.48 20.97
C LYS D 163 -5.09 36.80 19.50
N ASN D 164 -3.84 37.11 19.19
CA ASN D 164 -3.46 37.42 17.82
C ASN D 164 -2.24 36.63 17.40
N TYR D 165 -2.23 36.17 16.15
CA TYR D 165 -1.13 35.37 15.64
C TYR D 165 -0.18 36.11 14.72
N ASP D 166 1.10 36.05 15.06
CA ASP D 166 2.16 36.65 14.28
C ASP D 166 3.21 35.56 14.14
N PHE D 167 3.23 34.88 13.00
CA PHE D 167 4.17 33.79 12.80
C PHE D 167 5.64 34.18 12.75
N ASN D 168 5.92 35.41 12.33
CA ASN D 168 7.31 35.84 12.27
C ASN D 168 7.88 36.01 13.67
N HIS D 169 7.01 36.36 14.60
CA HIS D 169 7.42 36.53 15.98
C HIS D 169 7.63 35.17 16.65
N ALA D 170 6.79 34.20 16.29
CA ALA D 170 6.90 32.87 16.84
C ALA D 170 8.27 32.27 16.55
N LEU D 171 8.82 32.58 15.38
CA LEU D 171 10.14 32.06 15.00
C LEU D 171 11.26 32.44 15.95
N LYS D 172 11.21 33.65 16.49
CA LYS D 172 12.27 34.10 17.40
C LYS D 172 11.87 33.94 18.88
N SER D 173 10.64 33.50 19.12
CA SER D 173 10.17 33.31 20.49
C SER D 173 10.80 32.09 21.14
N GLU D 174 11.14 32.23 22.41
CA GLU D 174 11.75 31.14 23.17
C GLU D 174 10.81 29.95 23.22
N ILE D 175 9.51 30.21 23.21
CA ILE D 175 8.51 29.15 23.26
C ILE D 175 7.60 29.19 22.03
N PHE D 176 8.17 29.68 20.92
CA PHE D 176 7.44 29.77 19.66
C PHE D 176 6.06 30.44 19.80
N ALA D 177 5.94 31.36 20.75
CA ALA D 177 4.68 32.06 20.99
C ALA D 177 4.23 32.91 19.83
N LEU D 178 2.95 32.81 19.47
CA LEU D 178 2.38 33.57 18.36
C LEU D 178 1.82 34.94 18.75
N ASP D 179 1.58 35.14 20.04
CA ASP D 179 1.07 36.42 20.54
C ASP D 179 2.07 36.94 21.57
N GLU D 180 2.83 37.96 21.20
CA GLU D 180 3.83 38.51 22.10
C GLU D 180 3.23 39.07 23.39
N GLU D 181 1.97 39.47 23.34
CA GLU D 181 1.32 40.03 24.53
C GLU D 181 0.87 39.00 25.56
N GLN D 182 1.01 37.71 25.24
CA GLN D 182 0.62 36.64 26.18
C GLN D 182 1.81 35.74 26.48
N GLU D 183 2.88 35.92 25.70
CA GLU D 183 4.08 35.13 25.82
C GLU D 183 4.65 35.04 27.24
N GLU D 184 4.70 36.17 27.94
CA GLU D 184 5.22 36.18 29.30
C GLU D 184 4.34 35.37 30.25
N ALA D 185 3.03 35.47 30.07
CA ALA D 185 2.11 34.73 30.91
C ALA D 185 2.27 33.24 30.61
N GLN D 186 2.53 32.94 29.35
CA GLN D 186 2.73 31.56 28.91
C GLN D 186 4.05 31.02 29.47
N LYS D 187 5.08 31.86 29.49
CA LYS D 187 6.38 31.45 30.02
C LYS D 187 6.24 31.24 31.53
N THR D 188 5.40 32.05 32.16
CA THR D 188 5.18 31.93 33.60
C THR D 188 4.53 30.58 33.91
N ALA D 189 3.63 30.13 33.05
CA ALA D 189 2.97 28.86 33.24
C ALA D 189 4.02 27.73 33.22
N ILE D 190 4.95 27.80 32.27
CA ILE D 190 6.00 26.79 32.18
C ILE D 190 6.84 26.83 33.45
N GLN D 191 7.23 28.02 33.89
CA GLN D 191 8.03 28.18 35.09
C GLN D 191 7.32 27.60 36.30
N ASN D 192 6.02 27.82 36.43
CA ASN D 192 5.29 27.26 37.57
C ASN D 192 5.32 25.74 37.51
N ALA D 193 5.32 25.19 36.29
CA ALA D 193 5.37 23.75 36.10
C ALA D 193 6.71 23.19 36.59
N ILE D 194 7.80 23.84 36.21
CA ILE D 194 9.14 23.41 36.63
C ILE D 194 9.31 23.51 38.15
N LYS D 195 8.82 24.60 38.73
CA LYS D 195 8.91 24.81 40.17
C LYS D 195 8.21 23.68 40.92
N ASN D 196 7.01 23.32 40.45
CA ASN D 196 6.23 22.27 41.08
C ASN D 196 6.59 20.87 40.60
N HIS D 197 7.64 20.75 39.80
CA HIS D 197 8.05 19.45 39.29
C HIS D 197 6.88 18.79 38.54
N ASP D 198 6.16 19.60 37.79
CA ASP D 198 5.01 19.12 37.02
C ASP D 198 5.18 19.50 35.55
N SER D 199 4.15 19.23 34.76
CA SER D 199 4.17 19.56 33.34
C SER D 199 2.81 20.16 32.95
N ILE D 200 2.71 20.73 31.76
CA ILE D 200 1.45 21.33 31.31
C ILE D 200 1.20 21.04 29.84
N GLY D 201 -0.06 21.13 29.43
CA GLY D 201 -0.41 20.87 28.05
C GLY D 201 -0.31 22.12 27.20
N GLY D 202 -0.65 21.98 25.92
CA GLY D 202 -0.58 23.13 25.04
C GLY D 202 -1.24 22.88 23.69
N VAL D 203 -1.37 23.94 22.92
CA VAL D 203 -2.00 23.84 21.61
C VAL D 203 -1.16 24.53 20.55
N ALA D 204 -0.87 23.82 19.48
CA ALA D 204 -0.08 24.36 18.39
C ALA D 204 -0.95 24.66 17.17
N LEU D 205 -0.65 25.77 16.50
CA LEU D 205 -1.38 26.16 15.30
C LEU D 205 -0.44 25.94 14.15
N ILE D 206 -0.84 25.11 13.18
CA ILE D 206 -0.02 24.82 12.01
C ILE D 206 -0.76 25.38 10.80
N ARG D 207 -0.01 25.95 9.87
CA ARG D 207 -0.63 26.54 8.69
C ARG D 207 0.19 26.37 7.43
N ALA D 208 -0.49 26.30 6.30
CA ALA D 208 0.14 26.21 4.98
C ALA D 208 -0.52 27.32 4.19
N ARG D 209 0.27 28.03 3.39
CA ARG D 209 -0.27 29.11 2.57
C ARG D 209 0.56 29.24 1.30
N SER D 210 0.01 29.97 0.33
CA SER D 210 0.72 30.16 -0.93
C SER D 210 1.50 31.46 -0.98
N ILE D 211 2.72 31.36 -1.49
CA ILE D 211 3.59 32.50 -1.65
C ILE D 211 3.50 32.91 -3.12
N LYS D 212 2.73 32.13 -3.89
CA LYS D 212 2.53 32.42 -5.30
C LYS D 212 1.85 33.80 -5.37
N THR D 213 1.92 34.43 -6.54
CA THR D 213 1.35 35.75 -6.72
C THR D 213 -0.17 35.82 -6.56
N ASN D 214 -0.87 34.72 -6.82
CA ASN D 214 -2.33 34.72 -6.68
C ASN D 214 -2.76 34.58 -5.22
N GLN D 215 -1.81 34.19 -4.37
CA GLN D 215 -2.06 34.02 -2.94
C GLN D 215 -2.94 32.81 -2.63
N LYS D 216 -3.10 31.92 -3.59
CA LYS D 216 -3.93 30.74 -3.40
C LYS D 216 -3.16 29.43 -3.54
N LEU D 217 -3.43 28.50 -2.65
CA LEU D 217 -2.79 27.19 -2.71
C LEU D 217 -3.46 26.43 -3.86
N PRO D 218 -2.82 25.35 -4.33
CA PRO D 218 -3.46 24.60 -5.43
C PRO D 218 -4.84 24.15 -4.95
N ILE D 219 -5.80 24.10 -5.86
CA ILE D 219 -7.14 23.68 -5.48
C ILE D 219 -7.42 22.24 -5.90
N GLY D 220 -7.72 21.39 -4.93
CA GLY D 220 -8.04 20.01 -5.26
C GLY D 220 -7.09 18.96 -4.72
N LEU D 221 -6.21 19.37 -3.82
CA LEU D 221 -5.26 18.44 -3.21
C LEU D 221 -6.08 17.59 -2.23
N GLY D 222 -5.82 16.29 -2.22
CA GLY D 222 -6.57 15.37 -1.38
C GLY D 222 -7.02 14.29 -2.35
N GLN D 223 -6.93 13.02 -1.96
CA GLN D 223 -7.29 11.96 -2.89
C GLN D 223 -8.52 11.13 -2.61
N GLY D 224 -9.41 11.10 -3.60
CA GLY D 224 -10.63 10.29 -3.50
C GLY D 224 -11.28 10.38 -2.15
N LEU D 225 -12.10 9.38 -1.84
CA LEU D 225 -12.84 9.33 -0.57
C LEU D 225 -12.10 8.87 0.66
N TYR D 226 -11.12 7.98 0.49
CA TYR D 226 -10.40 7.47 1.64
C TYR D 226 -8.98 7.97 1.87
N ALA D 227 -8.59 9.00 1.12
CA ALA D 227 -7.28 9.63 1.28
C ALA D 227 -7.50 11.14 1.18
N LYS D 228 -8.56 11.61 1.84
CA LYS D 228 -8.86 13.04 1.84
C LYS D 228 -7.74 13.80 2.53
N LEU D 229 -7.56 15.07 2.17
CA LEU D 229 -6.50 15.89 2.75
C LEU D 229 -6.59 16.08 4.25
N ASP D 230 -7.78 16.43 4.74
CA ASP D 230 -7.94 16.63 6.18
C ASP D 230 -7.79 15.30 6.93
N ALA D 231 -8.26 14.23 6.29
CA ALA D 231 -8.15 12.90 6.88
C ALA D 231 -6.67 12.55 7.10
N LYS D 232 -5.87 12.81 6.08
CA LYS D 232 -4.43 12.52 6.13
C LYS D 232 -3.67 13.43 7.09
N ILE D 233 -4.09 14.69 7.19
CA ILE D 233 -3.47 15.63 8.12
C ILE D 233 -3.77 15.12 9.54
N ALA D 234 -5.03 14.73 9.79
CA ALA D 234 -5.42 14.24 11.11
C ALA D 234 -4.66 12.95 11.45
N GLU D 235 -4.47 12.09 10.46
CA GLU D 235 -3.76 10.84 10.67
C GLU D 235 -2.32 11.11 11.13
N ALA D 236 -1.65 12.05 10.49
CA ALA D 236 -0.27 12.34 10.84
C ALA D 236 -0.13 13.03 12.19
N MET D 237 -0.96 14.05 12.43
CA MET D 237 -0.90 14.79 13.69
C MET D 237 -1.25 13.93 14.90
N MET D 238 -2.39 13.27 14.83
CA MET D 238 -2.87 12.42 15.92
C MET D 238 -1.89 11.28 16.16
N GLY D 239 -1.11 10.93 15.13
CA GLY D 239 -0.15 9.87 15.27
C GLY D 239 1.07 10.33 16.05
N LEU D 240 1.13 11.63 16.34
CA LEU D 240 2.26 12.18 17.09
C LEU D 240 2.01 11.92 18.56
N ASN D 241 2.98 11.29 19.23
CA ASN D 241 2.82 10.99 20.64
C ASN D 241 2.59 12.28 21.42
N GLY D 242 1.57 12.26 22.27
CA GLY D 242 1.26 13.44 23.05
C GLY D 242 0.00 14.13 22.54
N VAL D 243 -0.37 13.88 21.29
CA VAL D 243 -1.55 14.49 20.71
C VAL D 243 -2.83 13.71 21.02
N LYS D 244 -3.85 14.43 21.50
CA LYS D 244 -5.12 13.81 21.85
C LYS D 244 -6.28 14.42 21.07
N ALA D 245 -6.00 15.44 20.27
CA ALA D 245 -7.05 16.07 19.48
C ALA D 245 -6.49 16.86 18.30
N VAL D 246 -7.22 16.82 17.19
CA VAL D 246 -6.83 17.53 15.98
C VAL D 246 -8.05 18.31 15.45
N GLU D 247 -7.82 19.56 15.08
CA GLU D 247 -8.87 20.43 14.54
C GLU D 247 -8.49 20.99 13.17
N ILE D 248 -9.48 21.12 12.29
CA ILE D 248 -9.25 21.71 10.98
C ILE D 248 -10.16 22.94 10.93
N GLY D 249 -9.62 24.09 10.55
CA GLY D 249 -10.42 25.30 10.47
C GLY D 249 -11.13 25.62 11.77
N LYS D 250 -12.42 25.92 11.68
CA LYS D 250 -13.21 26.27 12.85
C LYS D 250 -13.21 25.17 13.92
N GLY D 251 -12.81 23.96 13.52
CA GLY D 251 -12.70 22.84 14.44
C GLY D 251 -13.82 22.57 15.42
N VAL D 252 -13.50 22.44 16.70
CA VAL D 252 -14.50 22.15 17.71
C VAL D 252 -15.58 23.23 17.85
N GLU D 253 -15.28 24.44 17.38
CA GLU D 253 -16.26 25.53 17.46
C GLU D 253 -17.33 25.36 16.37
N SER D 254 -16.99 24.57 15.35
CA SER D 254 -17.92 24.31 14.24
C SER D 254 -19.22 23.68 14.73
N SER D 255 -19.12 22.82 15.74
CA SER D 255 -20.29 22.13 16.27
C SER D 255 -21.26 23.01 17.08
N LEU D 256 -20.85 24.23 17.38
CA LEU D 256 -21.70 25.15 18.14
C LEU D 256 -22.41 26.14 17.21
N LEU D 257 -22.06 26.11 15.93
CA LEU D 257 -22.64 27.05 14.97
C LEU D 257 -23.83 26.59 14.14
N LYS D 258 -24.57 27.58 13.63
CA LYS D 258 -25.72 27.31 12.77
C LYS D 258 -25.18 27.32 11.35
N GLY D 259 -25.88 26.69 10.42
CA GLY D 259 -25.42 26.68 9.05
C GLY D 259 -25.10 28.09 8.59
N SER D 260 -26.07 28.99 8.74
CA SER D 260 -25.93 30.38 8.36
C SER D 260 -24.67 31.05 8.95
N GLU D 261 -24.27 30.62 10.14
CA GLU D 261 -23.08 31.20 10.78
C GLU D 261 -21.78 30.63 10.27
N TYR D 262 -21.79 29.35 9.92
CA TYR D 262 -20.60 28.65 9.48
C TYR D 262 -20.22 28.69 8.00
N ASN D 263 -21.15 28.36 7.13
CA ASN D 263 -20.89 28.32 5.70
C ASN D 263 -20.05 29.48 5.16
N ASP D 264 -19.00 29.14 4.42
CA ASP D 264 -18.12 30.14 3.83
C ASP D 264 -18.70 30.60 2.50
N LEU D 265 -19.10 31.87 2.44
CA LEU D 265 -19.68 32.43 1.23
C LEU D 265 -18.61 32.79 0.20
N MET D 266 -19.04 33.08 -1.02
CA MET D 266 -18.11 33.45 -2.08
C MET D 266 -18.62 34.64 -2.90
N ASP D 267 -17.68 35.38 -3.47
CA ASP D 267 -18.01 36.51 -4.34
C ASP D 267 -16.94 36.53 -5.44
N GLN D 268 -17.01 37.53 -6.33
CA GLN D 268 -16.06 37.63 -7.43
C GLN D 268 -14.60 37.38 -7.04
N LYS D 269 -14.21 37.84 -5.86
CA LYS D 269 -12.83 37.69 -5.41
C LYS D 269 -12.49 36.41 -4.66
N GLY D 270 -13.43 35.47 -4.60
CA GLY D 270 -13.17 34.22 -3.90
C GLY D 270 -13.95 34.05 -2.61
N PHE D 271 -13.44 33.22 -1.71
CA PHE D 271 -14.10 32.97 -0.42
C PHE D 271 -14.10 34.19 0.49
N LEU D 272 -15.24 34.44 1.13
CA LEU D 272 -15.40 35.56 2.04
C LEU D 272 -14.96 35.26 3.47
N SER D 273 -14.84 33.98 3.80
CA SER D 273 -14.40 33.55 5.12
C SER D 273 -13.76 32.18 4.98
N ASN D 274 -13.12 31.69 6.04
CA ASN D 274 -12.44 30.40 5.94
C ASN D 274 -12.63 29.51 7.18
N ARG D 275 -13.88 29.27 7.56
CA ARG D 275 -14.13 28.39 8.69
C ARG D 275 -13.78 26.94 8.33
N SER D 276 -13.78 26.63 7.03
CA SER D 276 -13.43 25.29 6.56
C SER D 276 -11.95 24.98 6.82
N GLY D 277 -11.15 26.00 7.09
CA GLY D 277 -9.74 25.78 7.34
C GLY D 277 -8.97 25.39 6.09
N GLY D 278 -9.47 25.81 4.92
CA GLY D 278 -8.78 25.50 3.67
C GLY D 278 -8.99 24.11 3.08
N VAL D 279 -9.83 23.32 3.74
CA VAL D 279 -10.11 21.96 3.28
C VAL D 279 -11.62 21.83 3.16
N LEU D 280 -12.10 21.67 1.93
CA LEU D 280 -13.53 21.56 1.68
C LEU D 280 -13.86 20.28 0.91
N GLY D 281 -14.74 19.46 1.47
CA GLY D 281 -15.10 18.22 0.79
C GLY D 281 -13.94 17.24 0.75
N GLY D 282 -12.93 17.48 1.58
CA GLY D 282 -11.79 16.59 1.62
C GLY D 282 -10.62 17.04 0.75
N MET D 283 -10.78 18.16 0.07
CA MET D 283 -9.76 18.70 -0.83
C MET D 283 -9.47 20.18 -0.52
N SER D 284 -8.25 20.62 -0.77
CA SER D 284 -7.92 22.02 -0.51
C SER D 284 -8.81 22.90 -1.38
N ASN D 285 -9.27 24.02 -0.83
CA ASN D 285 -10.13 24.93 -1.58
C ASN D 285 -9.39 26.20 -2.02
N GLY D 286 -8.09 26.25 -1.74
CA GLY D 286 -7.30 27.40 -2.14
C GLY D 286 -6.88 28.27 -0.98
N GLU D 287 -7.76 28.39 0.02
CA GLU D 287 -7.50 29.20 1.20
C GLU D 287 -6.37 28.61 2.04
N GLU D 288 -6.01 29.30 3.12
CA GLU D 288 -4.95 28.80 4.01
C GLU D 288 -5.46 27.56 4.71
N ILE D 289 -4.58 26.57 4.89
CA ILE D 289 -4.93 25.35 5.59
C ILE D 289 -4.63 25.59 7.06
N ILE D 290 -5.67 25.50 7.90
CA ILE D 290 -5.56 25.74 9.33
C ILE D 290 -5.74 24.47 10.17
N VAL D 291 -4.71 24.14 10.94
CA VAL D 291 -4.75 22.95 11.79
C VAL D 291 -4.41 23.29 13.24
N ARG D 292 -5.18 22.74 14.19
CA ARG D 292 -4.90 22.95 15.60
C ARG D 292 -4.66 21.57 16.20
N VAL D 293 -3.54 21.43 16.91
CA VAL D 293 -3.16 20.16 17.53
C VAL D 293 -3.06 20.34 19.03
N HIS D 294 -3.81 19.55 19.79
CA HIS D 294 -3.80 19.63 21.25
C HIS D 294 -2.91 18.57 21.88
N PHE D 295 -1.98 19.04 22.72
CA PHE D 295 -1.05 18.14 23.40
C PHE D 295 -1.40 17.98 24.87
N LYS D 296 -1.30 16.75 25.37
CA LYS D 296 -1.53 16.50 26.78
C LYS D 296 -0.23 16.99 27.45
N PRO D 297 -0.25 17.23 28.77
CA PRO D 297 0.98 17.68 29.42
C PRO D 297 2.05 16.59 29.31
N THR D 298 3.33 16.98 29.37
CA THR D 298 4.43 16.03 29.28
C THR D 298 4.25 14.88 30.28
N PRO D 299 4.40 13.63 29.82
CA PRO D 299 4.26 12.44 30.67
C PRO D 299 5.24 12.35 31.84
N SER D 300 6.51 12.59 31.57
CA SER D 300 7.54 12.51 32.63
C SER D 300 7.54 13.70 33.58
N ILE D 301 7.22 13.43 34.85
CA ILE D 301 7.22 14.46 35.89
C ILE D 301 7.95 13.91 37.12
N PHE D 302 8.73 14.77 37.77
CA PHE D 302 9.50 14.39 38.95
C PHE D 302 8.59 14.36 40.18
N GLN D 303 7.65 13.43 40.18
CA GLN D 303 6.69 13.26 41.27
C GLN D 303 6.36 11.79 41.46
N PRO D 304 5.93 11.40 42.67
CA PRO D 304 5.59 10.00 42.95
C PRO D 304 4.30 9.56 42.26
N GLN D 305 4.38 8.50 41.46
CA GLN D 305 3.17 8.02 40.79
C GLN D 305 3.01 6.53 41.03
N ARG D 306 1.80 6.13 41.40
CA ARG D 306 1.52 4.73 41.63
C ARG D 306 1.32 4.01 40.30
N THR D 307 1.97 2.86 40.15
CA THR D 307 1.88 2.07 38.94
C THR D 307 2.26 0.64 39.30
N ILE D 308 2.62 -0.16 38.32
CA ILE D 308 3.04 -1.54 38.55
C ILE D 308 4.26 -1.82 37.69
N ASP D 309 5.01 -2.87 38.00
CA ASP D 309 6.18 -3.19 37.19
C ASP D 309 5.76 -4.20 36.12
N ILE D 310 6.69 -4.58 35.24
CA ILE D 310 6.37 -5.51 34.16
C ILE D 310 5.77 -6.84 34.60
N ASN D 311 5.88 -7.17 35.87
CA ASN D 311 5.34 -8.42 36.37
C ASN D 311 3.97 -8.29 37.06
N GLY D 312 3.53 -7.07 37.29
CA GLY D 312 2.25 -6.89 37.95
C GLY D 312 2.34 -6.40 39.39
N ASN D 313 3.56 -6.31 39.91
CA ASN D 313 3.74 -5.85 41.28
C ASN D 313 3.62 -4.34 41.34
N GLU D 314 2.75 -3.86 42.23
CA GLU D 314 2.55 -2.43 42.39
C GLU D 314 3.77 -1.78 43.03
N CYS D 315 4.16 -0.63 42.50
CA CYS D 315 5.31 0.09 43.01
C CYS D 315 5.18 1.58 42.75
N GLU D 316 6.21 2.32 43.14
CA GLU D 316 6.22 3.75 42.96
C GLU D 316 7.16 4.18 41.82
N CYS D 317 6.63 4.98 40.90
CA CYS D 317 7.43 5.49 39.79
C CYS D 317 7.84 6.91 40.17
N LEU D 318 9.15 7.13 40.31
CA LEU D 318 9.66 8.46 40.66
C LEU D 318 10.77 8.79 39.68
N LEU D 319 10.46 9.61 38.68
CA LEU D 319 11.42 9.98 37.66
C LEU D 319 12.22 11.23 38.02
N LYS D 320 13.44 11.01 38.48
CA LYS D 320 14.34 12.09 38.89
C LYS D 320 14.90 12.93 37.75
N GLY D 321 15.30 14.15 38.08
CA GLY D 321 15.87 15.06 37.09
C GLY D 321 14.89 16.03 36.47
N ARG D 322 15.35 16.74 35.44
CA ARG D 322 14.51 17.70 34.73
C ARG D 322 13.86 17.02 33.53
N HIS D 323 12.67 17.48 33.17
CA HIS D 323 11.92 16.93 32.05
C HIS D 323 11.35 18.09 31.24
N ASP D 324 10.98 17.83 29.99
CA ASP D 324 10.39 18.88 29.17
C ASP D 324 9.09 19.27 29.87
N PRO D 325 8.97 20.52 30.34
CA PRO D 325 7.75 20.92 31.03
C PRO D 325 6.51 21.06 30.13
N CYS D 326 6.73 21.09 28.80
CA CYS D 326 5.61 21.23 27.87
C CYS D 326 5.98 20.79 26.45
N ILE D 327 5.78 19.51 26.15
CA ILE D 327 6.13 18.97 24.84
C ILE D 327 5.45 19.65 23.66
N ALA D 328 4.35 20.35 23.91
CA ALA D 328 3.64 21.05 22.83
C ALA D 328 4.58 22.02 22.10
N ILE D 329 5.51 22.62 22.84
CA ILE D 329 6.44 23.57 22.24
C ILE D 329 7.25 22.93 21.12
N ARG D 330 7.97 21.86 21.44
CA ARG D 330 8.75 21.19 20.42
C ARG D 330 7.83 20.48 19.43
N GLY D 331 6.68 20.01 19.93
CA GLY D 331 5.75 19.31 19.07
C GLY D 331 5.27 20.13 17.89
N SER D 332 5.16 21.45 18.09
CA SER D 332 4.70 22.34 17.04
C SER D 332 5.56 22.24 15.79
N VAL D 333 6.87 22.15 15.97
CA VAL D 333 7.79 22.04 14.86
C VAL D 333 7.57 20.74 14.10
N VAL D 334 7.38 19.65 14.84
CA VAL D 334 7.16 18.35 14.23
C VAL D 334 5.86 18.34 13.42
N CYS D 335 4.81 18.95 13.96
CA CYS D 335 3.53 19.02 13.26
C CYS D 335 3.72 19.74 11.94
N GLU D 336 4.51 20.81 11.98
CA GLU D 336 4.81 21.63 10.81
C GLU D 336 5.45 20.74 9.75
N SER D 337 6.40 19.92 10.19
CA SER D 337 7.10 19.00 9.32
C SER D 337 6.14 17.96 8.73
N LEU D 338 5.22 17.48 9.56
CA LEU D 338 4.26 16.48 9.11
C LEU D 338 3.26 17.06 8.12
N LEU D 339 2.93 18.34 8.27
CA LEU D 339 1.99 18.96 7.34
C LEU D 339 2.71 19.06 5.99
N ALA D 340 3.99 19.42 6.03
CA ALA D 340 4.78 19.55 4.81
C ALA D 340 4.84 18.19 4.10
N LEU D 341 5.10 17.14 4.86
CA LEU D 341 5.18 15.81 4.28
C LEU D 341 3.83 15.38 3.67
N VAL D 342 2.73 15.63 4.38
CA VAL D 342 1.41 15.24 3.87
C VAL D 342 1.01 16.07 2.65
N LEU D 343 1.32 17.36 2.68
CA LEU D 343 0.97 18.25 1.58
C LEU D 343 1.78 17.91 0.32
N ALA D 344 3.07 17.66 0.50
CA ALA D 344 3.98 17.31 -0.59
C ALA D 344 3.55 16.00 -1.24
N ASP D 345 3.17 15.04 -0.42
CA ASP D 345 2.69 13.75 -0.92
C ASP D 345 1.46 14.03 -1.80
N MET D 346 0.53 14.84 -1.29
CA MET D 346 -0.70 15.19 -2.02
C MET D 346 -0.44 15.94 -3.34
N VAL D 347 0.57 16.80 -3.32
CA VAL D 347 0.94 17.55 -4.51
C VAL D 347 1.31 16.57 -5.61
N LEU D 348 2.00 15.50 -5.23
CA LEU D 348 2.43 14.48 -6.18
C LEU D 348 1.29 13.58 -6.68
N LEU D 349 0.40 13.21 -5.77
CA LEU D 349 -0.73 12.35 -6.12
C LEU D 349 -1.73 13.04 -7.04
N ASN D 350 -1.81 14.36 -6.94
CA ASN D 350 -2.75 15.13 -7.74
C ASN D 350 -2.34 15.26 -9.21
N LEU D 351 -1.09 14.89 -9.52
CA LEU D 351 -0.59 14.96 -10.88
C LEU D 351 -1.36 14.06 -11.85
N THR D 352 -2.08 13.07 -11.32
CA THR D 352 -2.85 12.13 -12.13
C THR D 352 -4.30 12.50 -12.37
N SER D 353 -4.77 13.56 -11.71
CA SER D 353 -6.16 13.97 -11.79
C SER D 353 -6.79 14.24 -13.15
N LYS D 354 -6.09 14.99 -14.00
CA LYS D 354 -6.63 15.35 -15.33
C LYS D 354 -5.80 14.80 -16.48
N ILE D 355 -6.49 14.25 -17.49
CA ILE D 355 -5.78 13.69 -18.64
C ILE D 355 -4.90 14.75 -19.29
N GLU D 356 -5.33 16.01 -19.23
CA GLU D 356 -4.54 17.07 -19.82
C GLU D 356 -3.14 17.14 -19.23
N TYR D 357 -2.99 16.68 -17.99
CA TYR D 357 -1.67 16.69 -17.35
C TYR D 357 -0.79 15.65 -18.04
N LEU D 358 -1.37 14.47 -18.32
CA LEU D 358 -0.60 13.42 -18.98
C LEU D 358 -0.13 13.87 -20.36
N LYS D 359 -1.05 14.45 -21.13
CA LYS D 359 -0.74 14.92 -22.48
C LYS D 359 0.38 15.94 -22.49
N THR D 360 0.35 16.88 -21.55
CA THR D 360 1.38 17.90 -21.49
C THR D 360 2.77 17.32 -21.22
N ILE D 361 2.85 16.36 -20.32
CA ILE D 361 4.15 15.78 -19.99
C ILE D 361 4.63 14.72 -20.99
N TYR D 362 3.71 14.01 -21.63
CA TYR D 362 4.08 12.98 -22.60
C TYR D 362 3.98 13.35 -24.07
N ASN D 363 3.00 14.18 -24.44
CA ASN D 363 2.83 14.57 -25.83
C ASN D 363 3.56 15.85 -26.18
N GLU D 364 3.52 16.83 -25.30
CA GLU D 364 4.22 18.09 -25.54
C GLU D 364 5.67 17.85 -25.15
N ASN D 365 6.02 16.58 -25.01
CA ASN D 365 7.37 16.15 -24.64
C ASN D 365 8.12 15.73 -25.90
#